data_4XZV
#
_entry.id   4XZV
#
_cell.length_a   79.620
_cell.length_b   80.680
_cell.length_c   98.020
_cell.angle_alpha   87.25
_cell.angle_beta   85.62
_cell.angle_gamma   89.92
#
_symmetry.space_group_name_H-M   'P 1'
#
loop_
_entity.id
_entity.type
_entity.pdbx_description
1 polymer 'Maltose-binding periplasmic protein,TP53-regulated inhibitor of apoptosis 1'
2 polymer 'Protein slowmo homolog 1'
3 branched alpha-D-glucopyranose-(1-4)-alpha-D-glucopyranose
#
loop_
_entity_poly.entity_id
_entity_poly.type
_entity_poly.pdbx_seq_one_letter_code
_entity_poly.pdbx_strand_id
1 'polypeptide(L)'
;MKIEEGKLVIWINGDKGYNGLAEVGKKFEKDTGIKVTVEHPDKLEEKFPQVAATGDGPDIIFWAHDRFGGYAQSGLLAEI
TPAAAFQDKLYPFTWDAVRYNGKLIAYPIAVEALSLIYNKDLLPNPPKTWEEIPALDKELKAKGKSALMFNLQEPYFTWP
LIAADGGYAFKYAAGKYDIKDVGVDNAGAKAGLTFLVDLIKNKHMNADTDYSIAEAAFNKGETAMTINGPWAWSNIDTSA
VNYGVTVLPTFKGQPSKPFVGVLSAGINAASPNKELAKEFLENYLLTDEGLEAVNKDKPLGAVALKSYEEELAKDPRIAA
TMENAQKGEIMPNIPQMSAFWYAVRTAVINAASGRQTVDAALAAAQTNAAANSVGEACTDMKREYDQCFNRWFAEKFLKG
DSSGDPCTDLFKRYQQCVQKAIKEKEIPIEGLEFMGHGKEKPENSS
;
A,C,E,G
2 'polypeptide(L)'
;MAHHHHHHVDDDDKMKIWSSEHVFGHPWDTVIQAAMRKYPNPMNPSVLGVDVLQRRVDGRGRLHSLRLLSTEWGLPSLVR
AILGTSRTLTYIREHSVVDPVEKKMELCSTNITLTNLVSVNERLVYTPHPENPEMTVLTQEAIITVKGISLGSYLESLMA
NTISSNAKKGWAAIEWIIEHSESAVS
;
B,D,F,H
#
# COMPACT_ATOMS: atom_id res chain seq x y z
N LYS A 2 -5.22 -38.19 8.45
CA LYS A 2 -5.08 -36.73 8.66
C LYS A 2 -3.99 -36.14 7.75
N ILE A 3 -4.07 -34.83 7.48
CA ILE A 3 -3.04 -34.14 6.71
C ILE A 3 -1.70 -34.16 7.45
N GLU A 4 -0.59 -34.30 6.72
CA GLU A 4 0.73 -34.43 7.36
C GLU A 4 1.39 -33.07 7.64
N GLU A 5 1.84 -32.93 8.88
CA GLU A 5 2.50 -31.73 9.39
C GLU A 5 3.96 -31.69 8.94
N GLY A 6 4.46 -30.51 8.63
CA GLY A 6 5.85 -30.27 8.23
C GLY A 6 6.20 -30.51 6.78
N LYS A 7 5.20 -30.46 5.91
CA LYS A 7 5.35 -30.92 4.53
C LYS A 7 4.26 -30.23 3.72
N LEU A 8 4.43 -30.05 2.42
CA LEU A 8 3.35 -29.50 1.60
C LEU A 8 2.88 -30.47 0.51
N VAL A 9 1.58 -30.69 0.42
CA VAL A 9 1.01 -31.50 -0.65
C VAL A 9 0.09 -30.64 -1.45
N ILE A 10 0.33 -30.52 -2.75
CA ILE A 10 -0.41 -29.64 -3.62
C ILE A 10 -1.12 -30.43 -4.73
N TRP A 11 -2.37 -30.08 -4.96
CA TRP A 11 -3.14 -30.72 -6.03
C TRP A 11 -3.41 -29.69 -7.11
N ILE A 12 -3.19 -30.05 -8.36
CA ILE A 12 -3.53 -29.18 -9.48
C ILE A 12 -4.02 -30.04 -10.65
N ASN A 13 -4.88 -29.48 -11.49
CA ASN A 13 -5.45 -30.28 -12.56
C ASN A 13 -4.39 -30.81 -13.56
N GLY A 14 -4.67 -31.98 -14.10
CA GLY A 14 -3.73 -32.67 -14.96
C GLY A 14 -3.38 -32.02 -16.27
N ASP A 15 -4.15 -31.02 -16.67
CA ASP A 15 -3.83 -30.31 -17.90
C ASP A 15 -2.85 -29.15 -17.68
N LYS A 16 -2.49 -28.90 -16.41
CA LYS A 16 -1.65 -27.74 -16.08
C LYS A 16 -0.19 -28.12 -15.94
N GLY A 17 0.62 -27.10 -15.70
CA GLY A 17 2.04 -27.29 -15.55
C GLY A 17 2.47 -27.84 -14.21
N TYR A 18 2.03 -29.06 -13.91
CA TYR A 18 2.33 -29.66 -12.63
C TYR A 18 3.80 -30.07 -12.48
N ASN A 19 4.46 -30.39 -13.59
CA ASN A 19 5.91 -30.61 -13.54
C ASN A 19 6.67 -29.33 -13.22
N GLY A 20 6.20 -28.22 -13.77
CA GLY A 20 6.81 -26.92 -13.51
C GLY A 20 6.56 -26.49 -12.09
N LEU A 21 5.34 -26.76 -11.61
CA LEU A 21 5.03 -26.49 -10.20
C LEU A 21 5.92 -27.29 -9.26
N ALA A 22 6.19 -28.53 -9.64
CA ALA A 22 7.08 -29.35 -8.84
C ALA A 22 8.53 -28.81 -8.78
N GLU A 23 8.94 -28.07 -9.82
CA GLU A 23 10.23 -27.35 -9.80
C GLU A 23 10.24 -26.23 -8.77
N VAL A 24 9.15 -25.49 -8.73
CA VAL A 24 8.97 -24.46 -7.71
C VAL A 24 9.00 -25.14 -6.35
N GLY A 25 8.34 -26.29 -6.25
CA GLY A 25 8.39 -27.08 -5.02
C GLY A 25 9.78 -27.49 -4.60
N LYS A 26 10.59 -27.95 -5.56
CA LYS A 26 12.00 -28.27 -5.29
C LYS A 26 12.76 -27.06 -4.73
N LYS A 27 12.49 -25.88 -5.30
CA LYS A 27 13.14 -24.65 -4.83
C LYS A 27 12.75 -24.34 -3.38
N PHE A 28 11.46 -24.47 -3.09
CA PHE A 28 11.00 -24.35 -1.71
C PHE A 28 11.71 -25.34 -0.80
N GLU A 29 11.75 -26.60 -1.25
CA GLU A 29 12.41 -27.64 -0.44
C GLU A 29 13.91 -27.36 -0.25
N LYS A 30 14.56 -26.83 -1.27
CA LYS A 30 15.97 -26.51 -1.21
C LYS A 30 16.25 -25.43 -0.19
N ASP A 31 15.41 -24.41 -0.16
CA ASP A 31 15.60 -23.30 0.77
C ASP A 31 15.26 -23.62 2.21
N THR A 32 14.25 -24.47 2.41
CA THR A 32 13.64 -24.65 3.74
C THR A 32 13.68 -26.05 4.33
N GLY A 33 14.07 -27.02 3.52
CA GLY A 33 14.05 -28.42 3.92
C GLY A 33 12.67 -29.01 3.98
N ILE A 34 11.65 -28.27 3.55
CA ILE A 34 10.29 -28.71 3.63
C ILE A 34 9.88 -29.32 2.29
N LYS A 35 9.61 -30.61 2.31
CA LYS A 35 9.20 -31.34 1.11
C LYS A 35 7.88 -30.84 0.50
N VAL A 36 7.86 -30.71 -0.83
CA VAL A 36 6.65 -30.29 -1.56
C VAL A 36 6.29 -31.32 -2.61
N THR A 37 5.09 -31.87 -2.51
CA THR A 37 4.64 -32.93 -3.39
C THR A 37 3.47 -32.47 -4.22
N VAL A 38 3.57 -32.54 -5.55
CA VAL A 38 2.53 -32.03 -6.42
C VAL A 38 1.85 -33.16 -7.16
N GLU A 39 0.55 -33.30 -6.98
CA GLU A 39 -0.20 -34.39 -7.60
C GLU A 39 -1.33 -33.85 -8.46
N HIS A 40 -1.80 -34.69 -9.38
CA HIS A 40 -2.89 -34.31 -10.30
C HIS A 40 -3.96 -35.41 -10.37
N PRO A 41 -4.76 -35.51 -9.28
CA PRO A 41 -5.70 -36.59 -9.15
C PRO A 41 -6.78 -36.50 -10.18
N ASP A 42 -7.34 -37.66 -10.56
CA ASP A 42 -8.46 -37.67 -11.52
C ASP A 42 -9.68 -37.07 -10.83
N LYS A 43 -10.46 -36.34 -11.60
CA LYS A 43 -11.65 -35.63 -11.09
C LYS A 43 -11.28 -34.81 -9.86
N LEU A 44 -10.21 -33.99 -9.88
CA LEU A 44 -9.77 -33.40 -8.60
C LEU A 44 -10.78 -32.41 -8.02
N GLU A 45 -11.57 -31.82 -8.92
CA GLU A 45 -12.62 -30.88 -8.47
C GLU A 45 -13.73 -31.55 -7.70
N GLU A 46 -13.92 -32.84 -7.95
CA GLU A 46 -14.84 -33.65 -7.22
C GLU A 46 -14.17 -34.31 -6.01
N LYS A 47 -12.89 -34.69 -6.13
CA LYS A 47 -12.17 -35.32 -5.03
C LYS A 47 -11.87 -34.39 -3.91
N PHE A 48 -11.55 -33.15 -4.22
CA PHE A 48 -11.18 -32.28 -3.13
C PHE A 48 -12.29 -32.16 -2.06
N PRO A 49 -13.54 -31.87 -2.48
CA PRO A 49 -14.58 -31.78 -1.46
C PRO A 49 -14.77 -33.08 -0.68
N GLN A 50 -14.53 -34.21 -1.33
CA GLN A 50 -14.74 -35.51 -0.70
C GLN A 50 -13.77 -35.71 0.45
N VAL A 51 -12.49 -35.55 0.15
CA VAL A 51 -11.48 -35.74 1.16
C VAL A 51 -11.49 -34.59 2.20
N ALA A 52 -11.57 -33.35 1.72
CA ALA A 52 -11.47 -32.20 2.63
C ALA A 52 -12.57 -32.16 3.67
N ALA A 53 -13.75 -32.65 3.28
CA ALA A 53 -14.87 -32.80 4.20
C ALA A 53 -14.52 -33.66 5.41
N THR A 54 -13.60 -34.60 5.26
CA THR A 54 -13.17 -35.39 6.39
C THR A 54 -11.92 -34.83 7.06
N GLY A 55 -11.50 -33.62 6.67
CA GLY A 55 -10.22 -33.07 7.19
C GLY A 55 -8.97 -33.69 6.53
N ASP A 56 -9.15 -34.34 5.39
CA ASP A 56 -8.06 -34.97 4.70
C ASP A 56 -7.76 -34.16 3.47
N GLY A 57 -6.89 -34.68 2.59
CA GLY A 57 -6.61 -34.01 1.32
C GLY A 57 -5.32 -33.20 1.30
N PRO A 58 -5.12 -32.40 0.24
CA PRO A 58 -3.88 -31.63 0.10
C PRO A 58 -3.85 -30.43 1.01
N ASP A 59 -2.68 -29.85 1.20
CA ASP A 59 -2.55 -28.57 1.89
C ASP A 59 -3.03 -27.42 0.98
N ILE A 60 -2.73 -27.51 -0.29
CA ILE A 60 -3.07 -26.47 -1.25
C ILE A 60 -3.78 -27.10 -2.44
N ILE A 61 -4.82 -26.41 -2.89
CA ILE A 61 -5.54 -26.89 -4.07
C ILE A 61 -5.64 -25.82 -5.14
N PHE A 62 -5.31 -26.22 -6.37
CA PHE A 62 -5.52 -25.37 -7.54
C PHE A 62 -6.76 -25.80 -8.31
N TRP A 63 -7.65 -24.86 -8.54
CA TRP A 63 -8.71 -25.02 -9.51
C TRP A 63 -9.10 -23.63 -10.02
N ALA A 64 -9.91 -23.56 -11.06
CA ALA A 64 -10.49 -22.30 -11.42
C ALA A 64 -11.35 -21.77 -10.26
N HIS A 65 -11.46 -20.45 -10.12
CA HIS A 65 -12.20 -19.83 -8.98
C HIS A 65 -13.70 -20.15 -8.85
N ASP A 66 -14.34 -20.66 -9.91
CA ASP A 66 -15.80 -20.87 -9.88
C ASP A 66 -16.22 -21.90 -8.83
N ARG A 67 -15.32 -22.85 -8.54
CA ARG A 67 -15.64 -23.90 -7.60
C ARG A 67 -15.31 -23.53 -6.19
N PHE A 68 -14.62 -22.40 -6.01
CA PHE A 68 -14.12 -22.05 -4.69
C PHE A 68 -15.18 -21.54 -3.73
N GLY A 69 -16.19 -20.85 -4.21
CA GLY A 69 -17.24 -20.37 -3.31
C GLY A 69 -17.96 -21.55 -2.68
N GLY A 70 -18.25 -22.57 -3.50
CA GLY A 70 -18.78 -23.86 -3.02
C GLY A 70 -17.89 -24.44 -1.92
N TYR A 71 -16.58 -24.48 -2.17
CA TYR A 71 -15.67 -25.09 -1.21
C TYR A 71 -15.56 -24.27 0.07
N ALA A 72 -15.59 -22.95 -0.06
CA ALA A 72 -15.47 -22.04 1.08
C ALA A 72 -16.71 -22.14 1.90
N GLN A 73 -17.88 -22.12 1.25
CA GLN A 73 -19.15 -22.23 1.95
C GLN A 73 -19.25 -23.52 2.75
N SER A 74 -18.66 -24.60 2.25
CA SER A 74 -18.63 -25.87 3.01
C SER A 74 -17.48 -25.93 4.02
N GLY A 75 -16.74 -24.84 4.13
CA GLY A 75 -15.67 -24.68 5.11
C GLY A 75 -14.43 -25.44 4.79
N LEU A 76 -14.18 -25.69 3.50
CA LEU A 76 -13.01 -26.49 3.12
C LEU A 76 -11.73 -25.65 2.92
N LEU A 77 -11.89 -24.32 2.91
CA LEU A 77 -10.78 -23.40 2.58
C LEU A 77 -10.52 -22.40 3.67
N ALA A 78 -9.25 -22.11 3.89
CA ALA A 78 -8.84 -21.16 4.93
C ALA A 78 -9.01 -19.80 4.37
N GLU A 79 -9.36 -18.83 5.22
CA GLU A 79 -9.33 -17.43 4.82
C GLU A 79 -7.87 -17.09 4.64
N ILE A 80 -7.55 -16.34 3.61
CA ILE A 80 -6.14 -15.96 3.44
C ILE A 80 -5.97 -14.49 3.69
N THR A 81 -4.76 -14.10 4.06
CA THR A 81 -4.54 -12.78 4.64
C THR A 81 -3.27 -12.11 4.15
N PRO A 82 -3.16 -11.88 2.84
CA PRO A 82 -1.99 -11.18 2.33
C PRO A 82 -1.94 -9.75 2.85
N ALA A 83 -0.74 -9.24 3.10
CA ALA A 83 -0.57 -7.85 3.49
C ALA A 83 -0.96 -6.95 2.32
N ALA A 84 -1.28 -5.70 2.64
CA ALA A 84 -1.58 -4.69 1.62
C ALA A 84 -0.50 -4.67 0.55
N ALA A 85 0.74 -4.73 1.04
CA ALA A 85 1.94 -4.86 0.25
C ALA A 85 1.80 -5.94 -0.82
N PHE A 86 1.37 -7.12 -0.40
CA PHE A 86 1.31 -8.22 -1.34
C PHE A 86 0.14 -8.11 -2.29
N GLN A 87 -0.99 -7.62 -1.79
CA GLN A 87 -2.16 -7.46 -2.64
C GLN A 87 -1.93 -6.52 -3.82
N ASP A 88 -1.17 -5.46 -3.56
CA ASP A 88 -0.79 -4.51 -4.61
C ASP A 88 0.04 -5.16 -5.72
N LYS A 89 0.58 -6.37 -5.50
CA LYS A 89 1.39 -7.01 -6.54
C LYS A 89 0.54 -7.69 -7.62
N LEU A 90 -0.72 -7.95 -7.30
CA LEU A 90 -1.63 -8.62 -8.24
C LEU A 90 -2.74 -7.68 -8.68
N TYR A 91 -3.29 -7.93 -9.87
CA TYR A 91 -4.37 -7.08 -10.34
C TYR A 91 -5.56 -7.19 -9.41
N PRO A 92 -6.18 -6.04 -9.07
CA PRO A 92 -7.39 -5.99 -8.26
C PRO A 92 -8.46 -6.99 -8.68
N PHE A 93 -8.75 -7.07 -9.98
CA PHE A 93 -9.88 -7.89 -10.42
C PHE A 93 -9.67 -9.33 -10.15
N THR A 94 -8.41 -9.78 -10.12
CA THR A 94 -8.12 -11.18 -9.84
C THR A 94 -8.44 -11.54 -8.39
N TRP A 95 -8.19 -10.60 -7.48
CA TRP A 95 -8.53 -10.78 -6.08
C TRP A 95 -10.03 -10.86 -5.92
N ASP A 96 -10.75 -10.04 -6.67
CA ASP A 96 -12.21 -10.04 -6.63
C ASP A 96 -12.78 -11.43 -6.96
N ALA A 97 -12.16 -12.15 -7.91
CA ALA A 97 -12.59 -13.51 -8.28
C ALA A 97 -12.51 -14.55 -7.14
N VAL A 98 -11.56 -14.34 -6.23
CA VAL A 98 -11.33 -15.28 -5.12
C VAL A 98 -11.78 -14.65 -3.79
N ARG A 99 -12.55 -13.58 -3.87
CA ARG A 99 -13.21 -13.04 -2.70
C ARG A 99 -14.59 -13.69 -2.62
N TYR A 100 -14.95 -14.20 -1.46
CA TYR A 100 -16.27 -14.76 -1.23
C TYR A 100 -16.80 -14.31 0.11
N ASN A 101 -17.93 -13.61 0.10
CA ASN A 101 -18.51 -13.07 1.33
C ASN A 101 -17.53 -12.20 2.06
N GLY A 102 -16.93 -11.27 1.31
CA GLY A 102 -16.03 -10.29 1.89
C GLY A 102 -14.67 -10.81 2.30
N LYS A 103 -14.42 -12.12 2.15
CA LYS A 103 -13.17 -12.73 2.58
C LYS A 103 -12.39 -13.30 1.41
N LEU A 104 -11.07 -13.21 1.47
CA LEU A 104 -10.25 -13.87 0.47
C LEU A 104 -10.12 -15.35 0.79
N ILE A 105 -10.42 -16.20 -0.20
CA ILE A 105 -10.39 -17.66 0.02
C ILE A 105 -9.33 -18.41 -0.79
N ALA A 106 -8.43 -17.65 -1.44
CA ALA A 106 -7.42 -18.21 -2.33
C ALA A 106 -6.53 -17.13 -2.92
N TYR A 107 -5.39 -17.54 -3.45
CA TYR A 107 -4.53 -16.63 -4.21
C TYR A 107 -4.80 -16.80 -5.70
N PRO A 108 -5.09 -15.70 -6.41
CA PRO A 108 -5.24 -15.76 -7.86
C PRO A 108 -3.90 -15.94 -8.55
N ILE A 109 -3.90 -16.81 -9.55
CA ILE A 109 -2.67 -17.18 -10.25
C ILE A 109 -2.67 -16.62 -11.66
N ALA A 110 -3.70 -16.97 -12.42
CA ALA A 110 -3.76 -16.58 -13.82
C ALA A 110 -5.16 -16.55 -14.36
N VAL A 111 -5.34 -15.74 -15.40
CA VAL A 111 -6.59 -15.58 -16.09
C VAL A 111 -6.65 -16.41 -17.36
N GLU A 112 -7.62 -17.33 -17.37
CA GLU A 112 -7.78 -18.33 -18.40
C GLU A 112 -8.96 -17.96 -19.27
N ALA A 113 -8.75 -17.96 -20.58
CA ALA A 113 -9.87 -17.94 -21.48
C ALA A 113 -9.58 -18.78 -22.71
N LEU A 114 -10.64 -19.43 -23.22
CA LEU A 114 -10.56 -20.17 -24.48
C LEU A 114 -10.37 -19.24 -25.67
N SER A 115 -9.62 -19.73 -26.65
CA SER A 115 -9.41 -19.00 -27.90
C SER A 115 -9.59 -19.95 -29.07
N LEU A 116 -9.70 -19.39 -30.28
CA LEU A 116 -9.73 -20.22 -31.47
C LEU A 116 -8.29 -20.51 -31.89
N ILE A 117 -7.92 -21.77 -32.01
CA ILE A 117 -6.57 -22.14 -32.40
C ILE A 117 -6.65 -22.69 -33.81
N TYR A 118 -5.79 -22.17 -34.71
CA TYR A 118 -5.86 -22.57 -36.13
C TYR A 118 -4.49 -22.89 -36.73
N ASN A 119 -4.52 -23.82 -37.69
CA ASN A 119 -3.31 -24.24 -38.41
C ASN A 119 -3.11 -23.32 -39.60
N LYS A 120 -2.07 -22.50 -39.56
CA LYS A 120 -1.82 -21.52 -40.60
C LYS A 120 -1.57 -22.10 -42.00
N ASP A 121 -1.00 -23.30 -42.07
CA ASP A 121 -0.70 -23.91 -43.36
C ASP A 121 -1.97 -24.45 -44.04
N LEU A 122 -2.89 -24.97 -43.25
CA LEU A 122 -4.19 -25.42 -43.77
C LEU A 122 -5.18 -24.26 -43.93
N LEU A 123 -5.04 -23.24 -43.11
CA LEU A 123 -6.06 -22.19 -43.01
C LEU A 123 -5.45 -20.83 -42.65
N PRO A 124 -4.81 -20.18 -43.64
CA PRO A 124 -4.13 -18.91 -43.40
C PRO A 124 -5.07 -17.80 -42.93
N ASN A 125 -6.31 -17.82 -43.42
CA ASN A 125 -7.34 -16.94 -42.91
C ASN A 125 -8.41 -17.67 -42.15
N PRO A 126 -8.32 -17.67 -40.80
CA PRO A 126 -9.35 -18.40 -40.06
C PRO A 126 -10.68 -17.70 -40.17
N PRO A 127 -11.80 -18.43 -40.06
CA PRO A 127 -13.14 -17.85 -40.17
C PRO A 127 -13.44 -16.90 -39.00
N LYS A 128 -14.14 -15.81 -39.31
CA LYS A 128 -14.53 -14.80 -38.33
C LYS A 128 -15.89 -15.12 -37.70
N THR A 129 -16.66 -15.99 -38.37
CA THR A 129 -18.01 -16.37 -37.92
C THR A 129 -18.17 -17.88 -37.84
N TRP A 130 -19.00 -18.35 -36.91
CA TRP A 130 -19.37 -19.76 -36.80
C TRP A 130 -20.06 -20.24 -38.10
N GLU A 131 -20.89 -19.36 -38.64
CA GLU A 131 -21.68 -19.67 -39.81
C GLU A 131 -20.87 -20.06 -41.05
N GLU A 132 -19.63 -19.59 -41.14
CA GLU A 132 -18.71 -20.00 -42.23
C GLU A 132 -18.20 -21.42 -42.09
N ILE A 133 -18.30 -21.99 -40.89
CA ILE A 133 -17.55 -23.22 -40.63
C ILE A 133 -18.08 -24.44 -41.39
N PRO A 134 -19.40 -24.56 -41.57
CA PRO A 134 -19.91 -25.63 -42.43
C PRO A 134 -19.28 -25.68 -43.85
N ALA A 135 -19.31 -24.54 -44.53
CA ALA A 135 -18.73 -24.44 -45.85
C ALA A 135 -17.23 -24.70 -45.82
N LEU A 136 -16.52 -24.16 -44.81
CA LEU A 136 -15.09 -24.49 -44.66
C LEU A 136 -14.85 -25.98 -44.51
N ASP A 137 -15.68 -26.61 -43.68
CA ASP A 137 -15.51 -28.04 -43.38
C ASP A 137 -15.77 -28.85 -44.61
N LYS A 138 -16.84 -28.51 -45.32
CA LYS A 138 -17.18 -29.17 -46.60
C LYS A 138 -15.96 -29.24 -47.55
N GLU A 139 -15.29 -28.08 -47.70
CA GLU A 139 -14.09 -27.97 -48.53
C GLU A 139 -12.92 -28.80 -47.98
N LEU A 140 -12.76 -28.79 -46.67
CA LEU A 140 -11.66 -29.53 -46.05
C LEU A 140 -11.88 -31.04 -46.09
N LYS A 141 -13.13 -31.48 -46.05
CA LYS A 141 -13.43 -32.90 -46.14
C LYS A 141 -13.08 -33.44 -47.52
N ALA A 142 -13.27 -32.64 -48.57
CA ALA A 142 -12.78 -32.99 -49.91
C ALA A 142 -11.27 -33.34 -49.92
N LYS A 143 -10.47 -32.65 -49.08
CA LYS A 143 -9.04 -32.97 -48.90
C LYS A 143 -8.76 -34.09 -47.89
N GLY A 144 -9.80 -34.64 -47.26
CA GLY A 144 -9.64 -35.64 -46.20
C GLY A 144 -9.26 -35.04 -44.86
N LYS A 145 -9.61 -33.78 -44.67
CA LYS A 145 -9.37 -33.06 -43.40
C LYS A 145 -10.70 -32.62 -42.84
N SER A 146 -10.67 -31.86 -41.76
CA SER A 146 -11.86 -31.22 -41.25
C SER A 146 -11.56 -29.82 -40.74
N ALA A 147 -12.63 -29.04 -40.61
CA ALA A 147 -12.52 -27.66 -40.23
C ALA A 147 -12.17 -27.45 -38.77
N LEU A 148 -12.97 -28.10 -37.91
CA LEU A 148 -12.95 -27.82 -36.49
C LEU A 148 -13.26 -29.04 -35.64
N MET A 149 -12.46 -29.21 -34.59
CA MET A 149 -12.71 -30.21 -33.57
C MET A 149 -12.31 -29.65 -32.23
N PHE A 150 -13.20 -29.84 -31.25
CA PHE A 150 -12.93 -29.40 -29.88
C PHE A 150 -13.71 -30.25 -28.91
N ASN A 151 -13.38 -30.13 -27.63
CA ASN A 151 -13.93 -31.02 -26.61
C ASN A 151 -15.40 -30.75 -26.36
N LEU A 152 -16.26 -31.64 -26.82
CA LEU A 152 -17.69 -31.51 -26.59
C LEU A 152 -18.16 -32.06 -25.22
N GLN A 153 -17.30 -32.85 -24.57
CA GLN A 153 -17.67 -33.53 -23.34
C GLN A 153 -17.59 -32.64 -22.10
N GLU A 154 -16.98 -31.45 -22.20
CA GLU A 154 -16.98 -30.47 -21.12
C GLU A 154 -17.74 -29.24 -21.59
N PRO A 155 -18.80 -28.87 -20.86
CA PRO A 155 -19.60 -27.71 -21.27
C PRO A 155 -18.80 -26.38 -21.28
N TYR A 156 -17.67 -26.35 -20.55
CA TYR A 156 -16.69 -25.25 -20.65
C TYR A 156 -16.42 -24.85 -22.09
N PHE A 157 -16.24 -25.84 -22.96
CA PHE A 157 -15.78 -25.60 -24.33
C PHE A 157 -16.91 -25.20 -25.29
N THR A 158 -18.15 -25.59 -25.01
CA THR A 158 -19.28 -25.19 -25.87
C THR A 158 -19.99 -23.96 -25.36
N TRP A 159 -19.83 -23.69 -24.07
CA TRP A 159 -20.47 -22.54 -23.46
C TRP A 159 -20.30 -21.21 -24.24
N PRO A 160 -19.09 -20.93 -24.76
CA PRO A 160 -18.93 -19.67 -25.50
C PRO A 160 -19.94 -19.53 -26.63
N LEU A 161 -20.30 -20.65 -27.27
CA LEU A 161 -21.25 -20.58 -28.39
C LEU A 161 -22.70 -20.41 -27.87
N ILE A 162 -23.02 -21.20 -26.85
CA ILE A 162 -24.33 -21.12 -26.21
C ILE A 162 -24.61 -19.71 -25.69
N ALA A 163 -23.60 -19.07 -25.12
CA ALA A 163 -23.76 -17.75 -24.50
C ALA A 163 -23.76 -16.57 -25.48
N ALA A 164 -23.15 -16.76 -26.65
CA ALA A 164 -22.97 -15.67 -27.63
C ALA A 164 -24.24 -14.91 -27.94
N ASP A 165 -25.37 -15.60 -28.15
CA ASP A 165 -26.61 -14.88 -28.46
C ASP A 165 -27.49 -14.61 -27.24
N GLY A 166 -27.02 -14.98 -26.04
CA GLY A 166 -27.79 -14.60 -24.84
C GLY A 166 -27.97 -15.65 -23.76
N GLY A 167 -27.41 -16.84 -23.97
CA GLY A 167 -27.36 -17.83 -22.91
C GLY A 167 -26.59 -17.28 -21.72
N TYR A 168 -27.02 -17.63 -20.53
CA TYR A 168 -26.27 -17.29 -19.35
C TYR A 168 -26.34 -18.37 -18.30
N ALA A 169 -25.79 -18.10 -17.14
CA ALA A 169 -25.88 -19.03 -16.04
C ALA A 169 -26.87 -18.36 -15.11
N PHE A 170 -26.41 -17.42 -14.31
CA PHE A 170 -27.26 -16.78 -13.33
C PHE A 170 -27.38 -15.31 -13.62
N LYS A 171 -28.55 -14.75 -13.42
CA LYS A 171 -28.74 -13.33 -13.55
C LYS A 171 -27.93 -12.62 -12.52
N TYR A 172 -27.56 -11.41 -12.89
CA TYR A 172 -26.72 -10.59 -12.08
C TYR A 172 -27.33 -9.20 -12.05
N ALA A 173 -27.47 -8.63 -10.86
CA ALA A 173 -28.14 -7.37 -10.73
C ALA A 173 -27.74 -6.78 -9.40
N ALA A 174 -27.18 -5.57 -9.43
CA ALA A 174 -26.82 -4.86 -8.23
C ALA A 174 -25.92 -5.69 -7.32
N GLY A 175 -24.85 -6.25 -7.87
CA GLY A 175 -23.89 -6.96 -7.04
C GLY A 175 -24.29 -8.36 -6.55
N LYS A 176 -25.45 -8.86 -6.99
CA LYS A 176 -26.02 -10.09 -6.45
C LYS A 176 -26.47 -11.01 -7.60
N TYR A 177 -26.12 -12.30 -7.55
CA TYR A 177 -26.67 -13.28 -8.50
C TYR A 177 -28.03 -13.86 -8.07
N ASP A 178 -28.93 -13.92 -9.03
CA ASP A 178 -30.28 -14.36 -8.80
C ASP A 178 -30.26 -15.81 -9.14
N ILE A 179 -30.29 -16.70 -8.16
CA ILE A 179 -30.19 -18.13 -8.43
C ILE A 179 -31.53 -18.74 -8.85
N LYS A 180 -32.63 -18.00 -8.66
CA LYS A 180 -33.96 -18.47 -9.00
C LYS A 180 -34.17 -18.38 -10.51
N ASP A 181 -33.27 -17.68 -11.18
CA ASP A 181 -33.31 -17.50 -12.62
C ASP A 181 -32.11 -18.12 -13.33
N VAL A 182 -32.31 -19.18 -14.13
CA VAL A 182 -31.19 -19.76 -14.87
C VAL A 182 -31.46 -19.51 -16.34
N GLY A 183 -30.42 -19.06 -17.05
CA GLY A 183 -30.57 -18.54 -18.39
C GLY A 183 -30.14 -19.53 -19.44
N VAL A 184 -30.23 -20.81 -19.09
CA VAL A 184 -29.73 -21.85 -19.91
C VAL A 184 -30.80 -22.36 -20.85
N ASP A 185 -32.05 -21.89 -20.70
CA ASP A 185 -33.15 -22.33 -21.55
C ASP A 185 -33.69 -21.23 -22.49
N ASN A 186 -32.98 -20.12 -22.67
CA ASN A 186 -33.54 -19.04 -23.51
C ASN A 186 -33.27 -19.21 -25.01
N ALA A 187 -33.85 -18.34 -25.82
CA ALA A 187 -33.72 -18.45 -27.27
C ALA A 187 -32.28 -18.34 -27.73
N GLY A 188 -31.51 -17.49 -27.07
CA GLY A 188 -30.08 -17.35 -27.39
C GLY A 188 -29.32 -18.63 -27.11
N ALA A 189 -29.57 -19.22 -25.94
CA ALA A 189 -28.95 -20.49 -25.54
C ALA A 189 -29.38 -21.60 -26.48
N LYS A 190 -30.65 -21.62 -26.83
CA LYS A 190 -31.15 -22.61 -27.79
C LYS A 190 -30.52 -22.44 -29.16
N ALA A 191 -30.46 -21.23 -29.66
CA ALA A 191 -29.82 -20.98 -30.95
C ALA A 191 -28.39 -21.55 -31.03
N GLY A 192 -27.60 -21.19 -30.02
CA GLY A 192 -26.21 -21.65 -29.91
C GLY A 192 -26.04 -23.15 -29.92
N LEU A 193 -26.79 -23.81 -29.06
CA LEU A 193 -26.72 -25.27 -28.99
C LEU A 193 -27.26 -25.89 -30.28
N THR A 194 -28.36 -25.35 -30.81
CA THR A 194 -28.90 -25.79 -32.09
C THR A 194 -27.87 -25.68 -33.21
N PHE A 195 -27.09 -24.60 -33.23
CA PHE A 195 -26.00 -24.54 -34.22
C PHE A 195 -25.03 -25.70 -34.09
N LEU A 196 -24.64 -25.97 -32.84
CA LEU A 196 -23.72 -27.08 -32.57
C LEU A 196 -24.33 -28.41 -32.99
N VAL A 197 -25.59 -28.63 -32.65
CA VAL A 197 -26.27 -29.86 -32.96
C VAL A 197 -26.40 -30.01 -34.48
N ASP A 198 -26.72 -28.92 -35.16
CA ASP A 198 -26.72 -28.92 -36.63
C ASP A 198 -25.34 -29.16 -37.23
N LEU A 199 -24.27 -28.64 -36.63
CA LEU A 199 -22.95 -29.06 -37.12
C LEU A 199 -22.81 -30.60 -37.08
N ILE A 200 -23.32 -31.24 -36.03
CA ILE A 200 -23.23 -32.69 -35.88
C ILE A 200 -24.14 -33.42 -36.84
N LYS A 201 -25.37 -32.92 -37.00
CA LYS A 201 -26.33 -33.52 -37.95
C LYS A 201 -25.81 -33.47 -39.38
N ASN A 202 -25.17 -32.36 -39.76
CA ASN A 202 -24.57 -32.26 -41.09
C ASN A 202 -23.16 -32.82 -41.19
N LYS A 203 -22.76 -33.68 -40.25
CA LYS A 203 -21.47 -34.39 -40.30
C LYS A 203 -20.22 -33.51 -40.27
N HIS A 204 -20.33 -32.30 -39.72
CA HIS A 204 -19.15 -31.44 -39.57
C HIS A 204 -18.41 -31.71 -38.26
N MET A 205 -19.08 -32.40 -37.33
CA MET A 205 -18.49 -32.80 -36.06
C MET A 205 -19.00 -34.14 -35.58
N ASN A 206 -18.19 -34.81 -34.76
CA ASN A 206 -18.63 -35.99 -34.04
C ASN A 206 -19.03 -35.67 -32.61
N ALA A 207 -20.18 -36.24 -32.24
CA ALA A 207 -20.75 -36.07 -30.92
C ALA A 207 -19.84 -36.58 -29.79
N ASP A 208 -18.94 -37.51 -30.06
CA ASP A 208 -18.12 -38.04 -28.97
C ASP A 208 -16.72 -37.45 -28.90
N THR A 209 -16.47 -36.35 -29.64
CA THR A 209 -15.13 -35.75 -29.66
C THR A 209 -14.80 -35.26 -28.26
N ASP A 210 -13.69 -35.69 -27.69
CA ASP A 210 -13.26 -35.25 -26.37
C ASP A 210 -11.94 -34.50 -26.44
N TYR A 211 -11.34 -34.18 -25.29
CA TYR A 211 -10.14 -33.35 -25.27
C TYR A 211 -9.01 -33.98 -26.06
N SER A 212 -8.78 -35.27 -25.81
CA SER A 212 -7.60 -35.91 -26.37
C SER A 212 -7.76 -36.19 -27.85
N ILE A 213 -8.97 -36.52 -28.27
CA ILE A 213 -9.25 -36.71 -29.70
C ILE A 213 -9.06 -35.41 -30.49
N ALA A 214 -9.61 -34.34 -29.94
CA ALA A 214 -9.46 -33.02 -30.56
C ALA A 214 -8.01 -32.59 -30.55
N GLU A 215 -7.30 -32.86 -29.44
CA GLU A 215 -5.86 -32.54 -29.36
C GLU A 215 -5.03 -33.32 -30.37
N ALA A 216 -5.24 -34.63 -30.42
CA ALA A 216 -4.53 -35.48 -31.38
C ALA A 216 -4.87 -35.07 -32.80
N ALA A 217 -6.15 -34.78 -33.07
CA ALA A 217 -6.52 -34.39 -34.45
C ALA A 217 -5.84 -33.09 -34.89
N PHE A 218 -5.77 -32.08 -34.04
CA PHE A 218 -5.13 -30.81 -34.39
C PHE A 218 -3.62 -30.96 -34.55
N ASN A 219 -2.99 -31.60 -33.57
CA ASN A 219 -1.53 -31.65 -33.52
C ASN A 219 -0.93 -32.63 -34.53
N LYS A 220 -1.78 -33.47 -35.10
CA LYS A 220 -1.36 -34.37 -36.19
C LYS A 220 -1.82 -33.83 -37.55
N GLY A 221 -2.33 -32.60 -37.58
CA GLY A 221 -2.69 -31.93 -38.81
C GLY A 221 -3.97 -32.37 -39.50
N GLU A 222 -4.85 -33.04 -38.77
CA GLU A 222 -6.06 -33.62 -39.38
C GLU A 222 -7.22 -32.63 -39.46
N THR A 223 -7.27 -31.73 -38.50
CA THR A 223 -8.29 -30.70 -38.43
C THR A 223 -7.60 -29.33 -38.43
N ALA A 224 -8.25 -28.35 -39.04
CA ALA A 224 -7.64 -27.03 -39.25
C ALA A 224 -7.75 -26.08 -38.08
N MET A 225 -8.74 -26.33 -37.21
CA MET A 225 -8.92 -25.53 -35.99
C MET A 225 -9.33 -26.34 -34.77
N THR A 226 -9.04 -25.82 -33.59
CA THR A 226 -9.57 -26.37 -32.33
C THR A 226 -9.85 -25.20 -31.38
N ILE A 227 -10.52 -25.47 -30.27
CA ILE A 227 -10.78 -24.45 -29.27
C ILE A 227 -10.21 -24.97 -27.96
N ASN A 228 -9.36 -24.16 -27.33
CA ASN A 228 -8.66 -24.56 -26.10
C ASN A 228 -8.04 -23.39 -25.37
N GLY A 229 -7.49 -23.67 -24.19
CA GLY A 229 -6.88 -22.64 -23.35
C GLY A 229 -5.37 -22.65 -23.49
N PRO A 230 -4.72 -21.65 -22.89
CA PRO A 230 -3.26 -21.50 -22.88
C PRO A 230 -2.48 -22.79 -22.59
N TRP A 231 -2.96 -23.56 -21.62
CA TRP A 231 -2.32 -24.81 -21.27
C TRP A 231 -2.06 -25.70 -22.49
N ALA A 232 -2.90 -25.61 -23.53
CA ALA A 232 -2.71 -26.53 -24.65
C ALA A 232 -1.61 -26.19 -25.60
N TRP A 233 -1.19 -24.91 -25.60
CA TRP A 233 -0.17 -24.41 -26.57
C TRP A 233 1.12 -25.23 -26.54
N SER A 234 1.52 -25.61 -25.34
CA SER A 234 2.69 -26.41 -25.10
C SER A 234 2.79 -27.68 -25.96
N ASN A 235 1.72 -28.48 -26.02
CA ASN A 235 1.75 -29.71 -26.82
C ASN A 235 1.73 -29.47 -28.31
N ILE A 236 1.21 -28.31 -28.71
CA ILE A 236 1.22 -27.96 -30.12
C ILE A 236 2.64 -27.53 -30.45
N ASP A 237 3.29 -26.80 -29.53
CA ASP A 237 4.71 -26.43 -29.68
C ASP A 237 5.59 -27.64 -29.98
N THR A 238 5.40 -28.76 -29.27
CA THR A 238 6.19 -29.97 -29.53
C THR A 238 5.72 -30.77 -30.77
N SER A 239 4.56 -30.45 -31.34
CA SER A 239 4.23 -30.99 -32.67
C SER A 239 4.92 -30.13 -33.72
N ALA A 240 4.77 -30.42 -35.00
CA ALA A 240 5.36 -29.51 -36.00
C ALA A 240 4.25 -28.66 -36.63
N VAL A 241 3.18 -28.39 -35.88
CA VAL A 241 2.08 -27.58 -36.42
C VAL A 241 2.38 -26.10 -36.26
N ASN A 242 2.07 -25.34 -37.31
CA ASN A 242 2.25 -23.91 -37.35
C ASN A 242 0.94 -23.25 -36.99
N TYR A 243 0.82 -22.79 -35.75
CA TYR A 243 -0.49 -22.42 -35.22
C TYR A 243 -0.59 -20.97 -34.84
N GLY A 244 -1.82 -20.46 -34.99
CA GLY A 244 -2.16 -19.13 -34.51
C GLY A 244 -3.29 -19.26 -33.51
N VAL A 245 -3.41 -18.27 -32.64
CA VAL A 245 -4.39 -18.27 -31.60
C VAL A 245 -5.14 -16.96 -31.71
N THR A 246 -6.45 -17.02 -31.82
CA THR A 246 -7.20 -15.86 -32.23
C THR A 246 -8.58 -15.76 -31.57
N VAL A 247 -9.26 -14.66 -31.87
CA VAL A 247 -10.59 -14.39 -31.35
C VAL A 247 -11.52 -15.46 -31.89
N LEU A 248 -12.39 -15.95 -31.00
CA LEU A 248 -13.33 -17.00 -31.30
C LEU A 248 -14.28 -16.49 -32.33
N PRO A 249 -14.89 -17.41 -33.08
CA PRO A 249 -15.80 -16.91 -34.12
C PRO A 249 -17.05 -16.23 -33.55
N THR A 250 -17.61 -15.28 -34.29
CA THR A 250 -18.85 -14.63 -33.90
C THR A 250 -20.01 -15.52 -34.27
N PHE A 251 -21.14 -15.35 -33.59
CA PHE A 251 -22.33 -16.15 -33.80
C PHE A 251 -23.51 -15.22 -33.83
N LYS A 252 -24.31 -15.32 -34.88
CA LYS A 252 -25.40 -14.41 -35.07
C LYS A 252 -24.91 -12.97 -34.85
N GLY A 253 -23.71 -12.69 -35.35
CA GLY A 253 -23.15 -11.34 -35.27
C GLY A 253 -22.72 -10.89 -33.90
N GLN A 254 -22.75 -11.80 -32.92
CA GLN A 254 -22.35 -11.51 -31.56
C GLN A 254 -21.05 -12.25 -31.24
N PRO A 255 -20.15 -11.62 -30.50
CA PRO A 255 -18.97 -12.30 -30.00
C PRO A 255 -19.31 -13.59 -29.25
N SER A 256 -18.51 -14.65 -29.42
CA SER A 256 -18.61 -15.82 -28.52
C SER A 256 -18.29 -15.32 -27.14
N LYS A 257 -18.93 -15.88 -26.12
CA LYS A 257 -18.75 -15.39 -24.76
C LYS A 257 -18.23 -16.49 -23.85
N PRO A 258 -16.91 -16.73 -23.87
CA PRO A 258 -16.41 -17.74 -23.04
C PRO A 258 -16.53 -17.40 -21.56
N PHE A 259 -16.64 -18.45 -20.76
CA PHE A 259 -16.60 -18.29 -19.31
C PHE A 259 -15.15 -18.17 -18.96
N VAL A 260 -14.82 -17.11 -18.23
CA VAL A 260 -13.47 -16.79 -17.88
C VAL A 260 -13.17 -17.29 -16.48
N GLY A 261 -12.13 -18.11 -16.33
CA GLY A 261 -11.67 -18.61 -15.03
C GLY A 261 -10.39 -17.94 -14.55
N VAL A 262 -10.29 -17.66 -13.26
CA VAL A 262 -9.03 -17.36 -12.63
C VAL A 262 -8.56 -18.63 -11.96
N LEU A 263 -7.49 -19.23 -12.49
CA LEU A 263 -6.82 -20.33 -11.81
C LEU A 263 -6.39 -19.82 -10.46
N SER A 264 -6.80 -20.51 -9.41
CA SER A 264 -6.62 -20.01 -8.04
C SER A 264 -6.10 -21.08 -7.12
N ALA A 265 -5.37 -20.65 -6.10
CA ALA A 265 -4.75 -21.58 -5.15
C ALA A 265 -5.29 -21.36 -3.75
N GLY A 266 -6.00 -22.38 -3.24
CA GLY A 266 -6.66 -22.32 -1.95
C GLY A 266 -5.90 -23.15 -0.95
N ILE A 267 -5.95 -22.74 0.32
CA ILE A 267 -5.32 -23.51 1.42
C ILE A 267 -6.38 -24.31 2.17
N ASN A 268 -6.16 -25.62 2.34
CA ASN A 268 -7.12 -26.53 2.99
C ASN A 268 -7.34 -26.04 4.39
N ALA A 269 -8.60 -25.77 4.73
CA ALA A 269 -8.90 -25.26 6.07
C ALA A 269 -8.41 -26.21 7.16
N ALA A 270 -8.30 -27.49 6.83
CA ALA A 270 -7.83 -28.48 7.79
C ALA A 270 -6.31 -28.69 7.76
N SER A 271 -5.59 -27.91 6.96
CA SER A 271 -4.15 -28.09 6.88
C SER A 271 -3.49 -27.53 8.15
N PRO A 272 -2.55 -28.30 8.73
CA PRO A 272 -1.71 -27.79 9.81
C PRO A 272 -0.50 -27.00 9.30
N ASN A 273 -0.45 -26.75 7.98
CA ASN A 273 0.71 -26.12 7.34
C ASN A 273 0.33 -24.81 6.65
N LYS A 274 -0.57 -24.08 7.29
CA LYS A 274 -1.12 -22.90 6.70
C LYS A 274 -0.06 -21.82 6.43
N GLU A 275 0.87 -21.65 7.36
CA GLU A 275 1.91 -20.63 7.19
C GLU A 275 2.89 -21.06 6.11
N LEU A 276 3.27 -22.34 6.09
CA LEU A 276 4.12 -22.84 5.00
C LEU A 276 3.44 -22.71 3.64
N ALA A 277 2.14 -22.96 3.59
CA ALA A 277 1.42 -22.77 2.34
C ALA A 277 1.43 -21.30 1.87
N LYS A 278 1.22 -20.40 2.82
CA LYS A 278 1.30 -18.98 2.55
C LYS A 278 2.69 -18.54 2.10
N GLU A 279 3.73 -18.99 2.82
CA GLU A 279 5.14 -18.81 2.37
C GLU A 279 5.32 -19.29 0.94
N PHE A 280 4.93 -20.54 0.68
CA PHE A 280 5.13 -21.10 -0.66
C PHE A 280 4.39 -20.30 -1.71
N LEU A 281 3.11 -20.00 -1.48
CA LEU A 281 2.34 -19.30 -2.50
C LEU A 281 2.81 -17.86 -2.73
N GLU A 282 3.02 -17.14 -1.62
CA GLU A 282 3.44 -15.73 -1.74
C GLU A 282 4.89 -15.53 -2.13
N ASN A 283 5.79 -16.34 -1.62
CA ASN A 283 7.21 -16.04 -1.82
C ASN A 283 7.89 -16.91 -2.89
N TYR A 284 7.22 -17.98 -3.36
CA TYR A 284 7.80 -18.88 -4.34
C TYR A 284 6.94 -18.95 -5.61
N LEU A 285 5.66 -19.26 -5.50
CA LEU A 285 4.86 -19.38 -6.72
C LEU A 285 4.54 -18.04 -7.32
N LEU A 286 4.03 -17.10 -6.51
CA LEU A 286 3.65 -15.80 -7.09
C LEU A 286 4.82 -14.82 -7.25
N THR A 287 5.82 -15.28 -7.99
CA THR A 287 6.98 -14.50 -8.33
C THR A 287 7.26 -14.71 -9.80
N ASP A 288 8.02 -13.79 -10.38
CA ASP A 288 8.34 -13.86 -11.79
C ASP A 288 8.91 -15.25 -12.12
N GLU A 289 9.82 -15.72 -11.24
CA GLU A 289 10.53 -16.96 -11.50
C GLU A 289 9.63 -18.17 -11.25
N GLY A 290 8.77 -18.09 -10.26
CA GLY A 290 7.85 -19.17 -9.98
C GLY A 290 6.83 -19.33 -11.10
N LEU A 291 6.20 -18.21 -11.49
CA LEU A 291 5.21 -18.28 -12.57
C LEU A 291 5.86 -18.70 -13.86
N GLU A 292 7.07 -18.16 -14.13
CA GLU A 292 7.80 -18.60 -15.33
C GLU A 292 8.00 -20.12 -15.39
N ALA A 293 8.36 -20.73 -14.27
CA ALA A 293 8.60 -22.16 -14.25
C ALA A 293 7.36 -22.97 -14.60
N VAL A 294 6.22 -22.50 -14.14
CA VAL A 294 4.97 -23.21 -14.43
C VAL A 294 4.62 -22.95 -15.87
N ASN A 295 4.66 -21.67 -16.25
CA ASN A 295 4.33 -21.22 -17.59
C ASN A 295 5.14 -21.96 -18.65
N LYS A 296 6.43 -22.20 -18.38
CA LYS A 296 7.30 -22.94 -19.30
C LYS A 296 6.81 -24.39 -19.48
N ASP A 297 6.13 -24.96 -18.47
CA ASP A 297 5.57 -26.32 -18.56
C ASP A 297 4.30 -26.29 -19.37
N LYS A 298 3.30 -25.55 -18.90
CA LYS A 298 2.08 -25.31 -19.68
C LYS A 298 1.65 -23.87 -19.43
N PRO A 299 1.41 -23.11 -20.52
CA PRO A 299 1.12 -21.71 -20.33
C PRO A 299 -0.05 -21.47 -19.38
N LEU A 300 0.09 -20.46 -18.52
CA LEU A 300 -0.91 -20.17 -17.49
C LEU A 300 -2.04 -19.30 -18.03
N GLY A 301 -1.73 -18.56 -19.09
CA GLY A 301 -2.61 -17.52 -19.58
C GLY A 301 -2.03 -16.21 -19.16
N ALA A 302 -2.92 -15.24 -18.92
CA ALA A 302 -2.52 -13.90 -18.47
C ALA A 302 -2.38 -14.01 -16.97
N VAL A 303 -1.19 -13.82 -16.41
CA VAL A 303 -1.02 -14.03 -14.97
C VAL A 303 -1.55 -12.87 -14.11
N ALA A 304 -1.90 -13.18 -12.88
CA ALA A 304 -2.39 -12.17 -11.94
C ALA A 304 -1.28 -11.26 -11.44
N LEU A 305 -0.05 -11.77 -11.44
CA LEU A 305 1.09 -11.02 -10.99
C LEU A 305 1.52 -10.00 -12.02
N LYS A 306 1.42 -8.72 -11.62
CA LYS A 306 1.60 -7.61 -12.57
C LYS A 306 2.99 -7.59 -13.21
N SER A 307 4.01 -7.79 -12.36
CA SER A 307 5.40 -7.76 -12.83
C SER A 307 5.64 -8.72 -13.97
N TYR A 308 5.08 -9.92 -13.85
CA TYR A 308 5.28 -10.93 -14.89
C TYR A 308 4.28 -10.77 -16.03
N GLU A 309 3.07 -10.28 -15.75
CA GLU A 309 2.10 -10.09 -16.84
C GLU A 309 2.57 -9.10 -17.89
N GLU A 310 3.29 -8.08 -17.44
CA GLU A 310 3.82 -7.10 -18.37
C GLU A 310 4.71 -7.76 -19.41
N GLU A 311 5.43 -8.82 -19.01
CA GLU A 311 6.28 -9.56 -19.94
C GLU A 311 5.46 -10.46 -20.85
N LEU A 312 4.48 -11.16 -20.28
CA LEU A 312 3.64 -12.08 -21.04
C LEU A 312 2.75 -11.39 -22.05
N ALA A 313 2.36 -10.16 -21.75
CA ALA A 313 1.41 -9.44 -22.60
C ALA A 313 1.92 -9.17 -24.02
N LYS A 314 3.24 -9.25 -24.23
CA LYS A 314 3.88 -9.16 -25.53
C LYS A 314 3.49 -10.31 -26.48
N ASP A 315 3.22 -11.47 -25.93
CA ASP A 315 2.85 -12.67 -26.70
C ASP A 315 1.46 -12.47 -27.34
N PRO A 316 1.33 -12.59 -28.66
CA PRO A 316 0.01 -12.39 -29.28
C PRO A 316 -1.07 -13.43 -28.90
N ARG A 317 -0.61 -14.59 -28.45
CA ARG A 317 -1.50 -15.64 -27.90
C ARG A 317 -2.19 -15.13 -26.63
N ILE A 318 -1.44 -14.36 -25.84
CA ILE A 318 -1.95 -13.77 -24.60
C ILE A 318 -2.91 -12.63 -24.93
N ALA A 319 -2.54 -11.80 -25.91
CA ALA A 319 -3.44 -10.76 -26.37
C ALA A 319 -4.74 -11.33 -26.91
N ALA A 320 -4.64 -12.44 -27.66
CA ALA A 320 -5.87 -13.17 -28.08
C ALA A 320 -6.68 -13.67 -26.89
N THR A 321 -5.98 -14.34 -25.97
CA THR A 321 -6.61 -14.78 -24.74
C THR A 321 -7.39 -13.64 -24.05
N MET A 322 -6.75 -12.47 -23.95
CA MET A 322 -7.39 -11.32 -23.33
C MET A 322 -8.55 -10.75 -24.15
N GLU A 323 -8.39 -10.73 -25.47
CA GLU A 323 -9.51 -10.29 -26.32
C GLU A 323 -10.71 -11.20 -26.09
N ASN A 324 -10.51 -12.52 -26.08
CA ASN A 324 -11.64 -13.43 -25.75
C ASN A 324 -12.18 -13.29 -24.32
N ALA A 325 -11.28 -13.21 -23.36
CA ALA A 325 -11.70 -13.01 -21.97
C ALA A 325 -12.56 -11.75 -21.83
N GLN A 326 -12.14 -10.68 -22.53
CA GLN A 326 -12.86 -9.40 -22.48
C GLN A 326 -14.23 -9.45 -23.11
N LYS A 327 -14.37 -10.26 -24.15
CA LYS A 327 -15.66 -10.48 -24.77
C LYS A 327 -16.52 -11.43 -23.96
N GLY A 328 -15.88 -12.30 -23.18
CA GLY A 328 -16.63 -13.21 -22.32
C GLY A 328 -17.05 -12.64 -20.97
N GLU A 329 -17.18 -13.54 -19.99
CA GLU A 329 -17.71 -13.19 -18.65
C GLU A 329 -17.01 -13.99 -17.57
N ILE A 330 -16.68 -13.34 -16.45
CA ILE A 330 -16.00 -14.04 -15.37
C ILE A 330 -17.01 -14.98 -14.76
N MET A 331 -16.61 -16.22 -14.51
CA MET A 331 -17.51 -17.19 -13.89
C MET A 331 -17.95 -16.69 -12.53
N PRO A 332 -19.23 -16.92 -12.17
CA PRO A 332 -19.61 -16.72 -10.77
C PRO A 332 -18.83 -17.70 -9.89
N ASN A 333 -18.67 -17.39 -8.63
CA ASN A 333 -18.05 -18.37 -7.70
C ASN A 333 -19.07 -18.85 -6.68
N ILE A 334 -20.34 -18.51 -6.88
CA ILE A 334 -21.44 -18.93 -5.98
C ILE A 334 -21.51 -20.45 -5.95
N PRO A 335 -21.95 -21.02 -4.81
CA PRO A 335 -21.95 -22.47 -4.69
C PRO A 335 -22.80 -23.22 -5.74
N GLN A 336 -23.79 -22.57 -6.32
CA GLN A 336 -24.67 -23.17 -7.31
C GLN A 336 -23.99 -23.55 -8.64
N MET A 337 -22.85 -22.93 -8.92
CA MET A 337 -22.13 -23.18 -10.17
C MET A 337 -21.95 -24.68 -10.41
N SER A 338 -21.68 -25.40 -9.33
CA SER A 338 -21.58 -26.83 -9.34
C SER A 338 -22.73 -27.53 -10.05
N ALA A 339 -23.94 -27.14 -9.66
CA ALA A 339 -25.10 -27.75 -10.25
C ALA A 339 -25.30 -27.26 -11.66
N PHE A 340 -24.99 -25.99 -11.92
CA PHE A 340 -25.15 -25.42 -13.25
C PHE A 340 -24.30 -26.19 -14.24
N TRP A 341 -23.04 -26.45 -13.85
CA TRP A 341 -22.04 -26.97 -14.76
C TRP A 341 -22.35 -28.35 -15.29
N TYR A 342 -22.81 -29.24 -14.39
CA TYR A 342 -23.30 -30.54 -14.79
C TYR A 342 -24.59 -30.45 -15.59
N ALA A 343 -25.43 -29.52 -15.17
CA ALA A 343 -26.76 -29.37 -15.73
C ALA A 343 -26.60 -29.15 -17.20
N VAL A 344 -25.64 -28.29 -17.55
CA VAL A 344 -25.28 -28.06 -18.95
C VAL A 344 -24.48 -29.19 -19.55
N ARG A 345 -23.65 -29.84 -18.73
CA ARG A 345 -22.78 -30.95 -19.21
C ARG A 345 -23.62 -32.07 -19.79
N THR A 346 -24.73 -32.34 -19.12
CA THR A 346 -25.68 -33.36 -19.54
C THR A 346 -26.50 -32.95 -20.77
N ALA A 347 -27.03 -31.74 -20.74
CA ALA A 347 -27.80 -31.19 -21.87
C ALA A 347 -27.03 -31.22 -23.21
N VAL A 348 -25.79 -30.75 -23.18
CA VAL A 348 -24.97 -30.68 -24.41
C VAL A 348 -24.75 -32.10 -24.92
N ILE A 349 -24.30 -33.00 -24.05
CA ILE A 349 -24.04 -34.40 -24.41
C ILE A 349 -25.29 -35.07 -24.95
N ASN A 350 -26.42 -34.81 -24.30
CA ASN A 350 -27.68 -35.41 -24.75
C ASN A 350 -28.21 -34.86 -26.07
N ALA A 351 -28.08 -33.53 -26.26
CA ALA A 351 -28.48 -32.93 -27.53
C ALA A 351 -27.54 -33.32 -28.68
N ALA A 352 -26.25 -33.41 -28.36
CA ALA A 352 -25.23 -33.77 -29.36
C ALA A 352 -25.35 -35.21 -29.81
N SER A 353 -25.67 -36.10 -28.87
CA SER A 353 -25.87 -37.53 -29.16
C SER A 353 -27.23 -37.83 -29.74
N GLY A 354 -28.17 -36.90 -29.60
CA GLY A 354 -29.52 -37.06 -30.09
C GLY A 354 -30.44 -37.78 -29.13
N ARG A 355 -30.03 -37.92 -27.87
CA ARG A 355 -30.92 -38.58 -26.90
C ARG A 355 -32.09 -37.67 -26.56
N GLN A 356 -31.82 -36.36 -26.64
CA GLN A 356 -32.81 -35.35 -26.38
C GLN A 356 -32.72 -34.29 -27.45
N THR A 357 -33.84 -33.65 -27.74
CA THR A 357 -33.84 -32.49 -28.61
C THR A 357 -33.19 -31.35 -27.84
N VAL A 358 -32.76 -30.34 -28.57
CA VAL A 358 -32.15 -29.14 -27.99
C VAL A 358 -33.07 -28.54 -26.92
N ASP A 359 -34.34 -28.38 -27.32
CA ASP A 359 -35.37 -27.75 -26.49
C ASP A 359 -35.60 -28.53 -25.21
N ALA A 360 -35.71 -29.86 -25.31
CA ALA A 360 -35.94 -30.71 -24.14
C ALA A 360 -34.69 -30.85 -23.29
N ALA A 361 -33.53 -30.86 -23.92
CA ALA A 361 -32.27 -30.98 -23.18
C ALA A 361 -32.04 -29.74 -22.35
N LEU A 362 -32.21 -28.56 -22.99
CA LEU A 362 -32.00 -27.29 -22.25
C LEU A 362 -33.10 -27.02 -21.23
N ALA A 363 -34.34 -27.39 -21.59
CA ALA A 363 -35.47 -27.29 -20.64
C ALA A 363 -35.18 -28.10 -19.39
N ALA A 364 -34.65 -29.30 -19.56
CA ALA A 364 -34.29 -30.14 -18.42
C ALA A 364 -33.10 -29.59 -17.66
N ALA A 365 -32.18 -28.95 -18.35
CA ALA A 365 -31.04 -28.34 -17.66
C ALA A 365 -31.43 -27.17 -16.76
N GLN A 366 -32.28 -26.29 -17.27
CA GLN A 366 -32.77 -25.15 -16.47
C GLN A 366 -33.36 -25.60 -15.14
N THR A 367 -33.93 -26.78 -15.11
CA THR A 367 -34.36 -27.31 -13.84
C THR A 367 -33.20 -27.91 -13.09
N ASN A 368 -32.35 -28.68 -13.79
CA ASN A 368 -31.30 -29.47 -13.13
C ASN A 368 -30.20 -28.59 -12.59
N ALA A 369 -30.28 -27.33 -12.95
CA ALA A 369 -29.39 -26.35 -12.44
C ALA A 369 -29.84 -26.07 -11.01
N ALA A 370 -30.88 -26.73 -10.53
CA ALA A 370 -31.37 -26.41 -9.19
C ALA A 370 -30.20 -26.64 -8.26
N ALA A 371 -30.06 -25.84 -7.22
CA ALA A 371 -28.77 -25.70 -6.54
C ALA A 371 -28.30 -27.06 -6.07
N ASN A 372 -29.24 -27.86 -5.60
CA ASN A 372 -29.06 -29.29 -5.42
C ASN A 372 -28.43 -29.81 -4.13
N SER A 373 -28.09 -28.95 -3.18
CA SER A 373 -27.61 -29.44 -1.89
C SER A 373 -27.59 -28.42 -0.77
N VAL A 374 -27.74 -28.92 0.45
CA VAL A 374 -27.49 -28.16 1.68
C VAL A 374 -26.01 -27.82 1.85
N GLY A 375 -25.16 -28.77 1.51
CA GLY A 375 -23.72 -28.62 1.60
C GLY A 375 -23.25 -28.07 0.29
N GLU A 376 -22.59 -26.91 0.33
CA GLU A 376 -22.22 -26.09 -0.83
C GLU A 376 -21.30 -26.83 -1.82
N ALA A 377 -20.33 -27.55 -1.27
CA ALA A 377 -19.39 -28.32 -2.05
C ALA A 377 -19.81 -29.75 -2.29
N CYS A 378 -20.98 -30.12 -1.80
CA CYS A 378 -21.37 -31.55 -1.75
C CYS A 378 -22.22 -31.97 -2.93
N THR A 379 -22.52 -31.04 -3.83
CA THR A 379 -23.51 -31.30 -4.86
C THR A 379 -23.17 -32.48 -5.79
N ASP A 380 -21.89 -32.65 -6.11
CA ASP A 380 -21.45 -33.75 -6.97
C ASP A 380 -21.53 -35.09 -6.24
N MET A 381 -21.03 -35.13 -5.00
CA MET A 381 -21.13 -36.35 -4.19
C MET A 381 -22.58 -36.78 -4.11
N LYS A 382 -23.48 -35.80 -4.06
CA LYS A 382 -24.91 -36.06 -4.09
C LYS A 382 -25.35 -36.65 -5.42
N ARG A 383 -25.11 -35.92 -6.52
CA ARG A 383 -25.48 -36.41 -7.83
C ARG A 383 -24.95 -37.80 -8.13
N GLU A 384 -23.75 -38.09 -7.65
CA GLU A 384 -23.16 -39.43 -7.78
C GLU A 384 -23.97 -40.48 -7.01
N TYR A 385 -24.41 -40.10 -5.81
CA TYR A 385 -25.17 -40.99 -4.95
C TYR A 385 -26.63 -41.17 -5.29
N ASP A 386 -27.39 -40.08 -5.23
CA ASP A 386 -28.76 -40.03 -5.73
C ASP A 386 -28.91 -40.81 -7.04
N GLN A 387 -27.97 -40.66 -7.95
CA GLN A 387 -28.09 -41.32 -9.25
C GLN A 387 -28.14 -42.83 -9.05
N CYS A 388 -27.32 -43.33 -8.13
CA CYS A 388 -27.37 -44.73 -7.68
C CYS A 388 -28.61 -45.25 -6.90
N PHE A 389 -29.12 -44.47 -5.95
CA PHE A 389 -30.20 -44.90 -5.07
C PHE A 389 -31.40 -45.18 -5.93
N ASN A 390 -31.60 -44.34 -6.94
CA ASN A 390 -32.69 -44.52 -7.88
C ASN A 390 -32.55 -45.80 -8.68
N ARG A 391 -31.37 -46.01 -9.26
CA ARG A 391 -31.05 -47.25 -9.95
C ARG A 391 -31.26 -48.47 -9.05
N TRP A 392 -30.94 -48.31 -7.76
CA TRP A 392 -31.21 -49.31 -6.74
C TRP A 392 -32.71 -49.54 -6.62
N PHE A 393 -33.53 -48.50 -6.68
CA PHE A 393 -34.98 -48.68 -6.73
C PHE A 393 -35.46 -49.47 -7.97
N ALA A 394 -34.55 -49.98 -8.79
CA ALA A 394 -34.88 -51.07 -9.73
C ALA A 394 -34.72 -52.41 -9.03
N GLU A 395 -34.06 -52.42 -7.89
CA GLU A 395 -34.01 -53.59 -7.04
C GLU A 395 -35.21 -53.55 -6.08
N LYS A 396 -35.42 -52.47 -5.32
CA LYS A 396 -36.58 -52.45 -4.40
C LYS A 396 -37.69 -51.50 -4.83
N PRO A 406 -24.10 -51.86 -1.90
CA PRO A 406 -24.31 -51.46 -3.30
C PRO A 406 -23.82 -50.04 -3.54
N CYS A 407 -24.62 -49.07 -3.11
CA CYS A 407 -24.33 -47.65 -3.30
C CYS A 407 -23.74 -47.07 -2.04
N THR A 408 -23.44 -47.93 -1.07
CA THR A 408 -22.96 -47.49 0.22
C THR A 408 -21.64 -46.74 0.09
N ASP A 409 -20.77 -47.22 -0.80
CA ASP A 409 -19.48 -46.54 -0.99
C ASP A 409 -19.57 -45.03 -1.30
N LEU A 410 -20.50 -44.64 -2.17
CA LEU A 410 -20.81 -43.22 -2.39
C LEU A 410 -21.43 -42.50 -1.20
N PHE A 411 -22.32 -43.18 -0.51
CA PHE A 411 -23.06 -42.56 0.58
C PHE A 411 -22.22 -42.11 1.75
N LYS A 412 -21.20 -42.87 2.12
CA LYS A 412 -20.41 -42.50 3.27
C LYS A 412 -19.80 -41.15 2.97
N ARG A 413 -19.32 -41.00 1.75
CA ARG A 413 -18.73 -39.75 1.25
C ARG A 413 -19.71 -38.60 1.17
N TYR A 414 -20.92 -38.90 0.71
CA TYR A 414 -21.94 -37.85 0.55
C TYR A 414 -22.31 -37.24 1.86
N GLN A 415 -22.48 -38.09 2.84
CA GLN A 415 -22.98 -37.81 4.18
C GLN A 415 -22.03 -36.95 4.98
N GLN A 416 -20.73 -37.23 4.87
CA GLN A 416 -19.72 -36.45 5.58
C GLN A 416 -19.76 -35.01 5.12
N CYS A 417 -19.78 -34.83 3.81
CA CYS A 417 -19.67 -33.49 3.27
C CYS A 417 -20.82 -32.60 3.76
N VAL A 418 -22.03 -33.16 3.74
CA VAL A 418 -23.23 -32.40 4.12
C VAL A 418 -23.35 -32.30 5.64
N GLN A 419 -22.84 -33.31 6.35
CA GLN A 419 -22.80 -33.27 7.82
C GLN A 419 -21.90 -32.18 8.34
N LYS A 420 -20.87 -31.83 7.58
CA LYS A 420 -19.92 -30.78 7.99
C LYS A 420 -20.55 -29.43 7.84
N ALA A 421 -21.30 -29.24 6.76
CA ALA A 421 -22.05 -28.01 6.59
C ALA A 421 -23.19 -27.94 7.66
N ILE A 422 -23.90 -29.07 7.87
CA ILE A 422 -24.94 -29.11 8.95
C ILE A 422 -24.43 -28.69 10.35
N LYS A 423 -23.11 -28.65 10.53
CA LYS A 423 -22.52 -28.18 11.79
C LYS A 423 -22.90 -26.73 12.13
N GLU A 424 -22.84 -25.82 11.14
CA GLU A 424 -23.08 -24.36 11.38
C GLU A 424 -24.55 -23.94 11.19
N LYS A 425 -25.46 -24.83 11.56
CA LYS A 425 -26.90 -24.69 11.35
C LYS A 425 -27.45 -25.80 12.24
N GLU A 426 -28.71 -26.20 12.05
CA GLU A 426 -29.41 -26.95 13.08
C GLU A 426 -29.91 -28.33 12.64
N MET B 15 -54.27 -23.39 15.30
CA MET B 15 -54.44 -24.76 14.84
C MET B 15 -55.37 -24.81 13.64
N LYS B 16 -54.78 -25.05 12.48
CA LYS B 16 -55.50 -25.26 11.23
C LYS B 16 -55.11 -26.66 10.80
N ILE B 17 -56.06 -27.43 10.29
CA ILE B 17 -55.77 -28.76 9.78
C ILE B 17 -56.18 -28.81 8.31
N TRP B 18 -55.58 -29.72 7.55
CA TRP B 18 -56.01 -29.91 6.15
C TRP B 18 -56.04 -31.43 6.01
N SER B 19 -56.94 -32.00 5.21
CA SER B 19 -56.84 -33.39 4.76
C SER B 19 -57.12 -33.27 3.31
N SER B 20 -56.48 -34.08 2.51
CA SER B 20 -56.95 -34.24 1.13
C SER B 20 -56.49 -35.57 0.65
N GLU B 21 -57.17 -36.15 -0.31
CA GLU B 21 -56.54 -37.25 -0.96
C GLU B 21 -56.59 -36.89 -2.41
N HIS B 22 -55.57 -37.34 -3.12
CA HIS B 22 -55.49 -37.16 -4.55
C HIS B 22 -55.28 -38.56 -5.08
N VAL B 23 -55.85 -38.84 -6.25
CA VAL B 23 -55.65 -40.13 -6.88
C VAL B 23 -54.76 -40.00 -8.11
N PHE B 24 -53.76 -40.87 -8.18
CA PHE B 24 -52.76 -40.81 -9.23
C PHE B 24 -53.00 -41.88 -10.26
N GLY B 25 -53.25 -41.42 -11.48
CA GLY B 25 -53.40 -42.29 -12.65
C GLY B 25 -52.02 -42.74 -13.08
N HIS B 26 -51.44 -43.58 -12.24
CA HIS B 26 -50.11 -44.14 -12.43
C HIS B 26 -49.90 -45.25 -11.41
N PRO B 27 -49.08 -46.23 -11.77
CA PRO B 27 -48.70 -47.27 -10.83
C PRO B 27 -48.02 -46.74 -9.60
N TRP B 28 -48.20 -47.46 -8.52
CA TRP B 28 -47.67 -47.07 -7.25
C TRP B 28 -46.15 -46.92 -7.37
N ASP B 29 -45.54 -47.89 -8.05
CA ASP B 29 -44.12 -47.92 -8.14
C ASP B 29 -43.60 -46.61 -8.74
N THR B 30 -44.17 -46.22 -9.88
CA THR B 30 -43.68 -45.05 -10.58
C THR B 30 -43.95 -43.80 -9.74
N VAL B 31 -45.12 -43.75 -9.09
CA VAL B 31 -45.45 -42.62 -8.23
C VAL B 31 -44.47 -42.50 -7.05
N ILE B 32 -44.10 -43.61 -6.43
CA ILE B 32 -43.10 -43.57 -5.36
C ILE B 32 -41.72 -43.19 -5.88
N GLN B 33 -41.38 -43.71 -7.07
CA GLN B 33 -40.11 -43.31 -7.66
C GLN B 33 -40.12 -41.80 -7.83
N ALA B 34 -41.19 -41.26 -8.41
CA ALA B 34 -41.26 -39.81 -8.61
C ALA B 34 -41.25 -39.06 -7.27
N ALA B 35 -41.90 -39.66 -6.28
CA ALA B 35 -42.03 -39.10 -4.95
C ALA B 35 -40.68 -38.84 -4.35
N MET B 36 -39.76 -39.72 -4.67
CA MET B 36 -38.42 -39.50 -4.17
C MET B 36 -37.70 -38.28 -4.80
N ARG B 37 -38.10 -37.81 -5.98
CA ARG B 37 -37.48 -36.60 -6.58
C ARG B 37 -38.11 -35.18 -6.33
N LYS B 38 -37.27 -34.30 -5.76
CA LYS B 38 -37.55 -32.85 -5.64
C LYS B 38 -36.91 -32.15 -6.84
N TYR B 39 -36.75 -30.83 -6.78
CA TYR B 39 -36.23 -30.04 -7.89
C TYR B 39 -37.09 -30.07 -9.14
N PRO B 40 -38.40 -30.12 -8.94
CA PRO B 40 -39.39 -29.96 -10.00
C PRO B 40 -39.58 -28.48 -10.31
N ASN B 41 -40.04 -28.16 -11.52
CA ASN B 41 -40.28 -26.77 -11.89
C ASN B 41 -41.32 -26.08 -11.02
N PRO B 42 -42.34 -26.84 -10.60
CA PRO B 42 -43.32 -26.33 -9.65
C PRO B 42 -42.71 -25.98 -8.29
N MET B 43 -41.78 -26.80 -7.79
CA MET B 43 -41.20 -26.55 -6.47
C MET B 43 -39.71 -26.19 -6.48
N ASN B 44 -39.41 -25.01 -5.94
CA ASN B 44 -38.03 -24.50 -5.80
C ASN B 44 -37.08 -25.22 -4.83
N PRO B 45 -37.65 -25.70 -3.64
CA PRO B 45 -36.63 -26.00 -2.60
C PRO B 45 -35.62 -27.11 -2.87
N SER B 46 -34.38 -26.84 -2.45
CA SER B 46 -33.27 -27.80 -2.48
C SER B 46 -33.38 -28.82 -1.35
N VAL B 47 -32.70 -29.96 -1.49
CA VAL B 47 -32.80 -31.06 -0.50
C VAL B 47 -31.68 -32.13 -0.54
N LEU B 48 -31.57 -32.97 0.51
CA LEU B 48 -30.60 -34.13 0.46
C LEU B 48 -30.85 -35.28 1.49
N GLY B 49 -30.38 -36.51 1.16
CA GLY B 49 -30.68 -37.73 1.93
C GLY B 49 -29.64 -38.00 3.00
N VAL B 50 -29.93 -37.60 4.23
CA VAL B 50 -28.93 -37.63 5.33
C VAL B 50 -28.70 -39.00 6.00
N ASP B 51 -29.78 -39.69 6.34
CA ASP B 51 -29.70 -41.03 6.89
C ASP B 51 -30.68 -41.94 6.18
N VAL B 52 -30.20 -43.05 5.62
CA VAL B 52 -31.11 -44.10 5.14
C VAL B 52 -30.64 -45.52 5.54
N LEU B 53 -31.57 -46.32 6.08
CA LEU B 53 -31.30 -47.71 6.41
C LEU B 53 -32.49 -48.57 6.00
N GLN B 54 -32.18 -49.86 5.77
CA GLN B 54 -33.16 -50.86 5.42
C GLN B 54 -33.26 -51.91 6.52
N GLY B 61 -36.93 -55.86 9.03
CA GLY B 61 -36.77 -55.90 7.59
C GLY B 61 -37.62 -54.83 6.95
N ARG B 62 -36.98 -53.80 6.40
CA ARG B 62 -37.68 -52.61 5.89
C ARG B 62 -36.74 -51.54 5.32
N LEU B 63 -37.35 -50.50 4.71
CA LEU B 63 -36.62 -49.28 4.33
C LEU B 63 -37.06 -48.01 5.05
N HIS B 64 -36.08 -47.32 5.65
CA HIS B 64 -36.33 -46.04 6.27
C HIS B 64 -35.45 -45.07 5.52
N SER B 65 -35.82 -43.79 5.50
CA SER B 65 -34.98 -42.81 4.82
C SER B 65 -35.19 -41.43 5.44
N LEU B 66 -34.10 -40.70 5.67
CA LEU B 66 -34.16 -39.41 6.41
C LEU B 66 -33.59 -38.26 5.59
N ARG B 67 -34.35 -37.21 5.33
CA ARG B 67 -33.83 -36.13 4.51
C ARG B 67 -33.90 -34.79 5.22
N LEU B 68 -33.19 -33.82 4.65
CA LEU B 68 -33.29 -32.42 5.03
C LEU B 68 -33.61 -31.66 3.75
N LEU B 69 -34.68 -30.86 3.77
CA LEU B 69 -35.08 -29.99 2.69
C LEU B 69 -34.94 -28.59 3.18
N SER B 70 -34.22 -27.75 2.44
CA SER B 70 -34.27 -26.35 2.73
C SER B 70 -35.41 -25.93 1.83
N THR B 71 -36.35 -25.15 2.37
CA THR B 71 -37.51 -24.69 1.59
C THR B 71 -37.54 -23.17 1.69
N GLU B 72 -37.65 -22.50 0.57
CA GLU B 72 -37.63 -21.06 0.58
C GLU B 72 -39.04 -20.53 0.44
N TRP B 73 -39.53 -19.90 1.50
CA TRP B 73 -40.88 -19.34 1.51
C TRP B 73 -41.15 -18.56 2.79
N ARG B 80 -43.98 -8.45 3.03
CA ARG B 80 -42.71 -9.13 3.25
C ARG B 80 -42.31 -9.04 4.70
N ALA B 81 -43.27 -8.70 5.56
CA ALA B 81 -43.08 -8.70 7.00
C ALA B 81 -42.80 -10.12 7.51
N ILE B 82 -43.54 -11.08 6.96
CA ILE B 82 -43.36 -12.49 7.28
C ILE B 82 -41.97 -12.95 6.85
N LEU B 83 -41.57 -12.49 5.67
CA LEU B 83 -40.25 -12.79 5.15
C LEU B 83 -39.17 -12.20 6.05
N GLY B 84 -39.41 -11.01 6.60
CA GLY B 84 -38.48 -10.39 7.52
C GLY B 84 -38.36 -11.25 8.76
N THR B 85 -39.51 -11.73 9.23
CA THR B 85 -39.59 -12.56 10.42
C THR B 85 -38.73 -13.79 10.18
N SER B 86 -38.72 -14.27 8.93
CA SER B 86 -37.79 -15.35 8.57
C SER B 86 -36.93 -14.94 7.39
N ARG B 87 -35.98 -14.04 7.64
CA ARG B 87 -35.01 -13.65 6.63
C ARG B 87 -34.14 -14.86 6.28
N THR B 88 -33.76 -15.61 7.31
CA THR B 88 -32.98 -16.83 7.14
C THR B 88 -33.82 -17.91 6.49
N LEU B 89 -33.19 -18.74 5.67
CA LEU B 89 -33.91 -19.83 5.01
C LEU B 89 -34.45 -20.83 6.02
N THR B 90 -35.67 -21.30 5.77
CA THR B 90 -36.32 -22.31 6.65
C THR B 90 -36.05 -23.73 6.21
N TYR B 91 -35.65 -24.59 7.16
CA TYR B 91 -35.26 -25.98 6.87
C TYR B 91 -36.35 -26.99 7.23
N ILE B 92 -36.63 -27.95 6.35
CA ILE B 92 -37.67 -28.94 6.59
C ILE B 92 -36.99 -30.29 6.71
N ARG B 93 -37.48 -31.12 7.65
CA ARG B 93 -37.00 -32.49 7.89
C ARG B 93 -38.09 -33.42 7.45
N GLU B 94 -37.74 -34.42 6.64
CA GLU B 94 -38.65 -35.46 6.20
C GLU B 94 -38.22 -36.80 6.85
N HIS B 95 -39.14 -37.58 7.39
CA HIS B 95 -38.86 -38.95 7.79
C HIS B 95 -39.82 -39.73 6.93
N SER B 96 -39.36 -40.68 6.17
CA SER B 96 -40.25 -41.55 5.39
C SER B 96 -39.82 -42.97 5.44
N VAL B 97 -40.80 -43.86 5.51
CA VAL B 97 -40.52 -45.26 5.51
C VAL B 97 -41.29 -45.86 4.34
N VAL B 98 -40.62 -46.72 3.60
CA VAL B 98 -41.27 -47.77 2.83
C VAL B 98 -40.79 -49.17 3.19
N ASP B 99 -41.44 -49.80 4.17
CA ASP B 99 -41.02 -51.12 4.63
C ASP B 99 -41.84 -52.36 4.27
N PRO B 100 -43.16 -52.26 4.38
CA PRO B 100 -44.03 -53.42 4.15
C PRO B 100 -44.11 -53.86 2.68
N VAL B 101 -44.09 -55.17 2.44
CA VAL B 101 -44.26 -55.67 1.07
C VAL B 101 -45.55 -55.08 0.52
N GLU B 102 -46.58 -55.03 1.37
CA GLU B 102 -47.81 -54.32 1.05
C GLU B 102 -47.39 -52.91 0.66
N LYS B 103 -47.89 -52.42 -0.45
CA LYS B 103 -47.38 -51.18 -1.02
C LYS B 103 -47.55 -50.05 -0.02
N LYS B 104 -46.47 -49.34 0.31
CA LYS B 104 -46.56 -48.28 1.29
C LYS B 104 -45.40 -47.29 1.34
N MET B 105 -45.73 -46.01 1.57
CA MET B 105 -44.76 -45.00 2.01
C MET B 105 -45.43 -44.09 3.06
N GLU B 106 -44.63 -43.57 4.01
CA GLU B 106 -45.08 -42.52 4.94
C GLU B 106 -43.98 -41.46 4.96
N LEU B 107 -44.26 -40.17 4.81
CA LEU B 107 -43.19 -39.14 4.92
C LEU B 107 -43.59 -38.07 5.90
N CYS B 108 -42.70 -37.64 6.79
CA CYS B 108 -43.13 -36.69 7.87
C CYS B 108 -42.28 -35.42 7.89
N SER B 109 -42.94 -34.25 7.86
CA SER B 109 -42.25 -32.97 7.70
C SER B 109 -42.42 -32.07 8.89
N THR B 110 -41.32 -31.47 9.34
CA THR B 110 -41.34 -30.57 10.49
C THR B 110 -40.68 -29.26 10.07
N ASN B 111 -40.99 -28.19 10.79
CA ASN B 111 -40.43 -26.88 10.49
C ASN B 111 -39.39 -26.58 11.56
N ILE B 112 -38.19 -26.24 11.11
CA ILE B 112 -37.09 -25.92 12.02
C ILE B 112 -36.98 -24.43 12.26
N THR B 113 -37.53 -23.96 13.37
CA THR B 113 -37.49 -22.54 13.71
C THR B 113 -37.74 -22.32 15.20
N LEU B 114 -38.02 -21.08 15.57
CA LEU B 114 -38.29 -20.73 16.97
C LEU B 114 -39.73 -20.35 17.31
N THR B 115 -40.71 -20.79 16.53
CA THR B 115 -42.02 -20.17 16.76
C THR B 115 -43.26 -21.06 16.71
N ASN B 116 -43.59 -21.54 15.52
CA ASN B 116 -44.80 -22.34 15.34
C ASN B 116 -44.53 -23.49 14.40
N LEU B 117 -45.16 -24.63 14.63
CA LEU B 117 -44.92 -25.76 13.72
C LEU B 117 -45.95 -26.10 12.62
N VAL B 118 -45.45 -26.80 11.60
CA VAL B 118 -46.17 -27.48 10.54
C VAL B 118 -45.80 -28.95 10.58
N SER B 119 -46.78 -29.84 10.38
CA SER B 119 -46.45 -31.25 10.15
C SER B 119 -47.27 -31.70 8.98
N VAL B 120 -46.65 -32.33 7.98
CA VAL B 120 -47.39 -32.83 6.81
C VAL B 120 -47.11 -34.31 6.78
N ASN B 121 -48.12 -35.17 6.65
CA ASN B 121 -47.83 -36.59 6.50
C ASN B 121 -48.51 -37.11 5.26
N GLU B 122 -47.80 -37.84 4.40
CA GLU B 122 -48.43 -38.40 3.21
C GLU B 122 -48.38 -39.93 3.33
N ARG B 123 -49.47 -40.58 2.92
CA ARG B 123 -49.51 -42.00 2.71
C ARG B 123 -49.83 -42.22 1.23
N LEU B 124 -48.97 -42.98 0.56
CA LEU B 124 -49.14 -43.29 -0.86
C LEU B 124 -49.34 -44.81 -0.96
N VAL B 125 -50.56 -45.20 -1.35
CA VAL B 125 -50.91 -46.58 -1.66
C VAL B 125 -52.01 -46.51 -2.72
N TYR B 126 -52.16 -47.55 -3.53
CA TYR B 126 -53.07 -47.50 -4.67
C TYR B 126 -54.44 -48.10 -4.40
N THR B 127 -55.49 -47.34 -4.68
CA THR B 127 -56.85 -47.70 -4.33
C THR B 127 -57.78 -47.83 -5.54
N PRO B 128 -58.55 -48.90 -5.59
CA PRO B 128 -59.48 -49.13 -6.70
C PRO B 128 -60.87 -48.61 -6.38
N GLU B 134 -53.38 -51.18 -11.49
CA GLU B 134 -52.86 -50.38 -10.40
C GLU B 134 -52.66 -48.92 -10.83
N MET B 135 -53.63 -48.08 -10.46
CA MET B 135 -53.43 -46.64 -10.29
C MET B 135 -53.04 -46.48 -8.83
N THR B 136 -52.56 -45.30 -8.45
CA THR B 136 -52.23 -45.04 -7.03
C THR B 136 -52.79 -43.73 -6.52
N VAL B 137 -53.00 -43.67 -5.19
CA VAL B 137 -53.65 -42.54 -4.52
C VAL B 137 -52.90 -42.20 -3.22
N LEU B 138 -52.83 -40.91 -2.90
CA LEU B 138 -52.32 -40.53 -1.59
C LEU B 138 -53.39 -39.87 -0.77
N THR B 139 -53.13 -39.88 0.54
CA THR B 139 -53.98 -39.21 1.52
C THR B 139 -53.00 -38.35 2.37
N GLN B 140 -53.23 -37.06 2.49
CA GLN B 140 -52.30 -36.22 3.25
C GLN B 140 -52.93 -35.41 4.34
N GLU B 141 -52.11 -35.00 5.29
CA GLU B 141 -52.53 -34.04 6.30
C GLU B 141 -51.50 -32.96 6.43
N ALA B 142 -52.01 -31.77 6.71
CA ALA B 142 -51.19 -30.65 7.16
C ALA B 142 -51.76 -30.14 8.49
N ILE B 143 -50.88 -30.10 9.51
CA ILE B 143 -51.22 -29.58 10.85
C ILE B 143 -50.37 -28.37 11.18
N ILE B 144 -51.01 -27.20 11.24
CA ILE B 144 -50.29 -25.95 11.45
C ILE B 144 -50.60 -25.35 12.82
N THR B 145 -49.54 -24.95 13.53
CA THR B 145 -49.64 -24.34 14.84
C THR B 145 -48.90 -22.99 14.91
N VAL B 146 -49.47 -22.05 15.67
CA VAL B 146 -48.88 -20.76 15.93
C VAL B 146 -48.96 -20.38 17.40
N LEU B 155 -52.17 -14.24 8.56
CA LEU B 155 -51.86 -15.05 9.74
C LEU B 155 -51.76 -16.58 9.42
N GLU B 156 -52.45 -17.38 10.25
CA GLU B 156 -52.47 -18.80 10.15
C GLU B 156 -53.20 -19.18 8.87
N SER B 157 -54.18 -18.37 8.49
CA SER B 157 -54.91 -18.60 7.25
C SER B 157 -53.95 -18.59 6.09
N LEU B 158 -53.04 -17.63 6.04
CA LEU B 158 -52.05 -17.59 4.96
C LEU B 158 -51.19 -18.83 4.98
N MET B 159 -50.71 -19.20 6.17
CA MET B 159 -49.89 -20.39 6.27
C MET B 159 -50.64 -21.63 5.75
N ALA B 160 -51.89 -21.76 6.17
CA ALA B 160 -52.69 -22.89 5.75
C ALA B 160 -52.89 -22.85 4.25
N ASN B 161 -53.24 -21.68 3.72
CA ASN B 161 -53.48 -21.56 2.28
C ASN B 161 -52.22 -21.94 1.52
N THR B 162 -51.08 -21.51 2.03
CA THR B 162 -49.81 -21.81 1.38
C THR B 162 -49.47 -23.30 1.36
N ILE B 163 -49.66 -24.00 2.47
CA ILE B 163 -49.18 -25.41 2.54
C ILE B 163 -50.09 -26.36 1.75
N SER B 164 -51.34 -25.99 1.56
CA SER B 164 -52.25 -26.73 0.71
C SER B 164 -51.87 -26.53 -0.76
N SER B 165 -51.52 -25.31 -1.08
CA SER B 165 -51.10 -24.98 -2.42
C SER B 165 -49.83 -25.75 -2.76
N ASN B 166 -48.91 -25.80 -1.80
CA ASN B 166 -47.70 -26.61 -1.98
C ASN B 166 -48.04 -28.07 -2.25
N ALA B 167 -49.02 -28.59 -1.53
CA ALA B 167 -49.42 -29.97 -1.77
C ALA B 167 -49.99 -30.16 -3.16
N LYS B 168 -50.81 -29.23 -3.63
CA LYS B 168 -51.31 -29.31 -5.02
C LYS B 168 -50.14 -29.25 -6.01
N LYS B 169 -49.20 -28.35 -5.73
CA LYS B 169 -48.03 -28.24 -6.59
C LYS B 169 -47.28 -29.55 -6.61
N GLY B 170 -47.16 -30.16 -5.45
CA GLY B 170 -46.43 -31.41 -5.29
C GLY B 170 -46.97 -32.57 -6.11
N TRP B 171 -48.30 -32.71 -6.14
CA TRP B 171 -48.91 -33.76 -6.96
C TRP B 171 -48.50 -33.52 -8.39
N ALA B 172 -48.58 -32.26 -8.79
CA ALA B 172 -48.24 -31.85 -10.15
C ALA B 172 -46.76 -32.12 -10.50
N ALA B 173 -45.89 -31.86 -9.53
CA ALA B 173 -44.48 -32.13 -9.70
C ALA B 173 -44.24 -33.62 -9.86
N ILE B 174 -44.89 -34.43 -9.03
CA ILE B 174 -44.74 -35.88 -9.21
C ILE B 174 -45.25 -36.25 -10.58
N GLU B 175 -46.40 -35.70 -10.98
CA GLU B 175 -46.88 -35.96 -12.33
C GLU B 175 -45.81 -35.50 -13.28
N TRP B 176 -45.18 -34.37 -12.96
CA TRP B 176 -44.13 -33.84 -13.83
C TRP B 176 -42.91 -34.80 -13.93
N ILE B 177 -42.41 -35.21 -12.78
CA ILE B 177 -41.23 -36.02 -12.70
C ILE B 177 -41.32 -37.30 -13.50
N ILE B 178 -42.51 -37.90 -13.60
CA ILE B 178 -42.67 -39.11 -14.39
C ILE B 178 -42.19 -38.82 -15.82
N GLU B 179 -42.73 -37.76 -16.42
CA GLU B 179 -42.45 -37.48 -17.82
C GLU B 179 -40.96 -37.39 -18.02
N HIS B 180 -40.29 -36.63 -17.15
CA HIS B 180 -38.87 -36.31 -17.39
C HIS B 180 -37.86 -37.30 -16.82
N SER B 181 -38.24 -38.11 -15.84
CA SER B 181 -37.40 -39.23 -15.46
C SER B 181 -37.40 -40.08 -16.72
N LYS C 2 13.45 -8.15 -11.48
CA LYS C 2 14.42 -8.40 -12.58
C LYS C 2 14.99 -7.10 -13.13
N ILE C 3 16.13 -7.22 -13.80
CA ILE C 3 16.79 -6.06 -14.42
C ILE C 3 15.93 -5.52 -15.56
N GLU C 4 15.94 -4.20 -15.74
CA GLU C 4 15.10 -3.53 -16.74
C GLU C 4 15.73 -3.53 -18.14
N GLU C 5 14.99 -3.99 -19.13
CA GLU C 5 15.43 -4.03 -20.53
C GLU C 5 15.27 -2.63 -21.15
N GLY C 6 16.21 -2.24 -22.00
CA GLY C 6 16.18 -0.97 -22.74
C GLY C 6 16.72 0.24 -21.98
N LYS C 7 17.56 0.00 -21.00
CA LYS C 7 17.96 1.05 -20.08
C LYS C 7 19.28 0.64 -19.46
N LEU C 8 20.10 1.60 -19.02
CA LEU C 8 21.31 1.21 -18.27
C LEU C 8 21.31 1.72 -16.85
N VAL C 9 21.58 0.83 -15.90
CA VAL C 9 21.71 1.21 -14.49
C VAL C 9 23.14 0.91 -14.07
N ILE C 10 23.85 1.90 -13.58
CA ILE C 10 25.26 1.75 -13.25
C ILE C 10 25.51 2.03 -11.78
N TRP C 11 26.34 1.21 -11.16
CA TRP C 11 26.71 1.45 -9.78
C TRP C 11 28.18 1.77 -9.73
N ILE C 12 28.54 2.81 -8.96
CA ILE C 12 29.95 3.09 -8.67
C ILE C 12 30.09 3.61 -7.24
N ASN C 13 31.23 3.37 -6.62
CA ASN C 13 31.42 3.78 -5.21
C ASN C 13 31.25 5.30 -4.98
N GLY C 14 30.73 5.65 -3.83
CA GLY C 14 30.41 7.03 -3.52
C GLY C 14 31.55 8.01 -3.43
N ASP C 15 32.77 7.49 -3.36
CA ASP C 15 33.92 8.38 -3.34
C ASP C 15 34.42 8.72 -4.74
N LYS C 16 33.79 8.14 -5.78
CA LYS C 16 34.24 8.35 -7.17
C LYS C 16 33.40 9.39 -7.87
N GLY C 17 33.78 9.70 -9.11
CA GLY C 17 33.12 10.74 -9.86
C GLY C 17 31.80 10.32 -10.47
N TYR C 18 30.83 10.00 -9.62
CA TYR C 18 29.55 9.51 -10.09
C TYR C 18 28.70 10.55 -10.76
N ASN C 19 28.86 11.82 -10.35
CA ASN C 19 28.19 12.91 -11.06
C ASN C 19 28.73 13.06 -12.47
N GLY C 20 30.05 12.91 -12.61
CA GLY C 20 30.73 13.00 -13.90
C GLY C 20 30.32 11.85 -14.78
N LEU C 21 30.24 10.67 -14.18
CA LEU C 21 29.77 9.52 -14.96
C LEU C 21 28.32 9.70 -15.45
N ALA C 22 27.49 10.33 -14.62
CA ALA C 22 26.13 10.64 -15.05
C ALA C 22 26.07 11.61 -16.25
N GLU C 23 27.08 12.46 -16.37
CA GLU C 23 27.24 13.32 -17.55
C GLU C 23 27.50 12.49 -18.80
N VAL C 24 28.39 11.52 -18.68
CA VAL C 24 28.64 10.59 -19.77
C VAL C 24 27.33 9.88 -20.08
N GLY C 25 26.60 9.50 -19.04
CA GLY C 25 25.26 8.91 -19.23
C GLY C 25 24.27 9.77 -19.99
N LYS C 26 24.25 11.06 -19.66
CA LYS C 26 23.44 12.04 -20.42
C LYS C 26 23.80 12.04 -21.91
N LYS C 27 25.10 11.97 -22.20
CA LYS C 27 25.59 11.94 -23.57
C LYS C 27 25.09 10.70 -24.29
N PHE C 28 25.19 9.57 -23.61
CA PHE C 28 24.66 8.34 -24.15
C PHE C 28 23.16 8.47 -24.42
N GLU C 29 22.43 9.00 -23.43
CA GLU C 29 20.98 9.16 -23.60
C GLU C 29 20.64 10.11 -24.75
N LYS C 30 21.43 11.17 -24.93
CA LYS C 30 21.20 12.14 -26.00
C LYS C 30 21.37 11.50 -27.37
N ASP C 31 22.39 10.66 -27.51
CA ASP C 31 22.67 9.99 -28.79
C ASP C 31 21.68 8.89 -29.14
N THR C 32 21.23 8.15 -28.12
CA THR C 32 20.52 6.88 -28.36
C THR C 32 19.09 6.80 -27.83
N GLY C 33 18.69 7.78 -27.03
CA GLY C 33 17.39 7.76 -26.38
C GLY C 33 17.30 6.76 -25.24
N ILE C 34 18.43 6.15 -24.89
CA ILE C 34 18.45 5.13 -23.87
C ILE C 34 18.88 5.75 -22.55
N LYS C 35 17.97 5.69 -21.61
CA LYS C 35 18.18 6.23 -20.28
C LYS C 35 19.33 5.54 -19.49
N VAL C 36 20.16 6.37 -18.85
CA VAL C 36 21.30 5.88 -18.06
C VAL C 36 21.22 6.43 -16.66
N THR C 37 21.17 5.54 -15.68
CA THR C 37 20.96 5.91 -14.30
C THR C 37 22.14 5.47 -13.44
N VAL C 38 22.82 6.41 -12.78
CA VAL C 38 24.04 6.12 -12.05
C VAL C 38 23.80 6.26 -10.56
N GLU C 39 24.04 5.22 -9.80
CA GLU C 39 23.75 5.25 -8.37
C GLU C 39 25.04 4.87 -7.60
N HIS C 40 25.10 5.22 -6.30
CA HIS C 40 26.27 4.90 -5.45
C HIS C 40 25.85 4.32 -4.09
N PRO C 41 25.35 3.06 -4.09
CA PRO C 41 24.75 2.49 -2.89
C PRO C 41 25.77 2.29 -1.80
N ASP C 42 25.33 2.33 -0.55
CA ASP C 42 26.22 2.09 0.61
C ASP C 42 26.74 0.66 0.57
N LYS C 43 28.02 0.47 0.89
CA LYS C 43 28.65 -0.84 0.86
C LYS C 43 28.35 -1.57 -0.46
N LEU C 44 28.60 -0.93 -1.59
CA LEU C 44 28.13 -1.55 -2.85
C LEU C 44 28.87 -2.83 -3.17
N GLU C 45 30.09 -2.96 -2.66
CA GLU C 45 30.88 -4.17 -2.85
C GLU C 45 30.28 -5.40 -2.13
N GLU C 46 29.49 -5.14 -1.09
CA GLU C 46 28.67 -6.17 -0.44
C GLU C 46 27.27 -6.28 -1.05
N LYS C 47 26.67 -5.18 -1.49
CA LYS C 47 25.32 -5.19 -2.10
C LYS C 47 25.26 -5.81 -3.46
N PHE C 48 26.28 -5.59 -4.26
CA PHE C 48 26.23 -6.15 -5.60
C PHE C 48 26.05 -7.67 -5.59
N PRO C 49 26.83 -8.38 -4.79
CA PRO C 49 26.72 -9.84 -4.75
C PRO C 49 25.31 -10.22 -4.33
N GLN C 50 24.74 -9.46 -3.41
CA GLN C 50 23.44 -9.79 -2.82
C GLN C 50 22.33 -9.75 -3.84
N VAL C 51 22.26 -8.63 -4.55
CA VAL C 51 21.24 -8.48 -5.57
C VAL C 51 21.52 -9.37 -6.79
N ALA C 52 22.77 -9.36 -7.25
CA ALA C 52 23.12 -10.08 -8.47
C ALA C 52 22.88 -11.56 -8.39
N ALA C 53 23.07 -12.12 -7.20
CA ALA C 53 22.75 -13.53 -6.93
C ALA C 53 21.31 -13.89 -7.23
N THR C 54 20.40 -12.92 -7.09
CA THR C 54 19.01 -13.19 -7.45
C THR C 54 18.69 -12.78 -8.87
N GLY C 55 19.71 -12.44 -9.69
CA GLY C 55 19.50 -11.92 -11.05
C GLY C 55 18.96 -10.48 -11.07
N ASP C 56 19.15 -9.75 -9.97
CA ASP C 56 18.80 -8.34 -9.90
C ASP C 56 20.08 -7.52 -9.97
N GLY C 57 19.98 -6.22 -9.72
CA GLY C 57 21.17 -5.38 -9.65
C GLY C 57 21.38 -4.50 -10.86
N PRO C 58 22.50 -3.75 -10.88
CA PRO C 58 22.81 -2.86 -12.00
C PRO C 58 23.24 -3.65 -13.22
N ASP C 59 23.19 -2.99 -14.38
CA ASP C 59 23.73 -3.55 -15.60
C ASP C 59 25.26 -3.53 -15.60
N ILE C 60 25.82 -2.47 -15.04
CA ILE C 60 27.26 -2.29 -14.95
C ILE C 60 27.65 -1.98 -13.53
N ILE C 61 28.74 -2.57 -13.09
CA ILE C 61 29.25 -2.28 -11.75
C ILE C 61 30.71 -1.84 -11.80
N PHE C 62 31.00 -0.74 -11.10
CA PHE C 62 32.37 -0.28 -10.88
C PHE C 62 32.87 -0.65 -9.51
N TRP C 63 33.97 -1.38 -9.45
CA TRP C 63 34.78 -1.52 -8.25
C TRP C 63 36.22 -1.82 -8.67
N ALA C 64 37.15 -1.73 -7.72
CA ALA C 64 38.49 -2.22 -7.97
C ALA C 64 38.45 -3.70 -8.34
N HIS C 65 39.39 -4.12 -9.18
CA HIS C 65 39.44 -5.49 -9.68
C HIS C 65 39.52 -6.62 -8.65
N ASP C 66 39.91 -6.34 -7.39
CA ASP C 66 40.16 -7.41 -6.40
C ASP C 66 38.91 -8.21 -6.06
N ARG C 67 37.79 -7.56 -6.17
CA ARG C 67 36.55 -8.17 -5.84
C ARG C 67 35.95 -8.94 -6.99
N PHE C 68 36.49 -8.74 -8.20
CA PHE C 68 35.85 -9.24 -9.40
C PHE C 68 36.02 -10.74 -9.62
N GLY C 69 37.13 -11.32 -9.18
CA GLY C 69 37.28 -12.76 -9.32
C GLY C 69 36.23 -13.50 -8.52
N GLY C 70 36.00 -13.02 -7.30
CA GLY C 70 34.90 -13.53 -6.49
C GLY C 70 33.56 -13.40 -7.23
N TYR C 71 33.29 -12.25 -7.84
CA TYR C 71 31.99 -12.06 -8.52
C TYR C 71 31.87 -12.94 -9.76
N ALA C 72 32.97 -13.10 -10.48
CA ALA C 72 33.00 -13.89 -11.69
C ALA C 72 32.83 -15.34 -11.34
N GLN C 73 33.56 -15.81 -10.34
CA GLN C 73 33.46 -17.17 -9.89
C GLN C 73 32.04 -17.53 -9.44
N SER C 74 31.31 -16.59 -8.85
CA SER C 74 29.91 -16.82 -8.48
C SER C 74 28.95 -16.63 -9.65
N GLY C 75 29.49 -16.34 -10.83
CA GLY C 75 28.72 -16.18 -12.05
C GLY C 75 27.93 -14.90 -12.11
N LEU C 76 28.41 -13.86 -11.45
CA LEU C 76 27.69 -12.59 -11.44
C LEU C 76 28.09 -11.66 -12.61
N LEU C 77 29.14 -12.03 -13.35
CA LEU C 77 29.72 -11.20 -14.39
C LEU C 77 29.73 -11.85 -15.74
N ALA C 78 29.43 -11.08 -16.77
CA ALA C 78 29.45 -11.60 -18.14
C ALA C 78 30.88 -11.52 -18.59
N GLU C 79 31.27 -12.47 -19.44
CA GLU C 79 32.56 -12.39 -20.10
C GLU C 79 32.47 -11.22 -21.04
N ILE C 80 33.53 -10.42 -21.15
CA ILE C 80 33.44 -9.31 -22.09
C ILE C 80 34.37 -9.58 -23.27
N THR C 81 34.09 -8.87 -24.36
CA THR C 81 34.64 -9.22 -25.66
C THR C 81 35.07 -8.02 -26.49
N PRO C 82 36.05 -7.27 -25.99
CA PRO C 82 36.56 -6.20 -26.83
C PRO C 82 37.31 -6.75 -28.05
N ALA C 83 37.20 -6.07 -29.20
CA ALA C 83 38.00 -6.43 -30.37
C ALA C 83 39.46 -6.14 -30.07
N ALA C 84 40.34 -6.81 -30.81
CA ALA C 84 41.80 -6.60 -30.71
C ALA C 84 42.12 -5.11 -30.80
N ALA C 85 41.45 -4.46 -31.75
CA ALA C 85 41.51 -3.03 -31.94
C ALA C 85 41.27 -2.27 -30.64
N PHE C 86 40.23 -2.65 -29.91
CA PHE C 86 39.91 -1.91 -28.70
C PHE C 86 40.88 -2.21 -27.59
N GLN C 87 41.31 -3.46 -27.48
CA GLN C 87 42.24 -3.85 -26.41
C GLN C 87 43.57 -3.09 -26.51
N ASP C 88 44.02 -2.88 -27.72
CA ASP C 88 45.24 -2.12 -27.94
C ASP C 88 45.11 -0.65 -27.48
N LYS C 89 43.89 -0.19 -27.16
CA LYS C 89 43.71 1.19 -26.67
C LYS C 89 44.08 1.36 -25.20
N LEU C 90 44.10 0.24 -24.47
CA LEU C 90 44.38 0.26 -23.02
C LEU C 90 45.69 -0.45 -22.73
N TYR C 91 46.36 -0.05 -21.66
CA TYR C 91 47.62 -0.70 -21.29
C TYR C 91 47.36 -2.18 -21.03
N PRO C 92 48.24 -3.04 -21.57
CA PRO C 92 48.18 -4.46 -21.33
C PRO C 92 47.99 -4.84 -19.88
N PHE C 93 48.76 -4.24 -18.97
CA PHE C 93 48.74 -4.71 -17.59
C PHE C 93 47.38 -4.50 -16.94
N THR C 94 46.64 -3.48 -17.40
CA THR C 94 45.30 -3.23 -16.85
C THR C 94 44.31 -4.32 -17.24
N TRP C 95 44.44 -4.85 -18.46
CA TRP C 95 43.62 -5.97 -18.90
C TRP C 95 43.92 -7.20 -18.08
N ASP C 96 45.19 -7.40 -17.78
CA ASP C 96 45.64 -8.52 -16.99
C ASP C 96 44.94 -8.55 -15.62
N ALA C 97 44.73 -7.38 -15.01
CA ALA C 97 44.03 -7.29 -13.70
C ALA C 97 42.57 -7.77 -13.73
N VAL C 98 41.93 -7.63 -14.88
CA VAL C 98 40.52 -7.99 -15.05
C VAL C 98 40.36 -9.24 -15.89
N ARG C 99 41.46 -9.97 -16.07
CA ARG C 99 41.38 -11.34 -16.58
C ARG C 99 41.22 -12.26 -15.38
N TYR C 100 40.26 -13.17 -15.45
CA TYR C 100 40.10 -14.21 -14.46
C TYR C 100 39.85 -15.56 -15.13
N ASN C 101 40.74 -16.53 -14.92
CA ASN C 101 40.63 -17.85 -15.53
C ASN C 101 40.58 -17.75 -17.04
N GLY C 102 41.53 -17.00 -17.59
CA GLY C 102 41.65 -16.85 -19.04
C GLY C 102 40.61 -15.99 -19.71
N LYS C 103 39.64 -15.47 -18.96
CA LYS C 103 38.54 -14.68 -19.53
C LYS C 103 38.56 -13.23 -19.03
N LEU C 104 38.23 -12.30 -19.92
CA LEU C 104 38.05 -10.93 -19.49
C LEU C 104 36.70 -10.77 -18.83
N ILE C 105 36.70 -10.20 -17.62
CA ILE C 105 35.45 -10.07 -16.85
C ILE C 105 35.00 -8.62 -16.60
N ALA C 106 35.71 -7.67 -17.22
CA ALA C 106 35.46 -6.24 -16.98
C ALA C 106 36.34 -5.37 -17.83
N TYR C 107 35.98 -4.11 -17.96
CA TYR C 107 36.84 -3.12 -18.63
C TYR C 107 37.63 -2.35 -17.59
N PRO C 108 38.96 -2.29 -17.74
CA PRO C 108 39.78 -1.49 -16.82
C PRO C 108 39.63 -0.02 -17.10
N ILE C 109 39.56 0.75 -16.03
CA ILE C 109 39.29 2.19 -16.11
C ILE C 109 40.53 2.99 -15.69
N ALA C 110 40.99 2.74 -14.47
CA ALA C 110 42.11 3.47 -13.93
C ALA C 110 42.86 2.72 -12.86
N VAL C 111 44.12 3.10 -12.69
CA VAL C 111 44.99 2.53 -11.71
C VAL C 111 45.09 3.45 -10.50
N GLU C 112 44.69 2.90 -9.35
CA GLU C 112 44.60 3.61 -8.09
C GLU C 112 45.74 3.21 -7.18
N ALA C 113 46.47 4.18 -6.66
CA ALA C 113 47.32 3.93 -5.52
C ALA C 113 47.30 5.08 -4.51
N LEU C 114 47.37 4.70 -3.23
CA LEU C 114 47.45 5.64 -2.13
C LEU C 114 48.75 6.38 -2.14
N SER C 115 48.69 7.63 -1.70
CA SER C 115 49.90 8.42 -1.54
C SER C 115 49.87 9.16 -0.22
N LEU C 116 50.99 9.79 0.14
CA LEU C 116 51.02 10.69 1.30
C LEU C 116 50.57 12.07 0.84
N ILE C 117 49.54 12.64 1.46
CA ILE C 117 49.08 13.98 1.12
C ILE C 117 49.44 14.91 2.26
N TYR C 118 50.11 16.01 1.94
CA TYR C 118 50.62 16.89 2.99
C TYR C 118 50.32 18.37 2.72
N ASN C 119 50.18 19.12 3.82
CA ASN C 119 49.89 20.55 3.77
C ASN C 119 51.20 21.33 3.71
N LYS C 120 51.50 21.94 2.57
CA LYS C 120 52.75 22.64 2.38
C LYS C 120 52.97 23.84 3.28
N ASP C 121 51.89 24.50 3.72
CA ASP C 121 52.05 25.68 4.59
C ASP C 121 52.38 25.27 6.01
N LEU C 122 51.84 24.16 6.48
CA LEU C 122 52.19 23.63 7.80
C LEU C 122 53.47 22.81 7.77
N LEU C 123 53.77 22.19 6.64
CA LEU C 123 54.83 21.19 6.57
C LEU C 123 55.49 21.18 5.18
N PRO C 124 56.34 22.19 4.90
CA PRO C 124 56.96 22.32 3.59
C PRO C 124 57.86 21.14 3.24
N ASN C 125 58.50 20.54 4.25
CA ASN C 125 59.21 19.29 4.06
C ASN C 125 58.55 18.12 4.78
N PRO C 126 57.80 17.30 4.03
CA PRO C 126 57.17 16.19 4.70
C PRO C 126 58.23 15.14 5.12
N PRO C 127 57.93 14.33 6.16
CA PRO C 127 58.85 13.31 6.65
C PRO C 127 59.05 12.18 5.63
N LYS C 128 60.27 11.64 5.56
CA LYS C 128 60.62 10.54 4.67
C LYS C 128 60.40 9.17 5.33
N THR C 129 60.31 9.15 6.66
CA THR C 129 60.14 7.91 7.43
C THR C 129 58.97 7.99 8.41
N TRP C 130 58.36 6.84 8.70
CA TRP C 130 57.31 6.74 9.71
C TRP C 130 57.84 7.10 11.09
N GLU C 131 59.06 6.64 11.35
CA GLU C 131 59.69 6.82 12.66
C GLU C 131 59.84 8.31 13.08
N GLU C 132 59.92 9.22 12.11
CA GLU C 132 59.93 10.68 12.39
C GLU C 132 58.61 11.23 12.86
N ILE C 133 57.51 10.49 12.63
CA ILE C 133 56.20 11.10 12.80
C ILE C 133 55.86 11.43 14.25
N PRO C 134 56.25 10.59 15.22
CA PRO C 134 56.04 10.96 16.63
C PRO C 134 56.59 12.36 17.02
N ALA C 135 57.86 12.58 16.71
CA ALA C 135 58.52 13.84 17.00
C ALA C 135 57.84 14.98 16.25
N LEU C 136 57.51 14.77 14.97
CA LEU C 136 56.75 15.77 14.22
C LEU C 136 55.46 16.12 14.91
N ASP C 137 54.73 15.09 15.33
CA ASP C 137 53.40 15.26 15.93
C ASP C 137 53.53 16.01 17.22
N LYS C 138 54.50 15.60 18.04
CA LYS C 138 54.76 16.27 19.32
C LYS C 138 54.90 17.80 19.15
N GLU C 139 55.68 18.20 18.15
CA GLU C 139 55.85 19.61 17.81
C GLU C 139 54.59 20.28 17.31
N LEU C 140 53.83 19.57 16.50
CA LEU C 140 52.58 20.11 15.97
C LEU C 140 51.49 20.23 17.04
N LYS C 141 51.50 19.33 18.03
CA LYS C 141 50.52 19.40 19.12
C LYS C 141 50.77 20.63 19.98
N ALA C 142 52.04 21.01 20.18
CA ALA C 142 52.35 22.30 20.82
C ALA C 142 51.63 23.49 20.17
N LYS C 143 51.47 23.45 18.83
CA LYS C 143 50.70 24.47 18.08
C LYS C 143 49.18 24.20 18.05
N GLY C 144 48.72 23.10 18.64
CA GLY C 144 47.32 22.70 18.58
C GLY C 144 46.92 22.05 17.27
N LYS C 145 47.91 21.46 16.60
CA LYS C 145 47.70 20.72 15.36
C LYS C 145 48.14 19.28 15.58
N SER C 146 48.12 18.47 14.52
CA SER C 146 48.69 17.14 14.57
C SER C 146 49.42 16.79 13.26
N ALA C 147 50.26 15.78 13.34
CA ALA C 147 51.09 15.36 12.23
C ALA C 147 50.31 14.66 11.12
N LEU C 148 49.55 13.64 11.50
CA LEU C 148 48.95 12.72 10.56
C LEU C 148 47.62 12.13 11.02
N MET C 149 46.66 12.12 10.10
CA MET C 149 45.38 11.45 10.34
C MET C 149 44.93 10.80 9.05
N PHE C 150 44.50 9.55 9.16
CA PHE C 150 43.99 8.82 8.00
C PHE C 150 43.03 7.74 8.47
N ASN C 151 42.31 7.15 7.52
CA ASN C 151 41.23 6.25 7.84
C ASN C 151 41.73 4.95 8.41
N LEU C 152 41.54 4.75 9.70
CA LEU C 152 41.93 3.49 10.36
C LEU C 152 40.87 2.38 10.27
N GLN C 153 39.66 2.72 9.85
CA GLN C 153 38.56 1.75 9.80
C GLN C 153 38.55 0.87 8.55
N GLU C 154 39.38 1.20 7.55
CA GLU C 154 39.52 0.39 6.35
C GLU C 154 40.96 -0.08 6.24
N PRO C 155 41.16 -1.41 6.21
CA PRO C 155 42.52 -1.96 6.16
C PRO C 155 43.29 -1.55 4.90
N TYR C 156 42.57 -1.15 3.84
CA TYR C 156 43.18 -0.52 2.64
C TYR C 156 44.21 0.52 3.01
N PHE C 157 43.89 1.36 3.98
CA PHE C 157 44.70 2.54 4.32
C PHE C 157 45.90 2.24 5.23
N THR C 158 45.81 1.20 6.04
CA THR C 158 46.92 0.83 6.93
C THR C 158 47.80 -0.23 6.31
N TRP C 159 47.23 -0.99 5.38
CA TRP C 159 47.98 -2.07 4.73
C TRP C 159 49.39 -1.68 4.25
N PRO C 160 49.54 -0.50 3.62
CA PRO C 160 50.85 -0.11 3.17
C PRO C 160 51.89 -0.21 4.28
N LEU C 161 51.51 0.15 5.52
CA LEU C 161 52.51 0.13 6.62
C LEU C 161 52.74 -1.32 7.10
N ILE C 162 51.65 -2.08 7.23
CA ILE C 162 51.73 -3.47 7.62
C ILE C 162 52.63 -4.25 6.66
N ALA C 163 52.51 -3.97 5.36
CA ALA C 163 53.21 -4.71 4.30
C ALA C 163 54.68 -4.29 4.11
N ALA C 164 55.00 -3.05 4.50
CA ALA C 164 56.34 -2.50 4.28
C ALA C 164 57.47 -3.41 4.71
N ASP C 165 57.37 -4.01 5.91
CA ASP C 165 58.46 -4.88 6.38
C ASP C 165 58.25 -6.34 6.10
N GLY C 166 57.18 -6.69 5.38
CA GLY C 166 57.04 -8.09 4.97
C GLY C 166 55.68 -8.73 5.17
N GLY C 167 54.70 -7.96 5.66
CA GLY C 167 53.33 -8.43 5.67
C GLY C 167 52.88 -8.69 4.25
N TYR C 168 52.07 -9.72 4.06
CA TYR C 168 51.44 -9.95 2.78
C TYR C 168 50.03 -10.44 2.90
N ALA C 169 49.43 -10.76 1.76
CA ALA C 169 48.13 -11.35 1.76
C ALA C 169 48.40 -12.82 1.47
N PHE C 170 48.55 -13.16 0.19
CA PHE C 170 48.77 -14.53 -0.22
C PHE C 170 50.09 -14.66 -0.95
N LYS C 171 50.81 -15.76 -0.73
CA LYS C 171 52.02 -16.03 -1.45
C LYS C 171 51.71 -16.22 -2.91
N TYR C 172 52.71 -15.87 -3.72
CA TYR C 172 52.60 -15.97 -5.14
C TYR C 172 53.85 -16.65 -5.66
N ALA C 173 53.66 -17.65 -6.49
CA ALA C 173 54.77 -18.30 -7.15
C ALA C 173 54.25 -18.97 -8.39
N ALA C 174 54.94 -18.75 -9.49
CA ALA C 174 54.67 -19.48 -10.72
C ALA C 174 53.24 -19.36 -11.17
N GLY C 175 52.76 -18.13 -11.23
CA GLY C 175 51.41 -17.87 -11.72
C GLY C 175 50.25 -18.17 -10.77
N LYS C 176 50.55 -18.57 -9.53
CA LYS C 176 49.53 -19.11 -8.66
C LYS C 176 49.65 -18.53 -7.26
N TYR C 177 48.52 -18.04 -6.69
CA TYR C 177 48.45 -17.69 -5.26
C TYR C 177 48.15 -18.86 -4.34
N ASP C 178 48.95 -18.92 -3.29
CA ASP C 178 48.93 -20.05 -2.38
C ASP C 178 48.02 -19.56 -1.26
N ILE C 179 46.80 -20.05 -1.17
CA ILE C 179 45.89 -19.57 -0.13
C ILE C 179 46.13 -20.22 1.23
N LYS C 180 46.91 -21.30 1.25
CA LYS C 180 47.25 -22.04 2.47
C LYS C 180 48.30 -21.27 3.27
N ASP C 181 48.89 -20.26 2.63
CA ASP C 181 49.83 -19.36 3.27
C ASP C 181 49.33 -17.91 3.36
N VAL C 182 48.97 -17.41 4.55
CA VAL C 182 48.57 -15.99 4.68
C VAL C 182 49.64 -15.34 5.51
N GLY C 183 50.05 -14.16 5.04
CA GLY C 183 51.25 -13.54 5.57
C GLY C 183 50.94 -12.39 6.49
N VAL C 184 49.80 -12.46 7.14
CA VAL C 184 49.30 -11.35 7.92
C VAL C 184 49.80 -11.44 9.37
N ASP C 185 50.40 -12.56 9.75
CA ASP C 185 50.86 -12.80 11.12
C ASP C 185 52.39 -12.89 11.25
N ASN C 186 53.16 -12.45 10.25
CA ASN C 186 54.62 -12.50 10.38
C ASN C 186 55.25 -11.30 11.10
N ALA C 187 56.56 -11.37 11.34
CA ALA C 187 57.24 -10.34 12.12
C ALA C 187 57.16 -8.98 11.46
N GLY C 188 57.20 -8.97 10.12
CA GLY C 188 57.05 -7.72 9.37
C GLY C 188 55.69 -7.07 9.55
N ALA C 189 54.66 -7.91 9.43
CA ALA C 189 53.29 -7.47 9.63
C ALA C 189 53.10 -6.99 11.04
N LYS C 190 53.65 -7.76 12.00
CA LYS C 190 53.59 -7.35 13.40
C LYS C 190 54.29 -6.03 13.66
N ALA C 191 55.49 -5.87 13.15
CA ALA C 191 56.22 -4.64 13.36
C ALA C 191 55.41 -3.41 12.92
N GLY C 192 54.91 -3.49 11.69
CA GLY C 192 54.11 -2.41 11.08
C GLY C 192 52.88 -2.04 11.89
N LEU C 193 52.10 -3.05 12.26
CA LEU C 193 50.89 -2.81 13.02
C LEU C 193 51.23 -2.30 14.41
N THR C 194 52.25 -2.89 15.02
CA THR C 194 52.74 -2.43 16.31
C THR C 194 53.14 -0.96 16.27
N PHE C 195 53.80 -0.53 15.19
CA PHE C 195 54.08 0.91 15.06
C PHE C 195 52.79 1.76 15.09
N LEU C 196 51.80 1.31 14.33
CA LEU C 196 50.51 1.99 14.31
C LEU C 196 49.87 2.03 15.68
N VAL C 197 49.87 0.89 16.36
CA VAL C 197 49.27 0.78 17.68
C VAL C 197 50.00 1.68 18.67
N ASP C 198 51.32 1.68 18.59
CA ASP C 198 52.12 2.60 19.42
C ASP C 198 51.89 4.07 19.08
N LEU C 199 51.67 4.41 17.82
CA LEU C 199 51.25 5.79 17.55
C LEU C 199 49.99 6.17 18.35
N ILE C 200 49.05 5.24 18.44
CA ILE C 200 47.79 5.47 19.16
C ILE C 200 48.01 5.51 20.66
N LYS C 201 48.80 4.56 21.18
CA LYS C 201 49.06 4.53 22.63
C LYS C 201 49.79 5.81 23.10
N ASN C 202 50.71 6.32 22.28
CA ASN C 202 51.40 7.57 22.59
C ASN C 202 50.63 8.82 22.12
N LYS C 203 49.33 8.70 21.88
CA LYS C 203 48.46 9.84 21.60
C LYS C 203 48.78 10.63 20.32
N HIS C 204 49.43 10.00 19.36
CA HIS C 204 49.69 10.66 18.06
C HIS C 204 48.52 10.44 17.08
N MET C 205 47.65 9.46 17.37
CA MET C 205 46.44 9.20 16.58
C MET C 205 45.27 8.73 17.48
N ASN C 206 44.02 8.96 17.06
CA ASN C 206 42.88 8.28 17.66
C ASN C 206 42.48 7.05 16.87
N ALA C 207 42.21 6.00 17.64
CA ALA C 207 41.82 4.68 17.14
C ALA C 207 40.59 4.66 16.27
N ASP C 208 39.68 5.59 16.51
CA ASP C 208 38.41 5.57 15.80
C ASP C 208 38.36 6.58 14.64
N THR C 209 39.51 7.11 14.24
CA THR C 209 39.54 8.07 13.12
C THR C 209 39.10 7.32 11.87
N ASP C 210 38.13 7.87 11.16
CA ASP C 210 37.63 7.27 9.93
C ASP C 210 37.86 8.20 8.74
N TYR C 211 37.31 7.87 7.59
CA TYR C 211 37.63 8.65 6.37
C TYR C 211 37.22 10.08 6.51
N SER C 212 36.00 10.29 7.00
CA SER C 212 35.43 11.62 6.99
C SER C 212 36.08 12.52 8.05
N ILE C 213 36.41 11.96 9.20
CA ILE C 213 37.13 12.72 10.23
C ILE C 213 38.53 13.12 9.75
N ALA C 214 39.23 12.18 9.15
CA ALA C 214 40.56 12.44 8.60
C ALA C 214 40.47 13.45 7.47
N GLU C 215 39.44 13.32 6.62
CA GLU C 215 39.25 14.30 5.53
C GLU C 215 38.94 15.70 6.06
N ALA C 216 37.99 15.80 7.00
CA ALA C 216 37.67 17.07 7.63
C ALA C 216 38.89 17.66 8.33
N ALA C 217 39.64 16.83 9.03
CA ALA C 217 40.83 17.33 9.73
C ALA C 217 41.89 17.94 8.80
N PHE C 218 42.17 17.27 7.68
CA PHE C 218 43.16 17.78 6.74
C PHE C 218 42.67 19.03 6.04
N ASN C 219 41.43 18.99 5.53
CA ASN C 219 40.93 20.06 4.68
C ASN C 219 40.59 21.32 5.46
N LYS C 220 40.51 21.19 6.78
CA LYS C 220 40.29 22.36 7.63
C LYS C 220 41.61 22.80 8.30
N GLY C 221 42.73 22.22 7.88
CA GLY C 221 44.05 22.64 8.34
C GLY C 221 44.47 22.18 9.72
N GLU C 222 43.81 21.16 10.26
CA GLU C 222 44.06 20.75 11.66
C GLU C 222 45.23 19.77 11.78
N THR C 223 45.41 18.96 10.73
CA THR C 223 46.49 17.98 10.66
C THR C 223 47.34 18.28 9.44
N ALA C 224 48.62 17.99 9.52
CA ALA C 224 49.57 18.36 8.46
C ALA C 224 49.67 17.35 7.31
N MET C 225 49.25 16.09 7.57
CA MET C 225 49.22 15.05 6.52
C MET C 225 48.02 14.10 6.62
N THR C 226 47.66 13.49 5.50
CA THR C 226 46.70 12.38 5.47
C THR C 226 47.16 11.38 4.40
N ILE C 227 46.52 10.21 4.36
CA ILE C 227 46.84 9.22 3.33
C ILE C 227 45.56 8.92 2.59
N ASN C 228 45.61 9.06 1.26
CA ASN C 228 44.43 8.91 0.42
C ASN C 228 44.74 8.76 -1.06
N GLY C 229 43.70 8.47 -1.83
CA GLY C 229 43.85 8.24 -3.26
C GLY C 229 43.43 9.46 -4.06
N PRO C 230 43.65 9.39 -5.38
CA PRO C 230 43.30 10.43 -6.32
C PRO C 230 41.90 11.03 -6.14
N TRP C 231 40.92 10.17 -5.91
CA TRP C 231 39.56 10.61 -5.70
C TRP C 231 39.44 11.73 -4.65
N ALA C 232 40.34 11.75 -3.66
CA ALA C 232 40.18 12.74 -2.59
C ALA C 232 40.67 14.14 -2.95
N TRP C 233 41.53 14.25 -3.97
CA TRP C 233 42.17 15.53 -4.33
C TRP C 233 41.16 16.64 -4.59
N SER C 234 40.07 16.27 -5.24
CA SER C 234 38.99 17.18 -5.59
C SER C 234 38.46 18.03 -4.41
N ASN C 235 38.18 17.39 -3.27
CA ASN C 235 37.67 18.11 -2.09
C ASN C 235 38.72 18.96 -1.42
N ILE C 236 39.98 18.62 -1.61
CA ILE C 236 41.06 19.43 -1.08
C ILE C 236 41.19 20.66 -1.98
N ASP C 237 41.05 20.45 -3.30
CA ASP C 237 41.01 21.57 -4.26
C ASP C 237 40.00 22.65 -3.86
N THR C 238 38.79 22.25 -3.44
CA THR C 238 37.77 23.23 -3.02
C THR C 238 37.99 23.80 -1.61
N SER C 239 38.89 23.19 -0.82
CA SER C 239 39.31 23.83 0.45
C SER C 239 40.38 24.88 0.12
N ALA C 240 40.88 25.59 1.12
CA ALA C 240 41.94 26.56 0.89
C ALA C 240 43.32 25.96 1.16
N VAL C 241 43.43 24.62 1.23
CA VAL C 241 44.68 23.98 1.63
C VAL C 241 45.60 23.81 0.42
N ASN C 242 46.87 24.14 0.63
CA ASN C 242 47.90 23.97 -0.35
C ASN C 242 48.58 22.66 -0.11
N TYR C 243 48.26 21.69 -0.96
CA TYR C 243 48.67 20.31 -0.71
C TYR C 243 49.63 19.79 -1.73
N GLY C 244 50.48 18.89 -1.25
CA GLY C 244 51.39 18.13 -2.09
C GLY C 244 51.05 16.66 -1.93
N VAL C 245 51.41 15.87 -2.94
CA VAL C 245 51.11 14.46 -2.96
C VAL C 245 52.41 13.76 -3.23
N THR C 246 52.78 12.83 -2.36
CA THR C 246 54.12 12.30 -2.39
C THR C 246 54.22 10.82 -2.00
N VAL C 247 55.45 10.32 -2.13
CA VAL C 247 55.75 8.93 -1.81
C VAL C 247 55.51 8.73 -0.33
N LEU C 248 54.94 7.58 0.01
CA LEU C 248 54.61 7.27 1.37
C LEU C 248 55.88 7.14 2.17
N PRO C 249 55.80 7.37 3.50
CA PRO C 249 57.03 7.26 4.30
C PRO C 249 57.57 5.84 4.35
N THR C 250 58.88 5.72 4.53
CA THR C 250 59.52 4.42 4.69
C THR C 250 59.36 3.93 6.12
N PHE C 251 59.37 2.61 6.31
CA PHE C 251 59.28 2.00 7.62
C PHE C 251 60.34 0.93 7.75
N LYS C 252 61.12 1.02 8.82
CA LYS C 252 62.32 0.20 8.97
C LYS C 252 63.13 0.23 7.67
N GLY C 253 63.18 1.41 7.07
CA GLY C 253 63.92 1.64 5.85
C GLY C 253 63.37 1.00 4.60
N GLN C 254 62.18 0.41 4.69
CA GLN C 254 61.52 -0.22 3.55
C GLN C 254 60.39 0.68 3.07
N PRO C 255 60.18 0.77 1.76
CA PRO C 255 59.04 1.48 1.21
C PRO C 255 57.73 0.96 1.78
N SER C 256 56.76 1.85 2.06
CA SER C 256 55.40 1.40 2.35
C SER C 256 54.91 0.75 1.07
N LYS C 257 54.07 -0.27 1.21
CA LYS C 257 53.67 -1.10 0.06
C LYS C 257 52.16 -1.11 -0.10
N PRO C 258 51.62 -0.06 -0.73
CA PRO C 258 50.20 -0.04 -0.87
C PRO C 258 49.69 -1.12 -1.81
N PHE C 259 48.47 -1.54 -1.55
CA PHE C 259 47.80 -2.44 -2.45
C PHE C 259 47.26 -1.56 -3.56
N VAL C 260 47.54 -1.98 -4.78
CA VAL C 260 47.14 -1.26 -5.96
C VAL C 260 45.90 -1.87 -6.54
N GLY C 261 44.89 -1.03 -6.76
CA GLY C 261 43.65 -1.47 -7.43
C GLY C 261 43.50 -0.91 -8.83
N VAL C 262 42.93 -1.71 -9.71
CA VAL C 262 42.48 -1.24 -11.01
C VAL C 262 40.98 -1.07 -10.94
N LEU C 263 40.50 0.18 -10.89
CA LEU C 263 39.06 0.43 -10.94
C LEU C 263 38.56 -0.12 -12.26
N SER C 264 37.55 -0.96 -12.18
CA SER C 264 37.10 -1.72 -13.34
C SER C 264 35.59 -1.71 -13.45
N ALA C 265 35.08 -1.84 -14.67
CA ALA C 265 33.65 -1.81 -14.95
C ALA C 265 33.20 -3.16 -15.52
N GLY C 266 32.36 -3.86 -14.74
CA GLY C 266 31.92 -5.21 -15.08
C GLY C 266 30.48 -5.21 -15.48
N ILE C 267 30.10 -6.19 -16.31
CA ILE C 267 28.73 -6.28 -16.82
C ILE C 267 27.97 -7.41 -16.13
N ASN C 268 26.79 -7.09 -15.58
CA ASN C 268 26.01 -8.05 -14.81
C ASN C 268 25.65 -9.21 -15.72
N ALA C 269 26.01 -10.43 -15.32
CA ALA C 269 25.71 -11.59 -16.15
C ALA C 269 24.22 -11.73 -16.43
N ALA C 270 23.40 -11.20 -15.53
CA ALA C 270 21.95 -11.24 -15.68
C ALA C 270 21.39 -10.07 -16.47
N SER C 271 22.23 -9.16 -16.95
CA SER C 271 21.73 -7.97 -17.67
C SER C 271 21.25 -8.35 -19.06
N PRO C 272 20.05 -7.90 -19.45
CA PRO C 272 19.60 -8.05 -20.84
C PRO C 272 20.13 -6.95 -21.74
N ASN C 273 21.03 -6.12 -21.22
CA ASN C 273 21.53 -4.94 -21.91
C ASN C 273 23.03 -5.00 -22.13
N LYS C 274 23.51 -6.20 -22.41
CA LYS C 274 24.94 -6.41 -22.53
C LYS C 274 25.55 -5.62 -23.68
N GLU C 275 24.82 -5.54 -24.81
CA GLU C 275 25.29 -4.75 -25.97
C GLU C 275 25.32 -3.28 -25.65
N LEU C 276 24.25 -2.77 -25.06
CA LEU C 276 24.23 -1.36 -24.67
C LEU C 276 25.32 -1.04 -23.66
N ALA C 277 25.56 -1.95 -22.71
CA ALA C 277 26.64 -1.71 -21.74
C ALA C 277 28.02 -1.66 -22.42
N LYS C 278 28.23 -2.57 -23.36
CA LYS C 278 29.46 -2.59 -24.15
C LYS C 278 29.60 -1.32 -24.98
N GLU C 279 28.52 -0.93 -25.67
CA GLU C 279 28.48 0.38 -26.38
C GLU C 279 28.84 1.52 -25.44
N PHE C 280 28.17 1.61 -24.30
CA PHE C 280 28.43 2.68 -23.32
C PHE C 280 29.88 2.67 -22.85
N LEU C 281 30.38 1.52 -22.44
CA LEU C 281 31.74 1.46 -21.90
C LEU C 281 32.80 1.76 -22.98
N GLU C 282 32.67 1.08 -24.13
CA GLU C 282 33.68 1.22 -25.20
C GLU C 282 33.60 2.51 -25.95
N ASN C 283 32.40 3.02 -26.21
CA ASN C 283 32.29 4.17 -27.07
C ASN C 283 32.03 5.49 -26.36
N TYR C 284 31.71 5.46 -25.06
CA TYR C 284 31.39 6.68 -24.33
C TYR C 284 32.31 6.88 -23.12
N LEU C 285 32.40 5.89 -22.23
CA LEU C 285 33.25 6.06 -21.05
C LEU C 285 34.71 6.00 -21.40
N LEU C 286 35.13 4.95 -22.12
CA LEU C 286 36.56 4.81 -22.41
C LEU C 286 37.02 5.65 -23.62
N THR C 287 36.78 6.95 -23.51
CA THR C 287 37.24 7.93 -24.48
C THR C 287 37.85 9.08 -23.70
N ASP C 288 38.66 9.87 -24.39
CA ASP C 288 39.32 10.99 -23.75
C ASP C 288 38.28 11.87 -23.04
N GLU C 289 37.15 12.11 -23.72
CA GLU C 289 36.14 13.02 -23.20
C GLU C 289 35.32 12.38 -22.09
N GLY C 290 35.08 11.07 -22.18
CA GLY C 290 34.37 10.35 -21.12
C GLY C 290 35.20 10.28 -19.86
N LEU C 291 36.45 9.87 -20.00
CA LEU C 291 37.32 9.78 -18.82
C LEU C 291 37.56 11.15 -18.22
N GLU C 292 37.75 12.16 -19.10
CA GLU C 292 37.88 13.53 -18.58
C GLU C 292 36.69 13.95 -17.70
N ALA C 293 35.47 13.63 -18.13
CA ALA C 293 34.27 14.02 -17.39
C ALA C 293 34.24 13.43 -16.00
N VAL C 294 34.70 12.18 -15.88
CA VAL C 294 34.72 11.53 -14.57
C VAL C 294 35.87 12.11 -13.77
N ASN C 295 37.04 12.18 -14.39
CA ASN C 295 38.24 12.71 -13.77
C ASN C 295 38.02 14.11 -13.20
N LYS C 296 37.29 14.95 -13.93
CA LYS C 296 36.98 16.31 -13.48
C LYS C 296 36.11 16.30 -12.23
N ASP C 297 35.33 15.23 -12.02
CA ASP C 297 34.50 15.10 -10.81
C ASP C 297 35.38 14.64 -9.65
N LYS C 298 35.97 13.47 -9.79
CA LYS C 298 36.96 12.98 -8.82
C LYS C 298 38.08 12.28 -9.59
N PRO C 299 39.34 12.67 -9.34
CA PRO C 299 40.42 12.13 -10.15
C PRO C 299 40.45 10.62 -10.15
N LEU C 300 40.70 10.03 -11.32
CA LEU C 300 40.69 8.58 -11.51
C LEU C 300 42.01 7.96 -11.11
N GLY C 301 43.08 8.75 -11.12
CA GLY C 301 44.42 8.23 -10.96
C GLY C 301 45.04 8.13 -12.34
N ALA C 302 45.85 7.11 -12.56
CA ALA C 302 46.47 6.88 -13.88
C ALA C 302 45.50 6.07 -14.68
N VAL C 303 44.97 6.62 -15.76
CA VAL C 303 43.93 5.89 -16.50
C VAL C 303 44.49 4.76 -17.38
N ALA C 304 43.63 3.77 -17.64
CA ALA C 304 43.99 2.63 -18.47
C ALA C 304 44.08 3.02 -19.94
N LEU C 305 43.32 4.03 -20.33
CA LEU C 305 43.26 4.50 -21.70
C LEU C 305 44.51 5.31 -22.05
N LYS C 306 45.29 4.78 -22.99
CA LYS C 306 46.62 5.31 -23.27
C LYS C 306 46.58 6.76 -23.74
N SER C 307 45.66 7.04 -24.67
CA SER C 307 45.53 8.39 -25.24
C SER C 307 45.34 9.46 -24.17
N TYR C 308 44.52 9.17 -23.17
CA TYR C 308 44.28 10.12 -22.10
C TYR C 308 45.36 10.07 -21.03
N GLU C 309 45.94 8.89 -20.77
CA GLU C 309 47.02 8.81 -19.77
C GLU C 309 48.23 9.66 -20.11
N GLU C 310 48.52 9.76 -21.41
CA GLU C 310 49.62 10.60 -21.88
C GLU C 310 49.44 12.04 -21.42
N GLU C 311 48.20 12.50 -21.33
CA GLU C 311 47.88 13.86 -20.86
C GLU C 311 48.02 13.95 -19.34
N LEU C 312 47.46 12.97 -18.66
CA LEU C 312 47.47 12.97 -17.21
C LEU C 312 48.84 12.79 -16.61
N ALA C 313 49.73 12.11 -17.34
CA ALA C 313 51.04 11.75 -16.81
C ALA C 313 51.91 12.95 -16.41
N LYS C 314 51.59 14.12 -16.97
CA LYS C 314 52.26 15.39 -16.65
C LYS C 314 52.00 15.87 -15.22
N ASP C 315 50.85 15.49 -14.66
CA ASP C 315 50.42 15.85 -13.31
C ASP C 315 51.33 15.17 -12.28
N PRO C 316 52.02 15.95 -11.42
CA PRO C 316 52.93 15.32 -10.46
C PRO C 316 52.24 14.44 -9.41
N ARG C 317 50.95 14.69 -9.18
CA ARG C 317 50.14 13.89 -8.28
C ARG C 317 50.00 12.45 -8.85
N ILE C 318 49.89 12.36 -10.19
CA ILE C 318 49.79 11.08 -10.88
C ILE C 318 51.13 10.37 -10.86
N ALA C 319 52.22 11.13 -11.09
CA ALA C 319 53.56 10.57 -10.99
C ALA C 319 53.81 10.04 -9.56
N ALA C 320 53.38 10.80 -8.54
CA ALA C 320 53.44 10.29 -7.14
C ALA C 320 52.62 9.02 -6.97
N THR C 321 51.38 9.06 -7.46
CA THR C 321 50.52 7.88 -7.45
C THR C 321 51.23 6.65 -8.07
N MET C 322 51.86 6.85 -9.20
CA MET C 322 52.60 5.77 -9.87
C MET C 322 53.85 5.34 -9.10
N GLU C 323 54.58 6.30 -8.53
CA GLU C 323 55.73 5.95 -7.70
C GLU C 323 55.31 5.04 -6.56
N ASN C 324 54.23 5.41 -5.86
CA ASN C 324 53.69 4.50 -4.81
C ASN C 324 53.15 3.17 -5.33
N ALA C 325 52.38 3.22 -6.43
CA ALA C 325 51.89 1.97 -7.06
C ALA C 325 53.06 1.04 -7.39
N GLN C 326 54.15 1.60 -7.90
CA GLN C 326 55.34 0.82 -8.30
C GLN C 326 56.05 0.19 -7.11
N LYS C 327 56.04 0.88 -5.98
CA LYS C 327 56.57 0.34 -4.73
C LYS C 327 55.64 -0.67 -4.12
N GLY C 328 54.36 -0.52 -4.39
CA GLY C 328 53.38 -1.48 -3.87
C GLY C 328 53.16 -2.71 -4.72
N GLU C 329 51.94 -3.26 -4.66
CA GLU C 329 51.63 -4.54 -5.30
C GLU C 329 50.21 -4.57 -5.81
N ILE C 330 49.97 -5.17 -6.97
CA ILE C 330 48.62 -5.27 -7.52
C ILE C 330 47.87 -6.26 -6.64
N MET C 331 46.64 -5.90 -6.24
CA MET C 331 45.82 -6.79 -5.45
C MET C 331 45.59 -8.09 -6.22
N PRO C 332 45.59 -9.24 -5.52
CA PRO C 332 45.06 -10.45 -6.17
C PRO C 332 43.57 -10.23 -6.48
N ASN C 333 43.04 -10.95 -7.47
CA ASN C 333 41.61 -10.93 -7.74
C ASN C 333 40.95 -12.24 -7.39
N ILE C 334 41.72 -13.14 -6.73
CA ILE C 334 41.22 -14.45 -6.28
C ILE C 334 40.06 -14.26 -5.34
N PRO C 335 39.10 -15.23 -5.36
CA PRO C 335 37.89 -15.02 -4.52
C PRO C 335 38.16 -14.88 -3.03
N GLN C 336 39.30 -15.38 -2.53
CA GLN C 336 39.62 -15.32 -1.10
C GLN C 336 39.89 -13.91 -0.57
N MET C 337 40.20 -12.99 -1.45
CA MET C 337 40.48 -11.62 -1.06
C MET C 337 39.42 -11.07 -0.13
N SER C 338 38.18 -11.42 -0.44
CA SER C 338 37.03 -11.13 0.40
C SER C 338 37.23 -11.38 1.86
N ALA C 339 37.68 -12.60 2.16
CA ALA C 339 37.87 -13.00 3.53
C ALA C 339 39.09 -12.30 4.09
N PHE C 340 40.13 -12.13 3.26
CA PHE C 340 41.39 -11.50 3.69
C PHE C 340 41.08 -10.12 4.19
N TRP C 341 40.27 -9.37 3.42
CA TRP C 341 40.08 -7.96 3.63
C TRP C 341 39.38 -7.60 4.92
N TYR C 342 38.35 -8.37 5.28
CA TYR C 342 37.71 -8.24 6.56
C TYR C 342 38.62 -8.74 7.68
N ALA C 343 39.36 -9.80 7.38
CA ALA C 343 40.22 -10.49 8.36
C ALA C 343 41.13 -9.47 8.95
N VAL C 344 41.71 -8.67 8.05
CA VAL C 344 42.57 -7.58 8.48
C VAL C 344 41.79 -6.38 9.01
N ARG C 345 40.58 -6.15 8.47
CA ARG C 345 39.74 -5.01 8.89
C ARG C 345 39.42 -5.10 10.38
N THR C 346 39.15 -6.31 10.83
CA THR C 346 38.87 -6.58 12.22
C THR C 346 40.13 -6.49 13.11
N ALA C 347 41.20 -7.12 12.67
CA ALA C 347 42.47 -7.08 13.39
C ALA C 347 42.99 -5.66 13.68
N VAL C 348 42.99 -4.82 12.65
CA VAL C 348 43.49 -3.43 12.82
C VAL C 348 42.61 -2.70 13.80
N ILE C 349 41.29 -2.75 13.61
CA ILE C 349 40.36 -2.05 14.50
C ILE C 349 40.51 -2.54 15.92
N ASN C 350 40.65 -3.85 16.09
CA ASN C 350 40.78 -4.41 17.43
C ASN C 350 42.12 -4.09 18.11
N ALA C 351 43.22 -4.14 17.35
CA ALA C 351 44.53 -3.75 17.91
C ALA C 351 44.60 -2.25 18.19
N ALA C 352 44.00 -1.45 17.32
CA ALA C 352 43.98 0.02 17.44
C ALA C 352 43.18 0.47 18.63
N SER C 353 42.03 -0.19 18.86
CA SER C 353 41.15 0.11 20.00
C SER C 353 41.63 -0.51 21.29
N GLY C 354 42.53 -1.48 21.21
CA GLY C 354 43.02 -2.14 22.41
C GLY C 354 42.15 -3.31 22.85
N ARG C 355 41.23 -3.77 21.99
CA ARG C 355 40.44 -4.97 22.33
C ARG C 355 41.30 -6.20 22.32
N GLN C 356 42.30 -6.18 21.46
CA GLN C 356 43.23 -7.28 21.31
C GLN C 356 44.64 -6.72 21.23
N THR C 357 45.59 -7.51 21.69
CA THR C 357 46.98 -7.18 21.50
C THR C 357 47.29 -7.35 20.03
N VAL C 358 48.40 -6.76 19.59
CA VAL C 358 48.80 -6.88 18.16
C VAL C 358 48.94 -8.35 17.79
N ASP C 359 49.64 -9.11 18.65
CA ASP C 359 49.90 -10.52 18.42
C ASP C 359 48.64 -11.35 18.31
N ALA C 360 47.69 -11.12 19.22
CA ALA C 360 46.40 -11.85 19.22
C ALA C 360 45.49 -11.41 18.09
N ALA C 361 45.54 -10.12 17.75
CA ALA C 361 44.72 -9.60 16.66
C ALA C 361 45.18 -10.17 15.34
N LEU C 362 46.50 -10.13 15.11
CA LEU C 362 47.02 -10.66 13.84
C LEU C 362 46.99 -12.19 13.78
N ALA C 363 47.24 -12.84 14.91
CA ALA C 363 47.10 -14.29 14.97
C ALA C 363 45.71 -14.73 14.60
N ALA C 364 44.72 -14.03 15.12
CA ALA C 364 43.33 -14.32 14.79
C ALA C 364 43.01 -13.98 13.34
N ALA C 365 43.63 -12.94 12.79
CA ALA C 365 43.40 -12.61 11.38
C ALA C 365 43.91 -13.69 10.43
N GLN C 366 45.12 -14.18 10.66
CA GLN C 366 45.68 -15.24 9.82
C GLN C 366 44.73 -16.43 9.71
N THR C 367 43.96 -16.68 10.76
CA THR C 367 42.96 -17.71 10.65
C THR C 367 41.74 -17.18 9.93
N ASN C 368 41.29 -15.98 10.27
CA ASN C 368 40.00 -15.46 9.78
C ASN C 368 40.05 -15.16 8.31
N ALA C 369 41.24 -15.33 7.74
CA ALA C 369 41.45 -15.09 6.33
C ALA C 369 41.10 -16.35 5.56
N ALA C 370 40.61 -17.37 6.26
CA ALA C 370 40.31 -18.66 5.65
C ALA C 370 39.28 -18.39 4.59
N ALA C 371 39.27 -19.17 3.52
CA ALA C 371 38.62 -18.74 2.30
C ALA C 371 37.17 -18.42 2.58
N ASN C 372 36.54 -19.26 3.39
CA ASN C 372 35.29 -18.95 4.08
C ASN C 372 33.97 -19.15 3.35
N SER C 373 33.98 -19.61 2.10
CA SER C 373 32.74 -20.01 1.47
C SER C 373 32.84 -20.88 0.23
N VAL C 374 31.85 -21.73 0.03
CA VAL C 374 31.68 -22.45 -1.22
C VAL C 374 31.31 -21.48 -2.33
N GLY C 375 30.48 -20.51 -2.02
CA GLY C 375 30.19 -19.43 -2.95
C GLY C 375 31.38 -18.49 -2.89
N GLU C 376 31.78 -17.97 -4.04
CA GLU C 376 32.99 -17.13 -4.08
C GLU C 376 32.74 -15.67 -3.66
N ALA C 377 31.61 -15.13 -4.13
CA ALA C 377 31.22 -13.76 -3.81
C ALA C 377 30.37 -13.66 -2.54
N CYS C 378 30.15 -14.80 -1.88
CA CYS C 378 29.16 -14.90 -0.83
C CYS C 378 29.75 -14.75 0.56
N THR C 379 31.07 -14.59 0.65
CA THR C 379 31.73 -14.62 1.95
C THR C 379 31.30 -13.53 2.94
N ASP C 380 30.98 -12.34 2.42
CA ASP C 380 30.47 -11.24 3.23
C ASP C 380 29.05 -11.52 3.74
N MET C 381 28.18 -11.92 2.80
CA MET C 381 26.82 -12.30 3.17
C MET C 381 26.84 -13.37 4.26
N LYS C 382 27.84 -14.24 4.21
CA LYS C 382 28.07 -15.23 5.24
C LYS C 382 28.48 -14.61 6.56
N ARG C 383 29.58 -13.88 6.57
CA ARG C 383 30.06 -13.24 7.80
C ARG C 383 28.96 -12.41 8.47
N GLU C 384 28.11 -11.78 7.66
CA GLU C 384 26.99 -11.00 8.25
C GLU C 384 26.11 -11.98 8.94
N TYR C 385 25.72 -13.03 8.23
CA TYR C 385 24.74 -14.00 8.74
C TYR C 385 25.21 -14.83 9.92
N ASP C 386 26.26 -15.63 9.73
CA ASP C 386 26.91 -16.35 10.82
C ASP C 386 27.01 -15.47 12.08
N GLN C 387 27.49 -14.25 11.88
CA GLN C 387 27.71 -13.28 12.96
C GLN C 387 26.55 -13.31 13.91
N CYS C 388 25.35 -13.08 13.37
CA CYS C 388 24.07 -13.18 14.09
C CYS C 388 23.52 -14.56 14.58
N PHE C 389 23.57 -15.59 13.74
CA PHE C 389 23.08 -16.90 14.13
C PHE C 389 23.65 -17.27 15.48
N ASN C 390 24.87 -16.77 15.74
CA ASN C 390 25.55 -16.91 17.04
C ASN C 390 24.90 -16.04 18.10
N ARG C 391 24.73 -14.76 17.79
CA ARG C 391 24.01 -13.84 18.67
C ARG C 391 22.61 -14.35 19.01
N TRP C 392 21.96 -14.99 18.03
CA TRP C 392 20.68 -15.67 18.25
C TRP C 392 20.84 -16.79 19.27
N PHE C 393 21.92 -17.55 19.18
CA PHE C 393 22.24 -18.56 20.19
C PHE C 393 22.47 -17.93 21.61
N ALA C 394 22.26 -16.63 21.78
CA ALA C 394 22.09 -16.04 23.11
C ALA C 394 20.61 -16.16 23.49
N GLU C 395 19.75 -16.43 22.52
CA GLU C 395 18.37 -16.77 22.83
C GLU C 395 18.24 -18.27 23.05
N LYS C 396 18.64 -19.08 22.07
CA LYS C 396 18.46 -20.51 22.26
C LYS C 396 19.81 -21.23 22.45
N PRO C 406 14.13 -13.49 13.47
CA PRO C 406 15.41 -13.03 14.03
C PRO C 406 16.40 -12.68 12.96
N CYS C 407 17.13 -13.67 12.45
CA CYS C 407 18.05 -13.46 11.32
C CYS C 407 17.52 -14.05 10.01
N THR C 408 16.20 -14.15 9.90
CA THR C 408 15.50 -14.75 8.76
C THR C 408 16.12 -13.98 7.61
N ASP C 409 16.14 -12.65 7.71
CA ASP C 409 16.43 -11.73 6.61
C ASP C 409 17.77 -11.95 5.91
N LEU C 410 18.82 -11.74 6.72
CA LEU C 410 20.23 -11.86 6.31
C LEU C 410 20.49 -13.13 5.56
N PHE C 411 19.95 -14.22 6.11
CA PHE C 411 20.11 -15.57 5.59
C PHE C 411 19.64 -15.64 4.14
N LYS C 412 18.40 -15.26 3.87
CA LYS C 412 17.86 -15.45 2.55
C LYS C 412 18.86 -15.06 1.47
N ARG C 413 19.35 -13.82 1.56
CA ARG C 413 20.35 -13.26 0.62
C ARG C 413 21.57 -14.12 0.44
N TYR C 414 22.12 -14.58 1.56
CA TYR C 414 23.28 -15.49 1.65
C TYR C 414 23.00 -16.80 0.97
N GLN C 415 21.94 -17.45 1.41
CA GLN C 415 21.59 -18.75 0.87
C GLN C 415 21.52 -18.74 -0.65
N GLN C 416 20.93 -17.68 -1.18
CA GLN C 416 20.80 -17.56 -2.63
C GLN C 416 22.16 -17.46 -3.27
N CYS C 417 23.03 -16.65 -2.70
CA CYS C 417 24.34 -16.41 -3.32
C CYS C 417 25.11 -17.72 -3.46
N VAL C 418 25.07 -18.51 -2.39
CA VAL C 418 25.84 -19.75 -2.35
C VAL C 418 25.11 -20.85 -3.14
N GLN C 419 23.77 -20.79 -3.17
CA GLN C 419 23.04 -21.77 -3.97
C GLN C 419 23.22 -21.56 -5.46
N LYS C 420 23.56 -20.35 -5.89
CA LYS C 420 23.80 -20.07 -7.29
C LYS C 420 25.16 -20.62 -7.73
N ALA C 421 26.16 -20.51 -6.86
CA ALA C 421 27.44 -21.16 -7.11
C ALA C 421 27.28 -22.70 -7.02
N ILE C 422 26.53 -23.19 -6.02
CA ILE C 422 26.26 -24.63 -5.93
C ILE C 422 25.56 -25.23 -7.17
N LYS C 423 25.08 -24.37 -8.07
CA LYS C 423 24.54 -24.84 -9.36
C LYS C 423 25.57 -25.61 -10.20
N GLU C 424 26.78 -25.08 -10.30
CA GLU C 424 27.84 -25.68 -11.17
C GLU C 424 28.73 -26.70 -10.44
N LYS C 425 28.12 -27.46 -9.53
CA LYS C 425 28.78 -28.38 -8.62
C LYS C 425 27.61 -29.18 -8.08
N GLU C 426 27.85 -29.93 -7.00
CA GLU C 426 26.87 -30.88 -6.48
C GLU C 426 26.45 -30.57 -5.04
N MET D 15 33.87 -52.02 5.40
CA MET D 15 33.39 -51.25 6.55
C MET D 15 34.39 -51.28 7.70
N LYS D 16 34.80 -50.10 8.13
CA LYS D 16 35.65 -49.96 9.30
C LYS D 16 34.94 -49.07 10.32
N ILE D 17 34.85 -49.52 11.56
CA ILE D 17 34.17 -48.72 12.56
C ILE D 17 35.14 -48.20 13.61
N TRP D 18 35.13 -46.89 13.83
CA TRP D 18 35.94 -46.26 14.89
C TRP D 18 34.89 -45.92 15.94
N SER D 19 35.22 -45.93 17.22
CA SER D 19 34.32 -45.43 18.24
C SER D 19 35.22 -44.63 19.12
N SER D 20 34.75 -43.51 19.66
CA SER D 20 35.52 -42.82 20.69
C SER D 20 34.62 -41.90 21.44
N GLU D 21 34.93 -41.57 22.67
CA GLU D 21 34.23 -40.46 23.24
C GLU D 21 35.32 -39.62 23.83
N HIS D 22 35.03 -38.34 23.95
CA HIS D 22 35.94 -37.38 24.56
C HIS D 22 35.07 -36.62 25.53
N VAL D 23 35.66 -36.21 26.64
CA VAL D 23 34.94 -35.40 27.62
C VAL D 23 35.47 -33.97 27.63
N PHE D 24 34.54 -33.03 27.58
CA PHE D 24 34.88 -31.63 27.52
C PHE D 24 34.67 -30.99 28.89
N GLY D 25 35.77 -30.49 29.45
CA GLY D 25 35.75 -29.74 30.68
C GLY D 25 35.24 -28.34 30.41
N HIS D 26 33.96 -28.28 30.08
CA HIS D 26 33.26 -27.05 29.79
C HIS D 26 31.76 -27.35 29.77
N PRO D 27 30.93 -26.34 30.08
CA PRO D 27 29.50 -26.46 29.96
C PRO D 27 29.04 -26.81 28.56
N TRP D 28 27.92 -27.50 28.51
CA TRP D 28 27.41 -27.97 27.25
C TRP D 28 27.13 -26.79 26.33
N ASP D 29 26.57 -25.73 26.90
CA ASP D 29 26.20 -24.57 26.13
C ASP D 29 27.41 -24.06 25.33
N THR D 30 28.50 -23.82 26.07
CA THR D 30 29.66 -23.19 25.48
C THR D 30 30.29 -24.16 24.45
N VAL D 31 30.30 -25.45 24.79
CA VAL D 31 30.85 -26.44 23.85
C VAL D 31 30.03 -26.51 22.57
N ILE D 32 28.71 -26.45 22.67
CA ILE D 32 27.87 -26.40 21.46
C ILE D 32 28.06 -25.14 20.66
N GLN D 33 28.20 -24.02 21.38
CA GLN D 33 28.47 -22.79 20.66
C GLN D 33 29.78 -22.98 19.88
N ALA D 34 30.83 -23.49 20.55
CA ALA D 34 32.12 -23.73 19.86
C ALA D 34 31.94 -24.71 18.69
N ALA D 35 31.09 -25.70 18.92
CA ALA D 35 30.84 -26.77 17.98
C ALA D 35 30.32 -26.26 16.68
N MET D 36 29.54 -25.19 16.77
CA MET D 36 29.09 -24.57 15.53
C MET D 36 30.22 -23.91 14.70
N ARG D 37 31.34 -23.51 15.32
CA ARG D 37 32.44 -22.83 14.58
C ARG D 37 33.63 -23.71 14.04
N LYS D 38 33.84 -23.67 12.72
CA LYS D 38 35.00 -24.28 12.03
C LYS D 38 36.01 -23.17 11.80
N TYR D 39 36.94 -23.35 10.85
CA TYR D 39 38.01 -22.38 10.60
C TYR D 39 38.93 -22.16 11.80
N PRO D 40 39.29 -23.23 12.52
CA PRO D 40 40.25 -23.10 13.58
C PRO D 40 41.62 -23.47 13.04
N ASN D 41 42.68 -23.12 13.76
CA ASN D 41 44.01 -23.35 13.23
C ASN D 41 44.39 -24.81 13.04
N PRO D 42 43.77 -25.68 13.83
CA PRO D 42 44.06 -27.11 13.81
C PRO D 42 43.69 -27.75 12.48
N MET D 43 42.55 -27.33 11.93
CA MET D 43 42.01 -27.88 10.68
C MET D 43 41.69 -26.82 9.62
N ASN D 44 42.14 -27.08 8.40
CA ASN D 44 41.94 -26.20 7.23
C ASN D 44 40.51 -25.98 6.68
N PRO D 45 39.65 -27.09 6.68
CA PRO D 45 38.50 -26.92 5.77
C PRO D 45 37.48 -25.80 6.04
N SER D 46 37.05 -25.18 4.94
CA SER D 46 35.99 -24.16 4.91
C SER D 46 34.58 -24.75 4.94
N VAL D 47 33.58 -23.92 5.23
CA VAL D 47 32.19 -24.37 5.35
C VAL D 47 31.09 -23.29 5.22
N LEU D 48 29.83 -23.73 5.21
CA LEU D 48 28.68 -22.79 5.07
C LEU D 48 27.27 -23.43 5.38
N GLY D 49 26.33 -22.65 5.95
CA GLY D 49 25.05 -23.14 6.51
C GLY D 49 23.96 -23.08 5.45
N VAL D 50 23.70 -24.18 4.77
CA VAL D 50 22.75 -24.27 3.64
C VAL D 50 21.23 -24.28 4.00
N ASP D 51 20.83 -25.06 5.00
CA ASP D 51 19.43 -25.16 5.43
C ASP D 51 19.40 -25.14 6.96
N VAL D 52 18.59 -24.27 7.57
CA VAL D 52 18.33 -24.33 9.02
C VAL D 52 16.90 -23.89 9.38
N LEU D 53 16.21 -24.68 10.19
CA LEU D 53 14.84 -24.36 10.59
C LEU D 53 14.76 -24.60 12.07
N GLN D 54 14.13 -23.67 12.76
CA GLN D 54 14.16 -23.62 14.21
C GLN D 54 12.91 -24.19 14.86
N GLY D 61 8.87 -28.53 17.62
CA GLY D 61 9.62 -27.58 18.41
C GLY D 61 11.03 -28.07 18.60
N ARG D 62 11.98 -27.41 17.93
CA ARG D 62 13.37 -27.88 17.84
C ARG D 62 14.28 -26.99 17.00
N LEU D 63 15.57 -27.32 16.99
CA LEU D 63 16.54 -26.77 15.99
C LEU D 63 17.14 -27.81 15.05
N HIS D 64 17.05 -27.57 13.75
CA HIS D 64 17.74 -28.39 12.77
C HIS D 64 18.65 -27.48 12.04
N SER D 65 19.75 -28.02 11.49
CA SER D 65 20.69 -27.14 10.79
C SER D 65 21.52 -27.95 9.77
N LEU D 66 21.74 -27.44 8.57
CA LEU D 66 22.37 -28.24 7.49
C LEU D 66 23.56 -27.52 6.86
N ARG D 67 24.73 -28.11 6.84
CA ARG D 67 25.87 -27.42 6.24
C ARG D 67 26.53 -28.21 5.14
N LEU D 68 27.41 -27.51 4.47
CA LEU D 68 28.34 -28.09 3.50
C LEU D 68 29.70 -27.64 3.96
N LEU D 69 30.61 -28.60 4.09
CA LEU D 69 32.00 -28.27 4.37
C LEU D 69 32.83 -28.77 3.21
N SER D 70 33.61 -27.88 2.60
CA SER D 70 34.52 -28.28 1.55
C SER D 70 35.82 -28.57 2.28
N THR D 71 36.24 -29.83 2.24
CA THR D 71 37.39 -30.25 3.01
C THR D 71 38.54 -30.62 2.10
N GLU D 72 39.71 -30.04 2.35
CA GLU D 72 40.86 -30.31 1.53
C GLU D 72 41.74 -31.38 2.18
N TRP D 73 41.76 -32.54 1.56
CA TRP D 73 42.63 -33.62 2.00
C TRP D 73 42.57 -34.71 0.96
N ARG D 80 48.66 -37.94 -2.74
CA ARG D 80 49.44 -37.95 -3.97
C ARG D 80 48.86 -38.70 -5.16
N ALA D 81 48.98 -40.02 -5.15
CA ALA D 81 48.26 -40.88 -6.10
C ALA D 81 46.73 -40.91 -5.92
N ILE D 82 46.27 -40.96 -4.68
CA ILE D 82 44.84 -40.87 -4.36
C ILE D 82 44.24 -39.50 -4.71
N LEU D 83 45.01 -38.48 -4.39
CA LEU D 83 44.68 -37.12 -4.75
C LEU D 83 44.69 -37.04 -6.27
N GLY D 84 45.60 -37.79 -6.88
CA GLY D 84 45.71 -37.87 -8.32
C GLY D 84 44.44 -38.45 -8.94
N THR D 85 43.89 -39.46 -8.28
CA THR D 85 42.59 -40.01 -8.64
C THR D 85 41.45 -38.99 -8.51
N SER D 86 41.45 -38.20 -7.43
CA SER D 86 40.45 -37.15 -7.34
C SER D 86 41.07 -35.77 -7.56
N ARG D 87 40.86 -35.22 -8.77
CA ARG D 87 41.28 -33.87 -9.09
C ARG D 87 40.51 -32.81 -8.30
N THR D 88 39.20 -33.02 -8.19
CA THR D 88 38.29 -32.07 -7.57
C THR D 88 38.42 -31.99 -6.06
N LEU D 89 38.15 -30.81 -5.51
CA LEU D 89 38.09 -30.63 -4.07
C LEU D 89 36.93 -31.46 -3.54
N THR D 90 37.11 -32.08 -2.38
CA THR D 90 36.10 -33.02 -1.84
C THR D 90 35.14 -32.31 -0.87
N TYR D 91 33.82 -32.51 -1.05
CA TYR D 91 32.78 -31.79 -0.26
C TYR D 91 32.16 -32.67 0.82
N ILE D 92 32.02 -32.15 2.03
CA ILE D 92 31.43 -32.92 3.12
C ILE D 92 30.09 -32.28 3.47
N ARG D 93 29.08 -33.11 3.76
CA ARG D 93 27.73 -32.70 4.11
C ARG D 93 27.51 -33.04 5.57
N GLU D 94 27.06 -32.07 6.36
CA GLU D 94 26.79 -32.24 7.79
C GLU D 94 25.30 -32.06 8.02
N HIS D 95 24.63 -32.94 8.76
CA HIS D 95 23.23 -32.71 9.16
C HIS D 95 23.34 -32.72 10.65
N SER D 96 22.88 -31.68 11.35
CA SER D 96 22.87 -31.67 12.82
C SER D 96 21.58 -31.12 13.38
N VAL D 97 21.11 -31.74 14.45
CA VAL D 97 19.92 -31.28 15.14
C VAL D 97 20.33 -31.02 16.58
N VAL D 98 19.93 -29.85 17.08
CA VAL D 98 20.08 -29.46 18.47
C VAL D 98 18.71 -29.40 19.15
N ASP D 99 17.74 -30.05 18.53
CA ASP D 99 16.34 -29.86 18.85
C ASP D 99 15.94 -30.21 20.28
N PRO D 100 16.51 -31.25 20.86
CA PRO D 100 16.01 -31.68 22.17
C PRO D 100 16.16 -30.57 23.21
N VAL D 101 15.13 -30.37 24.04
CA VAL D 101 15.17 -29.28 25.03
C VAL D 101 16.32 -29.46 26.00
N GLU D 102 16.53 -30.70 26.46
CA GLU D 102 17.71 -31.02 27.24
C GLU D 102 18.89 -30.83 26.31
N LYS D 103 20.01 -30.33 26.81
CA LYS D 103 21.10 -30.00 25.91
C LYS D 103 21.50 -31.25 25.14
N LYS D 104 21.55 -31.11 23.82
CA LYS D 104 21.86 -32.23 22.95
C LYS D 104 22.29 -31.73 21.58
N MET D 105 23.06 -32.55 20.88
CA MET D 105 23.46 -32.25 19.53
C MET D 105 23.74 -33.54 18.78
N GLU D 106 23.51 -33.52 17.48
CA GLU D 106 23.92 -34.60 16.61
C GLU D 106 24.40 -33.97 15.31
N LEU D 107 25.41 -34.56 14.69
CA LEU D 107 25.81 -34.08 13.34
C LEU D 107 26.20 -35.26 12.47
N CYS D 108 25.76 -35.32 11.21
CA CYS D 108 26.12 -36.44 10.33
C CYS D 108 26.93 -36.02 9.08
N SER D 109 28.06 -36.69 8.82
CA SER D 109 28.97 -36.29 7.73
C SER D 109 29.10 -37.36 6.66
N THR D 110 29.01 -36.96 5.40
CA THR D 110 29.11 -37.88 4.29
C THR D 110 29.92 -37.34 3.12
N ASN D 111 30.55 -38.23 2.36
CA ASN D 111 31.39 -37.76 1.27
C ASN D 111 30.71 -37.84 -0.09
N ILE D 112 30.67 -36.71 -0.78
CA ILE D 112 30.16 -36.66 -2.14
C ILE D 112 31.29 -36.96 -3.13
N THR D 113 31.43 -38.24 -3.46
CA THR D 113 32.39 -38.69 -4.47
C THR D 113 31.78 -39.78 -5.37
N LEU D 114 32.65 -40.47 -6.13
CA LEU D 114 32.21 -41.52 -7.04
C LEU D 114 32.75 -42.87 -6.56
N THR D 115 33.13 -42.92 -5.29
CA THR D 115 33.65 -44.12 -4.71
C THR D 115 33.25 -44.23 -3.23
N ASN D 116 34.03 -44.95 -2.44
CA ASN D 116 33.70 -45.20 -1.03
C ASN D 116 33.02 -44.04 -0.28
N LEU D 117 32.05 -44.40 0.56
CA LEU D 117 31.40 -43.49 1.51
C LEU D 117 31.81 -43.60 2.98
N VAL D 118 31.99 -42.45 3.62
CA VAL D 118 32.40 -42.38 5.04
C VAL D 118 31.30 -41.68 5.88
N SER D 119 30.98 -42.11 7.10
CA SER D 119 29.96 -41.36 7.86
C SER D 119 30.50 -41.21 9.26
N VAL D 120 30.39 -40.02 9.83
CA VAL D 120 30.82 -39.78 11.21
C VAL D 120 29.57 -39.26 11.90
N ASN D 121 29.24 -39.75 13.09
CA ASN D 121 28.13 -39.15 13.82
C ASN D 121 28.61 -38.77 15.20
N GLU D 122 28.28 -37.56 15.66
CA GLU D 122 28.70 -37.11 16.98
C GLU D 122 27.45 -36.80 17.78
N ARG D 123 27.44 -37.23 19.06
CA ARG D 123 26.48 -36.76 20.04
C ARG D 123 27.21 -36.03 21.16
N LEU D 124 26.82 -34.79 21.39
CA LEU D 124 27.39 -33.95 22.43
C LEU D 124 26.31 -33.73 23.51
N VAL D 125 26.47 -34.34 24.68
CA VAL D 125 25.48 -34.29 25.77
C VAL D 125 26.22 -34.08 27.09
N TYR D 126 25.53 -33.59 28.11
CA TYR D 126 26.23 -33.26 29.35
C TYR D 126 25.75 -34.08 30.56
N THR D 127 26.62 -34.84 31.21
CA THR D 127 26.32 -35.32 32.58
C THR D 127 27.59 -35.36 33.45
N PRO D 128 27.44 -35.18 34.77
CA PRO D 128 28.52 -35.36 35.74
C PRO D 128 28.63 -36.79 36.26
N GLU D 134 28.58 -29.13 35.67
CA GLU D 134 28.26 -29.55 34.30
C GLU D 134 29.45 -29.31 33.36
N MET D 135 30.19 -30.40 33.16
CA MET D 135 31.12 -30.55 32.06
C MET D 135 30.31 -31.19 30.94
N THR D 136 30.88 -31.25 29.73
CA THR D 136 30.21 -31.91 28.61
C THR D 136 31.10 -32.87 27.85
N VAL D 137 30.48 -33.89 27.24
CA VAL D 137 31.18 -35.00 26.60
C VAL D 137 30.55 -35.34 25.27
N LEU D 138 31.35 -35.76 24.30
CA LEU D 138 30.79 -36.34 23.08
C LEU D 138 31.15 -37.79 22.92
N THR D 139 30.37 -38.45 22.07
CA THR D 139 30.57 -39.84 21.68
C THR D 139 30.52 -39.86 20.13
N GLN D 140 31.51 -40.42 19.45
CA GLN D 140 31.52 -40.43 17.99
C GLN D 140 31.71 -41.79 17.36
N GLU D 141 31.25 -41.89 16.12
CA GLU D 141 31.56 -43.05 15.30
C GLU D 141 32.02 -42.59 13.95
N ALA D 142 32.92 -43.37 13.38
CA ALA D 142 33.29 -43.26 11.99
C ALA D 142 33.12 -44.62 11.31
N ILE D 143 32.37 -44.61 10.20
CA ILE D 143 32.13 -45.81 9.38
C ILE D 143 32.68 -45.58 7.98
N ILE D 144 33.75 -46.29 7.63
CA ILE D 144 34.40 -46.12 6.32
C ILE D 144 34.22 -47.35 5.43
N THR D 145 33.79 -47.13 4.18
CA THR D 145 33.58 -48.22 3.25
C THR D 145 34.32 -47.98 1.94
N LEU D 155 45.03 -47.37 1.38
CA LEU D 155 43.83 -48.10 1.79
C LEU D 155 43.23 -47.73 3.16
N GLU D 156 42.93 -48.73 3.99
CA GLU D 156 42.35 -48.49 5.29
C GLU D 156 43.34 -47.65 6.07
N SER D 157 44.63 -47.93 5.90
CA SER D 157 45.64 -47.20 6.64
C SER D 157 45.63 -45.73 6.30
N LEU D 158 45.53 -45.35 5.03
CA LEU D 158 45.31 -43.94 4.75
C LEU D 158 43.94 -43.44 5.24
N MET D 159 42.89 -44.20 4.93
CA MET D 159 41.51 -43.80 5.30
C MET D 159 41.09 -43.83 6.77
N ALA D 160 41.40 -44.93 7.47
CA ALA D 160 40.98 -45.12 8.86
C ALA D 160 41.67 -44.16 9.81
N ASN D 161 42.94 -43.97 9.54
CA ASN D 161 43.89 -43.24 10.36
C ASN D 161 43.54 -41.78 10.27
N THR D 162 43.24 -41.34 9.04
CA THR D 162 42.98 -39.95 8.78
C THR D 162 41.73 -39.50 9.53
N ILE D 163 40.69 -40.33 9.50
CA ILE D 163 39.46 -39.99 10.21
C ILE D 163 39.64 -39.95 11.73
N SER D 164 40.45 -40.87 12.25
CA SER D 164 40.75 -40.91 13.67
C SER D 164 41.49 -39.65 14.10
N SER D 165 42.19 -39.04 13.14
CA SER D 165 43.04 -37.91 13.37
C SER D 165 42.24 -36.63 13.27
N ASN D 166 41.38 -36.58 12.25
CA ASN D 166 40.48 -35.44 12.09
C ASN D 166 39.64 -35.23 13.34
N ALA D 167 39.10 -36.33 13.88
CA ALA D 167 38.29 -36.22 15.08
C ALA D 167 39.08 -35.69 16.27
N LYS D 168 40.30 -36.18 16.44
CA LYS D 168 41.16 -35.67 17.53
C LYS D 168 41.43 -34.17 17.33
N LYS D 169 41.72 -33.81 16.07
CA LYS D 169 41.97 -32.39 15.76
C LYS D 169 40.76 -31.57 16.11
N GLY D 170 39.59 -32.11 15.77
CA GLY D 170 38.33 -31.42 16.02
C GLY D 170 38.07 -31.08 17.47
N TRP D 171 38.33 -32.03 18.37
CA TRP D 171 38.15 -31.77 19.81
C TRP D 171 39.02 -30.61 20.19
N ALA D 172 40.26 -30.66 19.70
CA ALA D 172 41.26 -29.62 19.96
C ALA D 172 40.82 -28.25 19.44
N ALA D 173 40.23 -28.24 18.25
CA ALA D 173 39.72 -27.01 17.66
C ALA D 173 38.57 -26.44 18.49
N ILE D 174 37.66 -27.31 18.91
CA ILE D 174 36.58 -26.83 19.77
C ILE D 174 37.19 -26.27 21.05
N GLU D 175 38.15 -27.00 21.62
CA GLU D 175 38.83 -26.49 22.79
C GLU D 175 39.47 -25.20 22.44
N TRP D 176 40.00 -25.12 21.22
CA TRP D 176 40.63 -23.88 20.77
C TRP D 176 39.63 -22.71 20.70
N ILE D 177 38.52 -22.94 20.01
CA ILE D 177 37.50 -21.93 19.76
C ILE D 177 37.01 -21.27 21.03
N ILE D 178 36.91 -22.01 22.13
CA ILE D 178 36.44 -21.42 23.38
C ILE D 178 37.36 -20.24 23.74
N GLU D 179 38.66 -20.51 23.76
CA GLU D 179 39.61 -19.51 24.22
C GLU D 179 39.46 -18.25 23.41
N HIS D 180 39.39 -18.41 22.08
CA HIS D 180 39.42 -17.26 21.18
C HIS D 180 38.09 -16.59 20.87
N SER D 181 36.98 -17.31 21.04
CA SER D 181 35.69 -16.66 21.00
C SER D 181 35.75 -15.73 22.18
N GLU E 5 14.18 18.21 -16.87
CA GLU E 5 12.74 18.12 -17.09
C GLU E 5 12.36 16.66 -17.36
N GLY E 6 11.20 16.24 -16.85
CA GLY E 6 10.67 14.89 -17.09
C GLY E 6 11.18 13.79 -16.18
N LYS E 7 11.67 14.18 -15.01
CA LYS E 7 12.37 13.25 -14.14
C LYS E 7 12.28 13.82 -12.72
N LEU E 8 12.36 12.97 -11.70
CA LEU E 8 12.42 13.47 -10.32
C LEU E 8 13.73 13.08 -9.64
N VAL E 9 14.37 14.08 -9.02
CA VAL E 9 15.55 13.83 -8.21
C VAL E 9 15.23 14.28 -6.81
N ILE E 10 15.42 13.38 -5.84
CA ILE E 10 15.08 13.66 -4.45
C ILE E 10 16.33 13.54 -3.57
N TRP E 11 16.47 14.49 -2.65
CA TRP E 11 17.54 14.43 -1.67
C TRP E 11 16.95 14.22 -0.29
N ILE E 12 17.52 13.29 0.46
CA ILE E 12 17.08 13.03 1.84
C ILE E 12 18.27 12.59 2.67
N ASN E 13 18.23 12.88 3.96
CA ASN E 13 19.39 12.63 4.82
C ASN E 13 19.75 11.13 4.93
N GLY E 14 21.04 10.87 5.06
CA GLY E 14 21.54 9.50 5.07
C GLY E 14 21.09 8.61 6.21
N ASP E 15 20.53 9.19 7.27
CA ASP E 15 20.04 8.38 8.38
C ASP E 15 18.57 7.96 8.21
N LYS E 16 17.94 8.40 7.11
CA LYS E 16 16.51 8.11 6.88
C LYS E 16 16.35 6.91 5.94
N GLY E 17 15.09 6.53 5.77
CA GLY E 17 14.75 5.42 4.92
C GLY E 17 14.80 5.75 3.44
N TYR E 18 15.99 6.10 2.96
CA TYR E 18 16.13 6.47 1.55
C TYR E 18 15.98 5.29 0.60
N ASN E 19 16.32 4.08 1.05
CA ASN E 19 16.04 2.88 0.27
C ASN E 19 14.54 2.63 0.13
N GLY E 20 13.80 2.88 1.20
CA GLY E 20 12.35 2.71 1.21
C GLY E 20 11.71 3.76 0.34
N LEU E 21 12.24 5.00 0.43
CA LEU E 21 11.74 6.05 -0.45
C LEU E 21 11.99 5.72 -1.93
N ALA E 22 13.13 5.11 -2.22
CA ALA E 22 13.44 4.68 -3.58
C ALA E 22 12.44 3.63 -4.11
N GLU E 23 11.88 2.83 -3.20
CA GLU E 23 10.82 1.86 -3.56
C GLU E 23 9.55 2.58 -3.98
N VAL E 24 9.19 3.62 -3.22
CA VAL E 24 8.07 4.46 -3.59
C VAL E 24 8.38 5.11 -4.93
N GLY E 25 9.61 5.56 -5.12
CA GLY E 25 10.05 6.10 -6.43
C GLY E 25 9.89 5.11 -7.58
N LYS E 26 10.27 3.86 -7.35
CA LYS E 26 10.04 2.81 -8.35
C LYS E 26 8.57 2.62 -8.70
N LYS E 27 7.71 2.71 -7.69
CA LYS E 27 6.26 2.60 -7.89
C LYS E 27 5.75 3.77 -8.76
N PHE E 28 6.23 4.98 -8.45
CA PHE E 28 5.92 6.13 -9.29
C PHE E 28 6.39 5.90 -10.72
N GLU E 29 7.63 5.44 -10.86
CA GLU E 29 8.16 5.17 -12.21
C GLU E 29 7.35 4.10 -12.96
N LYS E 30 6.92 3.08 -12.23
CA LYS E 30 6.15 1.98 -12.81
C LYS E 30 4.80 2.46 -13.34
N ASP E 31 4.15 3.33 -12.57
CA ASP E 31 2.85 3.89 -12.96
C ASP E 31 2.92 4.89 -14.11
N THR E 32 3.97 5.71 -14.13
CA THR E 32 4.00 6.89 -14.99
C THR E 32 5.10 6.95 -16.04
N GLY E 33 6.08 6.05 -15.94
CA GLY E 33 7.26 6.10 -16.80
C GLY E 33 8.22 7.21 -16.43
N ILE E 34 7.98 7.90 -15.31
CA ILE E 34 8.82 9.02 -14.89
C ILE E 34 9.84 8.55 -13.88
N LYS E 35 11.10 8.59 -14.30
CA LYS E 35 12.25 8.17 -13.50
C LYS E 35 12.39 8.97 -12.19
N VAL E 36 12.64 8.25 -11.10
CA VAL E 36 12.86 8.86 -9.78
C VAL E 36 14.21 8.41 -9.22
N THR E 37 15.05 9.38 -8.90
CA THR E 37 16.38 9.12 -8.34
C THR E 37 16.48 9.69 -6.94
N VAL E 38 16.85 8.85 -5.98
CA VAL E 38 16.98 9.27 -4.60
C VAL E 38 18.45 9.29 -4.19
N GLU E 39 18.93 10.45 -3.72
CA GLU E 39 20.30 10.55 -3.23
C GLU E 39 20.36 11.04 -1.79
N HIS E 40 21.48 10.79 -1.11
CA HIS E 40 21.66 11.24 0.28
C HIS E 40 23.02 11.90 0.50
N PRO E 41 23.19 13.13 -0.04
CA PRO E 41 24.49 13.77 -0.03
C PRO E 41 24.93 14.09 1.37
N ASP E 42 26.24 14.09 1.63
CA ASP E 42 26.77 14.45 2.96
C ASP E 42 26.54 15.94 3.19
N LYS E 43 26.17 16.31 4.40
CA LYS E 43 25.77 17.69 4.74
C LYS E 43 24.80 18.28 3.72
N LEU E 44 23.72 17.56 3.44
CA LEU E 44 22.80 18.01 2.38
C LEU E 44 22.11 19.31 2.74
N GLU E 45 21.99 19.56 4.03
CA GLU E 45 21.37 20.78 4.53
C GLU E 45 22.21 22.03 4.22
N GLU E 46 23.52 21.84 4.04
CA GLU E 46 24.40 22.92 3.56
C GLU E 46 24.54 22.91 2.03
N LYS E 47 24.53 21.71 1.41
CA LYS E 47 24.67 21.60 -0.04
C LYS E 47 23.45 22.10 -0.80
N PHE E 48 22.26 21.88 -0.24
CA PHE E 48 21.04 22.29 -0.96
C PHE E 48 21.05 23.78 -1.30
N PRO E 49 21.27 24.65 -0.29
CA PRO E 49 21.25 26.07 -0.64
C PRO E 49 22.34 26.44 -1.64
N GLN E 50 23.47 25.71 -1.64
CA GLN E 50 24.57 26.03 -2.57
C GLN E 50 24.17 25.79 -4.00
N VAL E 51 23.67 24.60 -4.27
CA VAL E 51 23.25 24.26 -5.63
C VAL E 51 21.97 25.03 -6.02
N ALA E 52 20.98 25.05 -5.13
CA ALA E 52 19.69 25.67 -5.48
C ALA E 52 19.81 27.15 -5.82
N ALA E 53 20.75 27.82 -5.17
CA ALA E 53 21.06 29.22 -5.49
C ALA E 53 21.47 29.43 -6.95
N THR E 54 22.03 28.39 -7.57
CA THR E 54 22.36 28.49 -8.99
C THR E 54 21.26 27.91 -9.88
N GLY E 55 20.10 27.62 -9.30
CA GLY E 55 19.01 26.97 -10.04
C GLY E 55 19.25 25.49 -10.34
N ASP E 56 20.18 24.88 -9.59
CA ASP E 56 20.46 23.46 -9.75
C ASP E 56 19.90 22.74 -8.53
N GLY E 57 20.28 21.49 -8.35
CA GLY E 57 19.85 20.74 -7.18
C GLY E 57 18.70 19.79 -7.44
N PRO E 58 18.19 19.14 -6.39
CA PRO E 58 17.11 18.19 -6.53
C PRO E 58 15.78 18.90 -6.80
N ASP E 59 14.80 18.14 -7.29
CA ASP E 59 13.44 18.64 -7.43
C ASP E 59 12.76 18.73 -6.06
N ILE E 60 13.05 17.76 -5.20
CA ILE E 60 12.48 17.68 -3.86
C ILE E 60 13.59 17.52 -2.84
N ILE E 61 13.45 18.25 -1.74
CA ILE E 61 14.40 18.11 -0.64
C ILE E 61 13.69 17.74 0.66
N PHE E 62 14.24 16.71 1.34
CA PHE E 62 13.80 16.33 2.68
C PHE E 62 14.77 16.83 3.75
N TRP E 63 14.26 17.62 4.68
CA TRP E 63 14.96 17.94 5.92
C TRP E 63 13.93 18.30 6.99
N ALA E 64 14.38 18.35 8.23
CA ALA E 64 13.55 18.89 9.29
C ALA E 64 13.17 20.33 8.94
N HIS E 65 11.98 20.73 9.40
CA HIS E 65 11.44 22.05 9.08
C HIS E 65 12.28 23.28 9.49
N ASP E 66 13.20 23.13 10.42
CA ASP E 66 13.92 24.28 10.99
C ASP E 66 14.76 25.05 9.95
N ARG E 67 15.21 24.32 8.95
CA ARG E 67 16.04 24.90 7.91
C ARG E 67 15.23 25.54 6.80
N PHE E 68 13.93 25.27 6.75
CA PHE E 68 13.14 25.63 5.59
C PHE E 68 12.79 27.12 5.52
N GLY E 69 12.63 27.79 6.66
CA GLY E 69 12.35 29.21 6.62
C GLY E 69 13.48 29.97 5.94
N GLY E 70 14.69 29.60 6.32
CA GLY E 70 15.89 30.09 5.65
C GLY E 70 15.85 29.85 4.15
N TYR E 71 15.51 28.63 3.73
CA TYR E 71 15.50 28.31 2.28
C TYR E 71 14.41 29.09 1.55
N ALA E 72 13.26 29.25 2.20
CA ALA E 72 12.12 29.96 1.64
C ALA E 72 12.46 31.42 1.49
N GLN E 73 13.00 31.98 2.56
CA GLN E 73 13.37 33.39 2.55
C GLN E 73 14.41 33.71 1.46
N SER E 74 15.29 32.76 1.14
CA SER E 74 16.24 32.96 0.05
C SER E 74 15.67 32.60 -1.31
N GLY E 75 14.38 32.28 -1.34
CA GLY E 75 13.66 32.01 -2.58
C GLY E 75 13.99 30.66 -3.19
N LEU E 76 14.40 29.69 -2.39
CA LEU E 76 14.82 28.40 -2.94
C LEU E 76 13.68 27.37 -3.06
N LEU E 77 12.52 27.70 -2.47
CA LEU E 77 11.41 26.75 -2.37
C LEU E 77 10.14 27.29 -2.98
N ALA E 78 9.40 26.41 -3.63
CA ALA E 78 8.13 26.83 -4.23
C ALA E 78 7.09 26.77 -3.14
N GLU E 79 6.10 27.65 -3.25
CA GLU E 79 4.93 27.57 -2.39
C GLU E 79 4.19 26.30 -2.78
N ILE E 80 3.64 25.59 -1.80
CA ILE E 80 2.84 24.42 -2.18
C ILE E 80 1.37 24.67 -1.90
N THR E 81 0.50 23.93 -2.58
CA THR E 81 -0.94 24.27 -2.62
C THR E 81 -1.84 23.04 -2.55
N PRO E 82 -1.78 22.30 -1.45
CA PRO E 82 -2.68 21.15 -1.31
C PRO E 82 -4.12 21.58 -1.21
N ALA E 83 -5.03 20.77 -1.74
CA ALA E 83 -6.46 21.00 -1.59
C ALA E 83 -6.86 20.86 -0.13
N ALA E 84 -7.95 21.51 0.26
CA ALA E 84 -8.46 21.43 1.63
C ALA E 84 -8.66 19.97 2.03
N ALA E 85 -9.18 19.19 1.08
CA ALA E 85 -9.30 17.73 1.21
C ALA E 85 -8.00 17.08 1.65
N PHE E 86 -6.89 17.47 1.02
CA PHE E 86 -5.62 16.84 1.34
C PHE E 86 -5.08 17.31 2.67
N GLN E 87 -5.26 18.60 2.98
CA GLN E 87 -4.77 19.16 4.24
C GLN E 87 -5.40 18.50 5.45
N ASP E 88 -6.68 18.18 5.32
CA ASP E 88 -7.41 17.48 6.39
C ASP E 88 -6.86 16.07 6.66
N LYS E 89 -6.01 15.55 5.77
CA LYS E 89 -5.44 14.21 5.99
C LYS E 89 -4.27 14.23 6.96
N LEU E 90 -3.67 15.40 7.19
CA LEU E 90 -2.51 15.55 8.07
C LEU E 90 -2.85 16.38 9.28
N TYR E 91 -2.15 16.14 10.38
CA TYR E 91 -2.39 16.89 11.61
C TYR E 91 -2.10 18.37 11.37
N PRO E 92 -3.00 19.24 11.86
CA PRO E 92 -2.84 20.66 11.78
C PRO E 92 -1.47 21.16 12.22
N PHE E 93 -0.98 20.68 13.35
CA PHE E 93 0.25 21.23 13.89
C PHE E 93 1.44 20.98 12.96
N THR E 94 1.38 19.91 12.18
CA THR E 94 2.47 19.61 11.23
C THR E 94 2.50 20.61 10.08
N TRP E 95 1.32 21.07 9.64
CA TRP E 95 1.23 22.11 8.61
C TRP E 95 1.82 23.41 9.13
N ASP E 96 1.56 23.69 10.40
CA ASP E 96 2.07 24.89 11.05
C ASP E 96 3.61 24.96 10.96
N ALA E 97 4.27 23.83 11.13
CA ALA E 97 5.75 23.76 11.06
C ALA E 97 6.33 24.12 9.69
N VAL E 98 5.55 23.87 8.64
CA VAL E 98 5.97 24.12 7.27
C VAL E 98 5.26 25.32 6.67
N ARG E 99 4.63 26.12 7.52
CA ARG E 99 4.17 27.41 7.09
C ARG E 99 5.26 28.43 7.39
N TYR E 100 5.57 29.29 6.42
CA TYR E 100 6.43 30.43 6.65
C TYR E 100 5.87 31.69 6.02
N ASN E 101 5.60 32.69 6.86
CA ASN E 101 5.02 33.95 6.40
C ASN E 101 3.70 33.73 5.69
N GLY E 102 2.83 32.97 6.33
CA GLY E 102 1.50 32.73 5.81
C GLY E 102 1.41 31.80 4.62
N LYS E 103 2.54 31.26 4.17
CA LYS E 103 2.58 30.38 2.99
C LYS E 103 3.10 28.98 3.34
N LEU E 104 2.53 27.96 2.72
CA LEU E 104 3.03 26.60 2.89
C LEU E 104 4.24 26.37 2.01
N ILE E 105 5.34 25.91 2.60
CA ILE E 105 6.62 25.79 1.86
C ILE E 105 7.13 24.36 1.73
N ALA E 106 6.30 23.38 2.13
CA ALA E 106 6.70 21.97 2.14
C ALA E 106 5.55 21.10 2.61
N TYR E 107 5.68 19.79 2.37
CA TYR E 107 4.74 18.82 2.94
C TYR E 107 5.33 18.22 4.21
N PRO E 108 4.58 18.25 5.31
CA PRO E 108 5.03 17.59 6.53
C PRO E 108 4.91 16.09 6.39
N ILE E 109 5.92 15.39 6.90
CA ILE E 109 6.01 13.97 6.76
C ILE E 109 5.82 13.30 8.13
N ALA E 110 6.67 13.68 9.07
CA ALA E 110 6.71 12.99 10.36
C ALA E 110 7.31 13.86 11.45
N VAL E 111 6.96 13.51 12.68
CA VAL E 111 7.42 14.21 13.86
C VAL E 111 8.52 13.41 14.54
N GLU E 112 9.70 14.04 14.62
CA GLU E 112 10.91 13.43 15.16
C GLU E 112 11.23 13.99 16.54
N ALA E 113 11.48 13.10 17.50
CA ALA E 113 12.02 13.53 18.80
C ALA E 113 12.94 12.46 19.38
N LEU E 114 13.99 12.89 20.06
CA LEU E 114 14.94 11.96 20.68
C LEU E 114 14.33 11.34 21.93
N SER E 115 14.73 10.10 22.19
CA SER E 115 14.32 9.39 23.41
C SER E 115 15.51 8.71 24.06
N LEU E 116 15.31 8.20 25.28
CA LEU E 116 16.35 7.38 25.91
C LEU E 116 16.18 5.95 25.43
N ILE E 117 17.22 5.34 24.87
CA ILE E 117 17.15 3.96 24.43
C ILE E 117 18.01 3.14 25.37
N TYR E 118 17.43 2.06 25.94
CA TYR E 118 18.15 1.27 26.94
C TYR E 118 18.08 -0.22 26.67
N ASN E 119 19.13 -0.92 27.08
CA ASN E 119 19.23 -2.36 26.97
C ASN E 119 18.61 -2.99 28.21
N LYS E 120 17.48 -3.66 28.03
CA LYS E 120 16.74 -4.27 29.13
C LYS E 120 17.50 -5.39 29.87
N ASP E 121 18.41 -6.08 29.19
CA ASP E 121 19.16 -7.16 29.84
C ASP E 121 20.25 -6.60 30.75
N LEU E 122 20.87 -5.49 30.33
CA LEU E 122 21.87 -4.80 31.14
C LEU E 122 21.26 -3.89 32.18
N LEU E 123 20.06 -3.37 31.90
CA LEU E 123 19.46 -2.34 32.73
C LEU E 123 17.94 -2.41 32.71
N PRO E 124 17.37 -3.37 33.44
CA PRO E 124 15.90 -3.57 33.43
C PRO E 124 15.13 -2.36 33.96
N ASN E 125 15.72 -1.64 34.92
CA ASN E 125 15.16 -0.39 35.39
C ASN E 125 16.05 0.80 35.06
N PRO E 126 15.77 1.51 33.95
CA PRO E 126 16.67 2.59 33.59
C PRO E 126 16.53 3.77 34.54
N PRO E 127 17.55 4.62 34.63
CA PRO E 127 17.53 5.78 35.53
C PRO E 127 16.49 6.82 35.12
N LYS E 128 15.86 7.47 36.11
CA LYS E 128 14.88 8.55 35.89
C LYS E 128 15.54 9.93 35.89
N THR E 129 16.76 10.02 36.41
CA THR E 129 17.49 11.29 36.50
C THR E 129 18.91 11.18 35.91
N TRP E 130 19.42 12.28 35.37
CA TRP E 130 20.79 12.35 34.86
C TRP E 130 21.80 12.16 35.99
N GLU E 131 21.47 12.71 37.16
CA GLU E 131 22.36 12.67 38.31
C GLU E 131 22.68 11.25 38.77
N GLU E 132 21.80 10.28 38.51
CA GLU E 132 22.08 8.86 38.80
C GLU E 132 23.10 8.23 37.85
N ILE E 133 23.38 8.88 36.71
CA ILE E 133 24.11 8.18 35.65
C ILE E 133 25.57 7.92 36.01
N PRO E 134 26.23 8.85 36.68
CA PRO E 134 27.60 8.56 37.16
C PRO E 134 27.74 7.24 37.95
N ALA E 135 26.91 7.12 38.98
CA ALA E 135 26.87 5.94 39.82
C ALA E 135 26.50 4.71 38.99
N LEU E 136 25.53 4.82 38.11
CA LEU E 136 25.21 3.70 37.23
C LEU E 136 26.39 3.29 36.36
N ASP E 137 27.10 4.27 35.81
CA ASP E 137 28.23 4.00 34.93
C ASP E 137 29.32 3.32 35.70
N LYS E 138 29.61 3.86 36.89
CA LYS E 138 30.58 3.24 37.80
C LYS E 138 30.35 1.74 38.02
N GLU E 139 29.10 1.39 38.27
CA GLU E 139 28.68 0.00 38.43
C GLU E 139 28.80 -0.81 37.17
N LEU E 140 28.48 -0.22 36.03
CA LEU E 140 28.59 -0.97 34.78
C LEU E 140 30.02 -1.13 34.32
N LYS E 141 30.91 -0.20 34.69
CA LYS E 141 32.33 -0.35 34.37
C LYS E 141 32.92 -1.54 35.13
N ALA E 142 32.47 -1.76 36.36
CA ALA E 142 32.79 -3.00 37.11
C ALA E 142 32.53 -4.28 36.30
N LYS E 143 31.45 -4.28 35.51
CA LYS E 143 31.12 -5.40 34.61
C LYS E 143 31.81 -5.32 33.23
N GLY E 144 32.62 -4.30 32.99
CA GLY E 144 33.26 -4.09 31.69
C GLY E 144 32.32 -3.49 30.65
N LYS E 145 31.29 -2.80 31.12
CA LYS E 145 30.33 -2.13 30.27
C LYS E 145 30.37 -0.63 30.59
N SER E 146 29.46 0.14 30.00
CA SER E 146 29.26 1.53 30.40
C SER E 146 27.78 1.88 30.40
N ALA E 147 27.45 2.97 31.07
CA ALA E 147 26.05 3.39 31.25
C ALA E 147 25.44 3.97 29.99
N LEU E 148 26.14 4.95 29.40
CA LEU E 148 25.55 5.80 28.35
C LEU E 148 26.54 6.29 27.30
N MET E 149 26.14 6.21 26.03
CA MET E 149 26.90 6.79 24.94
C MET E 149 25.97 7.31 23.88
N PHE E 150 26.25 8.53 23.40
CA PHE E 150 25.45 9.16 22.35
C PHE E 150 26.26 10.18 21.60
N ASN E 151 25.72 10.63 20.47
CA ASN E 151 26.47 11.49 19.54
C ASN E 151 26.71 12.86 20.11
N LEU E 152 27.95 13.11 20.50
CA LEU E 152 28.36 14.41 21.03
C LEU E 152 28.77 15.42 19.96
N GLN E 153 28.91 14.99 18.71
CA GLN E 153 29.36 15.87 17.64
C GLN E 153 28.24 16.73 17.03
N GLU E 154 26.98 16.42 17.36
CA GLU E 154 25.84 17.19 16.88
C GLU E 154 25.09 17.78 18.04
N PRO E 155 24.96 19.13 18.06
CA PRO E 155 24.27 19.81 19.17
C PRO E 155 22.79 19.37 19.35
N TYR E 156 22.20 18.86 18.28
CA TYR E 156 20.86 18.26 18.34
C TYR E 156 20.73 17.27 19.50
N PHE E 157 21.77 16.44 19.70
CA PHE E 157 21.71 15.35 20.69
C PHE E 157 21.96 15.78 22.13
N THR E 158 22.72 16.85 22.33
CA THR E 158 23.01 17.34 23.66
C THR E 158 22.04 18.44 24.08
N TRP E 159 21.43 19.10 23.10
CA TRP E 159 20.45 20.14 23.38
C TRP E 159 19.41 19.80 24.47
N PRO E 160 18.83 18.60 24.44
CA PRO E 160 17.86 18.26 25.47
C PRO E 160 18.39 18.50 26.88
N LEU E 161 19.68 18.22 27.10
CA LEU E 161 20.24 18.39 28.46
C LEU E 161 20.51 19.89 28.74
N ILE E 162 21.08 20.56 27.75
CA ILE E 162 21.35 22.00 27.85
C ILE E 162 20.07 22.75 28.18
N ALA E 163 18.98 22.36 27.53
CA ALA E 163 17.70 23.05 27.65
C ALA E 163 16.90 22.72 28.94
N ALA E 164 17.15 21.56 29.52
CA ALA E 164 16.38 21.07 30.66
C ALA E 164 16.21 22.07 31.79
N ASP E 165 17.29 22.72 32.19
CA ASP E 165 17.20 23.70 33.29
C ASP E 165 17.00 25.13 32.81
N GLY E 166 16.88 25.35 31.49
CA GLY E 166 16.53 26.69 31.04
C GLY E 166 17.21 27.23 29.81
N GLY E 167 18.11 26.47 29.22
CA GLY E 167 18.68 26.86 27.97
C GLY E 167 17.60 26.95 26.90
N TYR E 168 17.76 27.93 25.99
CA TYR E 168 16.88 28.01 24.83
C TYR E 168 17.64 28.48 23.60
N ALA E 169 16.93 28.73 22.51
CA ALA E 169 17.56 29.25 21.33
C ALA E 169 17.14 30.69 21.26
N PHE E 170 15.96 30.93 20.73
CA PHE E 170 15.41 32.27 20.63
C PHE E 170 14.17 32.37 21.48
N LYS E 171 14.00 33.52 22.13
CA LYS E 171 12.82 33.81 22.86
C LYS E 171 11.63 33.81 21.93
N TYR E 172 10.52 33.42 22.52
CA TYR E 172 9.26 33.41 21.87
C TYR E 172 8.29 34.15 22.80
N ALA E 173 7.54 35.09 22.23
CA ALA E 173 6.50 35.76 22.99
C ALA E 173 5.59 36.39 21.98
N ALA E 174 4.31 36.22 22.22
CA ALA E 174 3.27 36.87 21.43
C ALA E 174 3.44 36.59 19.94
N GLY E 175 3.57 35.32 19.59
CA GLY E 175 3.63 34.92 18.19
C GLY E 175 4.93 35.22 17.44
N LYS E 176 5.96 35.64 18.16
CA LYS E 176 7.16 36.16 17.50
C LYS E 176 8.42 35.71 18.18
N TYR E 177 9.43 35.30 17.38
CA TYR E 177 10.76 35.03 17.92
C TYR E 177 11.68 36.23 17.98
N ASP E 178 12.30 36.40 19.14
CA ASP E 178 13.07 37.61 19.41
C ASP E 178 14.50 37.19 19.13
N ILE E 179 15.07 37.65 18.02
CA ILE E 179 16.44 37.23 17.67
C ILE E 179 17.54 37.97 18.41
N LYS E 180 17.18 39.06 19.08
CA LYS E 180 18.13 39.89 19.82
C LYS E 180 18.46 39.22 21.15
N ASP E 181 17.67 38.20 21.50
CA ASP E 181 17.87 37.45 22.71
C ASP E 181 18.20 35.97 22.46
N VAL E 182 19.43 35.51 22.75
CA VAL E 182 19.78 34.11 22.59
C VAL E 182 20.01 33.55 23.99
N GLY E 183 19.42 32.39 24.26
CA GLY E 183 19.32 31.88 25.61
C GLY E 183 20.30 30.77 25.86
N VAL E 184 21.40 30.80 25.13
CA VAL E 184 22.37 29.73 25.14
C VAL E 184 23.41 29.95 26.25
N ASP E 185 23.40 31.15 26.86
CA ASP E 185 24.40 31.55 27.83
C ASP E 185 23.85 31.73 29.24
N ASN E 186 22.64 31.27 29.52
CA ASN E 186 22.09 31.44 30.89
C ASN E 186 22.54 30.34 31.87
N ALA E 187 22.16 30.50 33.14
CA ALA E 187 22.58 29.59 34.18
C ALA E 187 22.07 28.16 33.93
N GLY E 188 20.86 28.05 33.39
CA GLY E 188 20.31 26.75 33.02
C GLY E 188 21.08 26.03 31.95
N ALA E 189 21.43 26.77 30.90
CA ALA E 189 22.25 26.27 29.81
C ALA E 189 23.61 25.88 30.32
N LYS E 190 24.19 26.74 31.16
CA LYS E 190 25.49 26.43 31.76
C LYS E 190 25.46 25.17 32.63
N ALA E 191 24.46 25.05 33.50
CA ALA E 191 24.37 23.87 34.37
C ALA E 191 24.35 22.57 33.56
N GLY E 192 23.47 22.55 32.55
CA GLY E 192 23.31 21.39 31.69
C GLY E 192 24.58 20.97 30.95
N LEU E 193 25.24 21.96 30.32
CA LEU E 193 26.47 21.67 29.60
C LEU E 193 27.57 21.27 30.57
N THR E 194 27.65 21.97 31.70
CA THR E 194 28.61 21.61 32.73
C THR E 194 28.43 20.17 33.21
N PHE E 195 27.17 19.74 33.36
CA PHE E 195 26.94 18.32 33.69
C PHE E 195 27.53 17.38 32.64
N LEU E 196 27.30 17.70 31.37
CA LEU E 196 27.82 16.90 30.28
C LEU E 196 29.35 16.89 30.30
N VAL E 197 29.96 18.06 30.47
CA VAL E 197 31.42 18.18 30.46
C VAL E 197 32.00 17.42 31.65
N ASP E 198 31.35 17.53 32.80
CA ASP E 198 31.74 16.73 33.96
C ASP E 198 31.54 15.24 33.75
N LEU E 199 30.51 14.79 33.04
CA LEU E 199 30.48 13.38 32.68
C LEU E 199 31.76 12.95 31.94
N ILE E 200 32.25 13.80 31.05
CA ILE E 200 33.46 13.51 30.28
C ILE E 200 34.71 13.59 31.15
N LYS E 201 34.81 14.61 31.99
CA LYS E 201 35.97 14.76 32.88
C LYS E 201 36.07 13.60 33.87
N ASN E 202 34.94 13.12 34.37
CA ASN E 202 34.92 11.95 35.24
C ASN E 202 34.87 10.61 34.50
N LYS E 203 35.25 10.61 33.21
CA LYS E 203 35.39 9.36 32.45
C LYS E 203 34.13 8.52 32.28
N HIS E 204 32.95 9.14 32.36
CA HIS E 204 31.70 8.40 32.12
C HIS E 204 31.31 8.43 30.63
N MET E 205 31.93 9.33 29.87
CA MET E 205 31.70 9.50 28.42
C MET E 205 32.98 10.01 27.74
N ASN E 206 33.12 9.73 26.45
CA ASN E 206 34.29 10.19 25.66
C ASN E 206 33.88 11.36 24.77
N ALA E 207 34.70 12.41 24.78
CA ALA E 207 34.38 13.65 24.05
C ALA E 207 34.28 13.48 22.53
N ASP E 208 34.90 12.46 21.96
CA ASP E 208 34.81 12.31 20.51
C ASP E 208 33.78 11.28 20.05
N THR E 209 32.89 10.85 20.95
CA THR E 209 31.88 9.86 20.59
C THR E 209 30.98 10.48 19.53
N ASP E 210 30.81 9.83 18.39
CA ASP E 210 29.93 10.33 17.34
C ASP E 210 28.78 9.35 17.10
N TYR E 211 28.01 9.58 16.06
CA TYR E 211 26.80 8.77 15.83
C TYR E 211 27.11 7.28 15.72
N SER E 212 28.09 6.98 14.89
CA SER E 212 28.33 5.62 14.51
C SER E 212 29.02 4.86 15.64
N ILE E 213 29.92 5.51 16.38
CA ILE E 213 30.55 4.89 17.56
C ILE E 213 29.51 4.55 18.63
N ALA E 214 28.63 5.51 18.90
CA ALA E 214 27.58 5.31 19.88
C ALA E 214 26.63 4.23 19.40
N GLU E 215 26.31 4.22 18.09
CA GLU E 215 25.45 3.17 17.52
C GLU E 215 26.07 1.77 17.62
N ALA E 216 27.33 1.65 17.20
CA ALA E 216 28.04 0.37 17.31
C ALA E 216 28.15 -0.06 18.77
N ALA E 217 28.45 0.87 19.66
CA ALA E 217 28.55 0.51 21.08
C ALA E 217 27.26 -0.06 21.69
N PHE E 218 26.13 0.59 21.39
CA PHE E 218 24.85 0.12 21.92
C PHE E 218 24.44 -1.21 21.29
N ASN E 219 24.52 -1.31 19.97
CA ASN E 219 23.99 -2.46 19.25
C ASN E 219 24.86 -3.70 19.39
N LYS E 220 26.10 -3.52 19.88
CA LYS E 220 26.98 -4.65 20.18
C LYS E 220 27.01 -4.93 21.68
N GLY E 221 26.11 -4.30 22.44
CA GLY E 221 25.93 -4.58 23.86
C GLY E 221 26.96 -4.01 24.81
N GLU E 222 27.74 -3.02 24.37
CA GLU E 222 28.86 -2.51 25.19
C GLU E 222 28.41 -1.48 26.21
N THR E 223 27.40 -0.70 25.83
CA THR E 223 26.85 0.35 26.68
C THR E 223 25.38 0.06 26.91
N ALA E 224 24.88 0.45 28.07
CA ALA E 224 23.50 0.10 28.46
C ALA E 224 22.44 1.05 27.94
N MET E 225 22.83 2.28 27.58
CA MET E 225 21.91 3.27 27.04
C MET E 225 22.51 4.12 25.90
N THR E 226 21.66 4.62 25.01
CA THR E 226 22.04 5.65 24.04
C THR E 226 20.86 6.63 23.90
N ILE E 227 21.09 7.75 23.21
CA ILE E 227 20.03 8.71 22.94
C ILE E 227 19.95 8.87 21.42
N ASN E 228 18.76 8.63 20.88
CA ASN E 228 18.56 8.69 19.44
C ASN E 228 17.07 8.75 19.03
N GLY E 229 16.84 8.92 17.73
CA GLY E 229 15.50 9.06 17.20
C GLY E 229 14.99 7.78 16.60
N PRO E 230 13.73 7.74 16.21
CA PRO E 230 13.09 6.61 15.56
C PRO E 230 13.88 5.97 14.44
N TRP E 231 14.54 6.77 13.62
CA TRP E 231 15.38 6.25 12.53
C TRP E 231 16.38 5.20 13.02
N ALA E 232 16.83 5.31 14.26
CA ALA E 232 17.86 4.39 14.74
C ALA E 232 17.36 3.00 15.12
N TRP E 233 16.08 2.88 15.43
CA TRP E 233 15.53 1.62 15.97
C TRP E 233 15.73 0.43 15.02
N SER E 234 15.64 0.72 13.73
CA SER E 234 15.84 -0.27 12.68
C SER E 234 17.12 -1.10 12.82
N ASN E 235 18.25 -0.44 13.03
CA ASN E 235 19.53 -1.15 13.15
C ASN E 235 19.65 -1.91 14.47
N ILE E 236 18.91 -1.45 15.48
CA ILE E 236 18.87 -2.14 16.76
C ILE E 236 18.01 -3.41 16.57
N ASP E 237 16.94 -3.29 15.81
CA ASP E 237 16.10 -4.46 15.46
C ASP E 237 16.90 -5.58 14.81
N THR E 238 17.83 -5.26 13.90
CA THR E 238 18.68 -6.32 13.30
C THR E 238 19.81 -6.78 14.24
N SER E 239 20.08 -6.06 15.33
CA SER E 239 20.98 -6.58 16.36
C SER E 239 20.16 -7.54 17.25
N ALA E 240 20.76 -8.20 18.22
CA ALA E 240 19.92 -9.01 19.13
C ALA E 240 19.79 -8.31 20.46
N VAL E 241 19.87 -6.97 20.45
CA VAL E 241 19.69 -6.20 21.68
C VAL E 241 18.21 -6.06 21.99
N ASN E 242 17.91 -6.27 23.27
CA ASN E 242 16.56 -6.22 23.80
C ASN E 242 16.35 -4.84 24.37
N TYR E 243 15.67 -3.99 23.62
CA TYR E 243 15.74 -2.57 23.93
C TYR E 243 14.40 -1.99 24.29
N GLY E 244 14.45 -1.01 25.19
CA GLY E 244 13.27 -0.23 25.55
C GLY E 244 13.55 1.20 25.14
N VAL E 245 12.48 1.94 24.87
CA VAL E 245 12.60 3.32 24.46
C VAL E 245 11.75 4.10 25.44
N THR E 246 12.34 5.11 26.06
CA THR E 246 11.68 5.74 27.18
C THR E 246 11.95 7.24 27.29
N VAL E 247 11.26 7.83 28.26
CA VAL E 247 11.39 9.23 28.60
C VAL E 247 12.84 9.49 29.00
N LEU E 248 13.37 10.61 28.54
CA LEU E 248 14.74 10.99 28.83
C LEU E 248 14.85 11.26 30.32
N PRO E 249 16.05 11.17 30.86
CA PRO E 249 16.19 11.46 32.28
C PRO E 249 15.94 12.93 32.62
N THR E 250 15.49 13.17 33.85
CA THR E 250 15.30 14.53 34.35
C THR E 250 16.65 15.10 34.81
N PHE E 251 16.78 16.42 34.78
CA PHE E 251 17.99 17.10 35.23
C PHE E 251 17.59 18.25 36.15
N LYS E 252 18.20 18.27 37.33
CA LYS E 252 17.78 19.18 38.39
C LYS E 252 16.25 19.13 38.53
N GLY E 253 15.69 17.93 38.40
CA GLY E 253 14.25 17.70 38.52
C GLY E 253 13.39 18.28 37.41
N GLN E 254 14.03 18.76 36.33
CA GLN E 254 13.33 19.28 35.16
C GLN E 254 13.44 18.27 34.02
N PRO E 255 12.35 18.11 33.25
CA PRO E 255 12.39 17.28 32.05
C PRO E 255 13.49 17.69 31.09
N SER E 256 14.19 16.74 30.47
CA SER E 256 15.07 17.06 29.33
C SER E 256 14.17 17.59 28.23
N LYS E 257 14.64 18.56 27.46
CA LYS E 257 13.77 19.27 26.49
C LYS E 257 14.30 19.18 25.08
N PRO E 258 14.03 18.07 24.40
CA PRO E 258 14.56 17.97 23.05
C PRO E 258 13.91 18.96 22.10
N PHE E 259 14.69 19.36 21.11
CA PHE E 259 14.18 20.16 20.01
C PHE E 259 13.49 19.19 19.08
N VAL E 260 12.25 19.46 18.76
CA VAL E 260 11.42 18.60 17.98
C VAL E 260 11.42 19.08 16.54
N GLY E 261 11.68 18.18 15.62
CA GLY E 261 11.57 18.52 14.21
C GLY E 261 10.42 17.85 13.51
N VAL E 262 9.89 18.53 12.50
CA VAL E 262 8.98 17.94 11.55
C VAL E 262 9.75 17.69 10.28
N LEU E 263 10.03 16.42 9.99
CA LEU E 263 10.67 16.07 8.72
C LEU E 263 9.70 16.50 7.62
N SER E 264 10.22 17.26 6.66
CA SER E 264 9.38 17.90 5.66
C SER E 264 9.97 17.74 4.26
N ALA E 265 9.10 17.74 3.25
CA ALA E 265 9.52 17.59 1.85
C ALA E 265 9.16 18.84 1.05
N GLY E 266 10.19 19.55 0.57
CA GLY E 266 9.99 20.81 -0.10
C GLY E 266 10.34 20.72 -1.56
N ILE E 267 9.75 21.61 -2.36
CA ILE E 267 9.94 21.58 -3.81
C ILE E 267 10.85 22.73 -4.27
N ASN E 268 11.89 22.39 -5.02
CA ASN E 268 12.88 23.38 -5.48
C ASN E 268 12.19 24.42 -6.34
N ALA E 269 12.32 25.69 -5.96
CA ALA E 269 11.67 26.77 -6.73
C ALA E 269 12.10 26.77 -8.20
N ALA E 270 13.30 26.26 -8.46
CA ALA E 270 13.81 26.18 -9.83
C ALA E 270 13.41 24.89 -10.55
N SER E 271 12.64 24.00 -9.92
CA SER E 271 12.26 22.74 -10.58
C SER E 271 11.23 22.96 -11.67
N PRO E 272 11.46 22.39 -12.87
CA PRO E 272 10.43 22.37 -13.91
C PRO E 272 9.43 21.23 -13.74
N ASN E 273 9.52 20.51 -12.62
CA ASN E 273 8.72 19.30 -12.38
C ASN E 273 7.83 19.46 -11.15
N LYS E 274 7.31 20.67 -10.95
CA LYS E 274 6.61 20.97 -9.71
C LYS E 274 5.33 20.13 -9.57
N GLU E 275 4.62 19.94 -10.69
CA GLU E 275 3.39 19.13 -10.67
C GLU E 275 3.71 17.66 -10.43
N LEU E 276 4.73 17.14 -11.08
CA LEU E 276 5.16 15.76 -10.84
C LEU E 276 5.62 15.55 -9.38
N ALA E 277 6.31 16.55 -8.84
CA ALA E 277 6.71 16.48 -7.41
C ALA E 277 5.49 16.42 -6.48
N LYS E 278 4.51 17.29 -6.78
CA LYS E 278 3.23 17.33 -6.05
C LYS E 278 2.49 15.99 -6.17
N GLU E 279 2.37 15.48 -7.40
CA GLU E 279 1.81 14.12 -7.63
C GLU E 279 2.52 13.09 -6.77
N PHE E 280 3.85 13.04 -6.88
CA PHE E 280 4.62 12.05 -6.12
C PHE E 280 4.40 12.17 -4.62
N LEU E 281 4.52 13.40 -4.09
CA LEU E 281 4.39 13.57 -2.64
C LEU E 281 2.97 13.30 -2.13
N GLU E 282 1.98 13.88 -2.82
CA GLU E 282 0.56 13.75 -2.39
C GLU E 282 -0.04 12.38 -2.66
N ASN E 283 0.29 11.77 -3.80
CA ASN E 283 -0.41 10.54 -4.18
C ASN E 283 0.40 9.26 -3.96
N TYR E 284 1.70 9.37 -3.69
CA TYR E 284 2.53 8.18 -3.52
C TYR E 284 3.20 8.15 -2.14
N LEU E 285 3.93 9.21 -1.76
CA LEU E 285 4.60 9.19 -0.46
C LEU E 285 3.62 9.35 0.69
N LEU E 286 2.75 10.35 0.64
CA LEU E 286 1.84 10.58 1.80
C LEU E 286 0.57 9.71 1.76
N THR E 287 0.81 8.41 1.70
CA THR E 287 -0.24 7.40 1.77
C THR E 287 0.21 6.34 2.75
N ASP E 288 -0.74 5.54 3.23
CA ASP E 288 -0.42 4.49 4.20
C ASP E 288 0.70 3.60 3.66
N GLU E 289 0.61 3.26 2.37
CA GLU E 289 1.55 2.30 1.77
C GLU E 289 2.89 2.98 1.48
N GLY E 290 2.86 4.27 1.11
CA GLY E 290 4.11 5.01 0.89
C GLY E 290 4.86 5.21 2.19
N LEU E 291 4.16 5.68 3.21
CA LEU E 291 4.80 5.90 4.50
C LEU E 291 5.25 4.58 5.10
N GLU E 292 4.44 3.52 4.94
CA GLU E 292 4.87 2.20 5.41
C GLU E 292 6.19 1.75 4.78
N ALA E 293 6.36 1.97 3.48
CA ALA E 293 7.59 1.55 2.79
C ALA E 293 8.83 2.28 3.33
N VAL E 294 8.68 3.55 3.69
CA VAL E 294 9.81 4.30 4.23
C VAL E 294 10.03 3.86 5.66
N ASN E 295 8.94 3.80 6.43
CA ASN E 295 8.98 3.39 7.83
C ASN E 295 9.63 2.02 8.02
N LYS E 296 9.34 1.09 7.11
CA LYS E 296 9.95 -0.24 7.11
C LYS E 296 11.47 -0.18 6.90
N ASP E 297 11.96 0.86 6.24
CA ASP E 297 13.41 1.05 6.06
C ASP E 297 14.01 1.64 7.32
N LYS E 298 13.55 2.84 7.71
CA LYS E 298 13.92 3.45 8.98
C LYS E 298 12.68 4.14 9.56
N PRO E 299 12.33 3.85 10.83
CA PRO E 299 11.12 4.45 11.37
C PRO E 299 11.10 5.97 11.24
N LEU E 300 9.93 6.51 10.85
CA LEU E 300 9.75 7.94 10.64
C LEU E 300 9.51 8.69 11.93
N GLY E 301 9.01 7.96 12.93
CA GLY E 301 8.54 8.57 14.16
C GLY E 301 7.04 8.59 14.13
N ALA E 302 6.45 9.64 14.67
CA ALA E 302 5.02 9.80 14.60
C ALA E 302 4.72 10.50 13.27
N VAL E 303 4.00 9.86 12.36
CA VAL E 303 3.78 10.48 11.05
C VAL E 303 2.70 11.57 11.08
N ALA E 304 2.78 12.48 10.10
CA ALA E 304 1.80 13.57 9.94
C ALA E 304 0.46 13.06 9.44
N LEU E 305 0.49 11.98 8.66
CA LEU E 305 -0.70 11.39 8.07
C LEU E 305 -1.51 10.64 9.12
N LYS E 306 -2.72 11.14 9.33
CA LYS E 306 -3.55 10.66 10.43
C LYS E 306 -3.88 9.17 10.30
N SER E 307 -4.27 8.75 9.10
CA SER E 307 -4.67 7.36 8.85
C SER E 307 -3.58 6.38 9.27
N TYR E 308 -2.32 6.71 8.96
CA TYR E 308 -1.21 5.83 9.31
C TYR E 308 -0.73 6.03 10.73
N GLU E 309 -0.82 7.28 11.24
CA GLU E 309 -0.39 7.52 12.65
C GLU E 309 -1.21 6.73 13.66
N GLU E 310 -2.49 6.55 13.37
CA GLU E 310 -3.37 5.80 14.26
C GLU E 310 -2.87 4.38 14.44
N GLU E 311 -2.23 3.81 13.41
CA GLU E 311 -1.64 2.48 13.50
C GLU E 311 -0.31 2.52 14.27
N LEU E 312 0.52 3.51 13.97
CA LEU E 312 1.83 3.63 14.63
C LEU E 312 1.73 3.98 16.10
N ALA E 313 0.68 4.67 16.49
CA ALA E 313 0.55 5.19 17.86
C ALA E 313 0.44 4.10 18.92
N LYS E 314 0.07 2.89 18.50
CA LYS E 314 0.02 1.71 19.39
C LYS E 314 1.42 1.27 19.86
N ASP E 315 2.44 1.55 19.06
CA ASP E 315 3.83 1.20 19.36
C ASP E 315 4.33 2.02 20.57
N PRO E 316 4.78 1.35 21.66
CA PRO E 316 5.21 2.12 22.83
C PRO E 316 6.48 2.98 22.61
N ARG E 317 7.26 2.63 21.59
CA ARG E 317 8.40 3.44 21.19
C ARG E 317 7.93 4.82 20.69
N ILE E 318 6.80 4.80 19.97
CA ILE E 318 6.22 6.02 19.44
C ILE E 318 5.60 6.82 20.58
N ALA E 319 4.94 6.14 21.52
CA ALA E 319 4.42 6.80 22.71
C ALA E 319 5.53 7.46 23.51
N ALA E 320 6.66 6.75 23.65
CA ALA E 320 7.82 7.39 24.29
C ALA E 320 8.34 8.59 23.49
N THR E 321 8.48 8.40 22.16
CA THR E 321 8.85 9.52 21.28
C THR E 321 7.94 10.75 21.50
N MET E 322 6.63 10.50 21.59
CA MET E 322 5.65 11.57 21.84
C MET E 322 5.77 12.16 23.24
N GLU E 323 6.00 11.32 24.25
CA GLU E 323 6.25 11.85 25.61
C GLU E 323 7.44 12.80 25.60
N ASN E 324 8.53 12.41 24.96
CA ASN E 324 9.68 13.34 24.86
C ASN E 324 9.40 14.57 24.01
N ALA E 325 8.76 14.38 22.85
CA ALA E 325 8.35 15.51 22.01
C ALA E 325 7.50 16.51 22.81
N GLN E 326 6.58 15.98 23.62
CA GLN E 326 5.69 16.81 24.42
C GLN E 326 6.40 17.60 25.50
N LYS E 327 7.44 17.00 26.08
CA LYS E 327 8.30 17.67 27.04
C LYS E 327 9.22 18.67 26.39
N GLY E 328 9.56 18.41 25.13
CA GLY E 328 10.41 19.32 24.37
C GLY E 328 9.68 20.49 23.71
N GLU E 329 10.26 21.00 22.62
CA GLU E 329 9.70 22.16 21.90
C GLU E 329 9.96 22.06 20.41
N ILE E 330 9.01 22.52 19.61
CA ILE E 330 9.17 22.52 18.16
C ILE E 330 10.23 23.55 17.83
N MET E 331 11.18 23.15 16.97
CA MET E 331 12.23 24.06 16.52
C MET E 331 11.60 25.28 15.84
N PRO E 332 12.15 26.46 16.07
CA PRO E 332 11.77 27.57 15.21
C PRO E 332 12.20 27.27 13.75
N ASN E 333 11.56 27.92 12.79
CA ASN E 333 11.95 27.76 11.38
C ASN E 333 12.51 29.04 10.80
N ILE E 334 12.77 30.01 11.69
CA ILE E 334 13.31 31.32 11.31
C ILE E 334 14.67 31.15 10.68
N PRO E 335 15.04 32.04 9.73
CA PRO E 335 16.31 31.86 9.03
C PRO E 335 17.57 31.84 9.93
N GLN E 336 17.48 32.47 11.11
CA GLN E 336 18.62 32.53 12.06
C GLN E 336 19.01 31.18 12.68
N MET E 337 18.09 30.21 12.65
CA MET E 337 18.35 28.89 13.23
C MET E 337 19.68 28.31 12.74
N SER E 338 19.95 28.56 11.46
CA SER E 338 21.19 28.24 10.81
C SER E 338 22.40 28.63 11.63
N ALA E 339 22.43 29.88 12.05
CA ALA E 339 23.53 30.41 12.81
C ALA E 339 23.55 29.84 14.20
N PHE E 340 22.36 29.65 14.77
CA PHE E 340 22.23 29.12 16.13
C PHE E 340 22.89 27.76 16.18
N TRP E 341 22.56 26.92 15.19
CA TRP E 341 22.89 25.50 15.27
C TRP E 341 24.37 25.19 15.25
N TYR E 342 25.11 25.91 14.40
CA TYR E 342 26.56 25.82 14.41
C TYR E 342 27.13 26.46 15.68
N ALA E 343 26.50 27.56 16.10
CA ALA E 343 27.01 28.34 17.21
C ALA E 343 27.12 27.45 18.40
N VAL E 344 26.09 26.63 18.60
CA VAL E 344 26.12 25.63 19.65
C VAL E 344 26.99 24.43 19.28
N ARG E 345 27.06 24.07 17.99
CA ARG E 345 27.88 22.93 17.55
C ARG E 345 29.34 23.11 17.91
N THR E 346 29.82 24.34 17.77
CA THR E 346 31.16 24.71 18.16
C THR E 346 31.38 24.73 19.69
N ALA E 347 30.46 25.38 20.38
CA ALA E 347 30.52 25.44 21.85
C ALA E 347 30.59 24.06 22.53
N VAL E 348 29.70 23.16 22.10
CA VAL E 348 29.64 21.81 22.68
C VAL E 348 30.97 21.09 22.45
N ILE E 349 31.43 21.08 21.19
CA ILE E 349 32.70 20.44 20.82
C ILE E 349 33.86 21.02 21.59
N ASN E 350 33.88 22.34 21.71
CA ASN E 350 34.98 22.99 22.43
C ASN E 350 34.98 22.76 23.94
N ALA E 351 33.80 22.82 24.55
CA ALA E 351 33.69 22.55 25.99
C ALA E 351 33.94 21.08 26.30
N ALA E 352 33.46 20.19 25.43
CA ALA E 352 33.60 18.74 25.65
C ALA E 352 35.04 18.29 25.49
N SER E 353 35.75 18.87 24.53
CA SER E 353 37.16 18.57 24.30
C SER E 353 38.09 19.29 25.28
N GLY E 354 37.59 20.31 25.95
CA GLY E 354 38.43 21.07 26.87
C GLY E 354 39.18 22.22 26.21
N ARG E 355 38.83 22.57 24.98
CA ARG E 355 39.48 23.74 24.32
C ARG E 355 39.05 25.02 25.00
N GLN E 356 37.82 25.03 25.51
CA GLN E 356 37.23 26.18 26.17
C GLN E 356 36.50 25.71 27.41
N THR E 357 36.39 26.61 28.38
CA THR E 357 35.56 26.40 29.55
C THR E 357 34.12 26.48 29.09
N VAL E 358 33.22 25.90 29.88
CA VAL E 358 31.79 25.93 29.56
C VAL E 358 31.32 27.39 29.40
N ASP E 359 31.72 28.23 30.36
CA ASP E 359 31.31 29.64 30.41
C ASP E 359 31.78 30.40 29.18
N ALA E 360 33.03 30.21 28.77
CA ALA E 360 33.58 30.90 27.61
C ALA E 360 33.05 30.30 26.29
N ALA E 361 32.80 29.00 26.28
CA ALA E 361 32.25 28.36 25.08
C ALA E 361 30.86 28.86 24.81
N LEU E 362 30.02 28.85 25.85
CA LEU E 362 28.63 29.31 25.69
C LEU E 362 28.54 30.84 25.50
N ALA E 363 29.41 31.59 26.20
CA ALA E 363 29.48 33.05 25.99
C ALA E 363 29.80 33.37 24.53
N ALA E 364 30.74 32.63 23.94
CA ALA E 364 31.11 32.81 22.54
C ALA E 364 29.99 32.38 21.60
N ALA E 365 29.26 31.34 21.99
CA ALA E 365 28.13 30.89 21.17
C ALA E 365 27.00 31.92 21.11
N GLN E 366 26.62 32.46 22.26
CA GLN E 366 25.57 33.47 22.32
C GLN E 366 25.85 34.62 21.35
N THR E 367 27.11 34.93 21.10
CA THR E 367 27.41 35.91 20.07
C THR E 367 27.34 35.27 18.71
N ASN E 368 27.92 34.09 18.55
CA ASN E 368 28.11 33.52 17.22
C ASN E 368 26.78 33.07 16.63
N ALA E 369 25.77 33.08 17.48
CA ALA E 369 24.45 32.78 17.08
C ALA E 369 23.97 33.97 16.28
N ALA E 370 24.82 34.97 16.08
CA ALA E 370 24.38 36.10 15.26
C ALA E 370 24.00 35.53 13.91
N ALA E 371 22.95 36.09 13.29
CA ALA E 371 22.40 35.49 12.08
C ALA E 371 23.41 35.45 10.95
N ASN E 372 24.15 36.55 10.78
CA ASN E 372 25.37 36.57 10.00
C ASN E 372 25.23 36.69 8.48
N SER E 373 24.01 36.73 7.96
CA SER E 373 23.86 36.87 6.52
C SER E 373 22.69 37.73 6.06
N VAL E 374 22.93 38.53 5.02
CA VAL E 374 21.86 39.20 4.30
C VAL E 374 21.01 38.15 3.59
N GLY E 375 21.67 37.13 3.07
CA GLY E 375 21.01 36.06 2.36
C GLY E 375 20.66 35.00 3.38
N GLU E 376 19.38 34.67 3.44
CA GLU E 376 18.81 33.88 4.53
C GLU E 376 19.36 32.44 4.60
N ALA E 377 19.53 31.83 3.43
CA ALA E 377 20.09 30.48 3.29
C ALA E 377 21.60 30.47 3.14
N CYS E 378 22.22 31.65 3.20
CA CYS E 378 23.62 31.78 2.79
C CYS E 378 24.58 31.74 3.96
N THR E 379 24.06 31.63 5.17
CA THR E 379 24.88 31.79 6.37
C THR E 379 26.05 30.81 6.51
N ASP E 380 25.83 29.57 6.09
CA ASP E 380 26.87 28.56 6.13
C ASP E 380 27.94 28.80 5.06
N MET E 381 27.50 29.07 3.85
CA MET E 381 28.45 29.43 2.81
C MET E 381 29.35 30.58 3.24
N LYS E 382 28.77 31.49 4.02
CA LYS E 382 29.51 32.58 4.64
C LYS E 382 30.52 32.07 5.64
N ARG E 383 30.04 31.39 6.67
CA ARG E 383 30.94 30.89 7.71
C ARG E 383 32.09 30.04 7.12
N GLU E 384 31.82 29.30 6.03
CA GLU E 384 32.91 28.56 5.36
C GLU E 384 33.90 29.57 4.86
N TYR E 385 33.41 30.56 4.12
CA TYR E 385 34.28 31.53 3.46
C TYR E 385 35.03 32.49 4.40
N ASP E 386 34.31 33.27 5.19
CA ASP E 386 34.89 34.06 6.28
C ASP E 386 36.00 33.31 7.02
N GLN E 387 35.67 32.09 7.40
CA GLN E 387 36.54 31.24 8.17
C GLN E 387 37.96 31.34 7.56
N CYS E 388 38.04 31.06 6.26
CA CYS E 388 39.26 31.20 5.44
C CYS E 388 39.87 32.59 5.13
N PHE E 389 39.06 33.58 4.75
CA PHE E 389 39.56 34.92 4.46
C PHE E 389 40.46 35.39 5.59
N ASN E 390 40.17 34.90 6.79
CA ASN E 390 41.02 35.08 7.98
C ASN E 390 42.32 34.28 7.88
N ARG E 391 42.19 32.98 7.61
CA ARG E 391 43.35 32.11 7.33
C ARG E 391 44.23 32.67 6.22
N TRP E 392 43.60 33.29 5.21
CA TRP E 392 44.31 34.00 4.14
C TRP E 392 45.10 35.15 4.74
N PHE E 393 44.53 35.89 5.69
CA PHE E 393 45.28 36.92 6.42
C PHE E 393 46.47 36.34 7.24
N ALA E 394 46.77 35.05 7.09
CA ALA E 394 48.07 34.51 7.49
C ALA E 394 49.04 34.66 6.31
N GLU E 395 48.51 34.92 5.13
CA GLU E 395 49.38 35.23 4.00
C GLU E 395 49.58 36.76 3.97
N LYS E 396 48.49 37.55 3.94
CA LYS E 396 48.67 38.99 3.92
C LYS E 396 48.26 39.67 5.23
N PRO E 406 43.57 31.37 -3.63
CA PRO E 406 43.49 30.99 -2.22
C PRO E 406 42.10 30.50 -1.87
N CYS E 407 41.20 31.42 -1.52
CA CYS E 407 39.81 31.07 -1.22
C CYS E 407 38.85 31.50 -2.34
N THR E 408 39.37 31.57 -3.56
CA THR E 408 38.64 32.06 -4.73
C THR E 408 37.39 31.19 -4.70
N ASP E 409 37.56 29.88 -4.55
CA ASP E 409 36.47 28.92 -4.73
C ASP E 409 35.25 29.11 -3.83
N LEU E 410 35.50 28.98 -2.53
CA LEU E 410 34.48 29.09 -1.49
C LEU E 410 33.59 30.30 -1.68
N PHE E 411 34.25 31.40 -1.99
CA PHE E 411 33.60 32.69 -2.20
C PHE E 411 32.54 32.59 -3.29
N LYS E 412 32.92 32.16 -4.48
CA LYS E 412 31.98 32.15 -5.60
C LYS E 412 30.61 31.68 -5.17
N ARG E 413 30.55 30.50 -4.57
CA ARG E 413 29.30 29.88 -4.09
C ARG E 413 28.49 30.78 -3.16
N TYR E 414 29.18 31.36 -2.18
CA TYR E 414 28.64 32.33 -1.23
C TYR E 414 28.08 33.55 -1.93
N GLN E 415 28.93 34.19 -2.73
CA GLN E 415 28.53 35.38 -3.45
C GLN E 415 27.25 35.18 -4.24
N GLN E 416 27.10 34.03 -4.88
CA GLN E 416 25.91 33.75 -5.67
C GLN E 416 24.70 33.72 -4.76
N CYS E 417 24.81 33.02 -3.63
CA CYS E 417 23.65 32.84 -2.76
C CYS E 417 23.11 34.18 -2.29
N VAL E 418 24.03 35.05 -1.89
CA VAL E 418 23.68 36.34 -1.33
C VAL E 418 23.33 37.33 -2.45
N GLN E 419 23.90 37.16 -3.64
CA GLN E 419 23.54 38.00 -4.79
C GLN E 419 22.13 37.72 -5.29
N LYS E 420 21.62 36.51 -5.04
CA LYS E 420 20.26 36.19 -5.45
C LYS E 420 19.24 36.82 -4.49
N ALA E 421 19.57 36.86 -3.20
CA ALA E 421 18.79 37.62 -2.23
C ALA E 421 18.93 39.13 -2.51
N ILE E 422 20.14 39.61 -2.79
CA ILE E 422 20.35 41.01 -3.15
C ILE E 422 19.55 41.47 -4.37
N LYS E 423 18.93 40.53 -5.11
CA LYS E 423 17.99 40.89 -6.20
C LYS E 423 16.79 41.73 -5.71
N GLU E 424 16.18 41.31 -4.59
CA GLU E 424 14.95 41.95 -4.08
C GLU E 424 15.22 43.08 -3.06
N LYS E 425 16.32 43.79 -3.27
CA LYS E 425 16.85 44.79 -2.34
C LYS E 425 17.77 45.59 -3.24
N GLU E 426 18.41 46.62 -2.69
CA GLU E 426 19.00 47.67 -3.52
C GLU E 426 20.50 47.86 -3.29
N MET F 15 25.73 68.84 7.02
CA MET F 15 24.85 69.20 8.14
C MET F 15 25.60 69.20 9.47
N LYS F 16 25.77 68.03 10.08
CA LYS F 16 26.50 67.89 11.34
C LYS F 16 27.73 67.03 11.08
N ILE F 17 28.89 67.42 11.59
CA ILE F 17 30.14 66.71 11.32
C ILE F 17 30.79 66.23 12.63
N TRP F 18 31.41 65.05 12.63
CA TRP F 18 32.04 64.52 13.85
C TRP F 18 33.48 64.31 13.43
N SER F 19 34.45 64.51 14.31
CA SER F 19 35.84 64.18 14.06
C SER F 19 36.26 63.52 15.34
N SER F 20 37.10 62.50 15.29
CA SER F 20 37.62 61.92 16.53
C SER F 20 38.82 61.09 16.19
N GLU F 21 39.72 60.88 17.12
CA GLU F 21 40.65 59.81 16.89
C GLU F 21 40.61 59.05 18.20
N HIS F 22 40.90 57.77 18.12
CA HIS F 22 41.06 56.93 19.29
C HIS F 22 42.39 56.25 19.07
N VAL F 23 43.09 55.99 20.16
CA VAL F 23 44.37 55.29 20.09
C VAL F 23 44.24 53.89 20.67
N PHE F 24 44.71 52.91 19.92
CA PHE F 24 44.58 51.52 20.30
C PHE F 24 45.87 50.97 20.84
N GLY F 25 45.80 50.55 22.10
CA GLY F 25 46.89 49.92 22.80
C GLY F 25 47.04 48.51 22.30
N HIS F 26 47.43 48.38 21.04
CA HIS F 26 47.61 47.12 20.36
C HIS F 26 48.33 47.35 19.05
N PRO F 27 49.08 46.34 18.59
CA PRO F 27 49.71 46.37 17.28
C PRO F 27 48.70 46.57 16.16
N TRP F 28 49.16 47.23 15.11
CA TRP F 28 48.30 47.55 14.00
C TRP F 28 47.72 46.25 13.41
N ASP F 29 48.57 45.24 13.30
CA ASP F 29 48.18 43.97 12.71
C ASP F 29 46.94 43.42 13.42
N THR F 30 47.05 43.30 14.74
CA THR F 30 46.00 42.66 15.51
C THR F 30 44.74 43.52 15.45
N VAL F 31 44.93 44.85 15.52
CA VAL F 31 43.78 45.75 15.45
C VAL F 31 43.08 45.62 14.10
N ILE F 32 43.82 45.53 13.01
CA ILE F 32 43.19 45.32 11.69
C ILE F 32 42.52 43.97 11.57
N GLN F 33 43.15 42.95 12.16
CA GLN F 33 42.50 41.64 12.18
C GLN F 33 41.14 41.80 12.87
N ALA F 34 41.15 42.44 14.04
CA ALA F 34 39.87 42.65 14.76
C ALA F 34 38.89 43.50 13.95
N ALA F 35 39.46 44.49 13.26
CA ALA F 35 38.71 45.46 12.49
C ALA F 35 37.90 44.77 11.41
N MET F 36 38.43 43.69 10.89
CA MET F 36 37.65 42.90 9.94
C MET F 36 36.39 42.26 10.52
N ARG F 37 36.37 41.96 11.83
CA ARG F 37 35.18 41.30 12.45
C ARG F 37 34.07 42.19 13.09
N LYS F 38 32.85 42.02 12.59
CA LYS F 38 31.60 42.55 13.17
C LYS F 38 30.99 41.44 14.02
N TYR F 39 29.72 41.57 14.39
CA TYR F 39 29.05 40.60 15.26
C TYR F 39 29.66 40.48 16.65
N PRO F 40 30.02 41.62 17.25
CA PRO F 40 30.50 41.59 18.61
C PRO F 40 29.35 41.95 19.54
N ASN F 41 29.54 41.73 20.83
CA ASN F 41 28.50 42.06 21.82
C ASN F 41 27.91 43.46 21.70
N PRO F 42 28.76 44.48 21.71
CA PRO F 42 28.30 45.88 21.74
C PRO F 42 27.36 46.20 20.58
N MET F 43 27.76 45.80 19.38
CA MET F 43 27.01 46.04 18.16
C MET F 43 26.20 44.81 17.75
N ASN F 44 25.02 45.09 17.19
CA ASN F 44 24.08 44.11 16.71
C ASN F 44 23.95 43.94 15.20
N PRO F 45 24.49 44.83 14.38
CA PRO F 45 24.28 44.76 12.92
C PRO F 45 24.66 43.42 12.27
N SER F 46 24.18 43.16 11.06
CA SER F 46 24.54 41.97 10.31
C SER F 46 25.30 42.38 9.05
N VAL F 47 26.25 41.54 8.62
CA VAL F 47 27.07 41.89 7.45
C VAL F 47 27.47 40.73 6.56
N LEU F 48 28.05 41.05 5.40
CA LEU F 48 28.65 40.01 4.49
C LEU F 48 29.63 40.63 3.43
N GLY F 49 30.62 39.84 2.99
CA GLY F 49 31.66 40.29 2.06
C GLY F 49 31.25 40.07 0.62
N VAL F 50 30.81 41.12 -0.05
CA VAL F 50 30.28 40.98 -1.43
C VAL F 50 31.31 40.93 -2.56
N ASP F 51 32.28 41.84 -2.55
CA ASP F 51 33.31 41.96 -3.58
C ASP F 51 34.64 42.33 -2.96
N VAL F 52 35.67 41.53 -3.22
CA VAL F 52 37.02 41.80 -2.70
C VAL F 52 38.11 41.38 -3.71
N LEU F 53 39.12 42.23 -3.90
CA LEU F 53 40.27 41.90 -4.74
C LEU F 53 41.54 42.44 -4.09
N GLN F 54 42.68 41.84 -4.44
CA GLN F 54 44.01 42.32 -4.05
C GLN F 54 44.73 42.89 -5.27
N GLY F 61 48.78 46.80 -7.07
CA GLY F 61 49.10 45.84 -6.03
C GLY F 61 48.59 46.34 -4.70
N ARG F 62 47.59 45.63 -4.17
CA ARG F 62 46.82 46.12 -3.00
C ARG F 62 45.71 45.18 -2.56
N LEU F 63 45.07 45.51 -1.44
CA LEU F 63 43.80 44.86 -1.02
C LEU F 63 42.58 45.80 -0.96
N HIS F 64 41.51 45.42 -1.64
CA HIS F 64 40.26 46.15 -1.57
C HIS F 64 39.27 45.16 -1.04
N SER F 65 38.22 45.65 -0.38
CA SER F 65 37.17 44.73 0.08
C SER F 65 35.84 45.46 0.18
N LEU F 66 34.77 44.84 -0.32
CA LEU F 66 33.45 45.49 -0.38
C LEU F 66 32.40 44.74 0.42
N ARG F 67 31.78 45.41 1.39
CA ARG F 67 30.78 44.67 2.19
C ARG F 67 29.45 45.35 2.17
N LEU F 68 28.45 44.57 2.58
CA LEU F 68 27.13 45.09 2.86
C LEU F 68 26.83 44.78 4.30
N LEU F 69 26.48 45.80 5.06
CA LEU F 69 26.07 45.65 6.43
C LEU F 69 24.63 46.04 6.49
N SER F 70 23.80 45.21 7.10
CA SER F 70 22.44 45.58 7.39
C SER F 70 22.47 46.01 8.84
N THR F 71 22.21 47.29 9.08
CA THR F 71 22.32 47.85 10.42
C THR F 71 20.95 48.21 10.95
N GLU F 72 20.63 47.72 12.15
CA GLU F 72 19.32 47.96 12.71
C GLU F 72 19.39 49.23 13.55
N TRP F 73 18.67 50.26 13.12
CA TRP F 73 18.59 51.49 13.89
C TRP F 73 17.54 52.40 13.26
N ARG F 80 10.72 56.08 18.29
CA ARG F 80 9.91 55.20 17.47
C ARG F 80 9.29 55.78 16.22
N ALA F 81 9.06 57.09 16.23
CA ALA F 81 8.55 57.83 15.07
C ALA F 81 9.50 57.90 13.86
N ILE F 82 10.79 58.14 14.15
CA ILE F 82 11.83 58.16 13.12
C ILE F 82 11.98 56.79 12.51
N LEU F 83 11.94 55.81 13.39
CA LEU F 83 12.01 54.43 13.01
C LEU F 83 10.80 54.10 12.17
N GLY F 84 9.66 54.70 12.49
CA GLY F 84 8.45 54.52 11.71
C GLY F 84 8.61 55.07 10.31
N THR F 85 9.23 56.25 10.21
CA THR F 85 9.50 56.87 8.92
C THR F 85 10.38 55.93 8.10
N SER F 86 11.28 55.21 8.77
CA SER F 86 12.00 54.16 8.06
C SER F 86 11.79 52.81 8.76
N ARG F 87 10.61 52.22 8.56
CA ARG F 87 10.27 50.94 9.16
C ARG F 87 11.18 49.84 8.64
N THR F 88 11.46 49.87 7.34
CA THR F 88 12.31 48.87 6.70
C THR F 88 13.73 48.95 7.24
N LEU F 89 14.39 47.80 7.33
CA LEU F 89 15.75 47.76 7.85
C LEU F 89 16.69 48.54 6.94
N THR F 90 17.62 49.26 7.54
CA THR F 90 18.53 50.15 6.79
C THR F 90 19.85 49.44 6.45
N TYR F 91 20.29 49.51 5.19
CA TYR F 91 21.50 48.80 4.72
C TYR F 91 22.71 49.71 4.55
N ILE F 92 23.88 49.30 5.03
CA ILE F 92 25.08 50.13 4.97
C ILE F 92 26.07 49.44 4.03
N ARG F 93 26.75 50.24 3.21
CA ARG F 93 27.78 49.81 2.29
C ARG F 93 29.10 50.33 2.83
N GLU F 94 30.07 49.44 2.99
CA GLU F 94 31.40 49.80 3.42
C GLU F 94 32.36 49.55 2.25
N HIS F 95 33.24 50.51 1.97
CA HIS F 95 34.31 50.26 1.01
C HIS F 95 35.53 50.41 1.88
N SER F 96 36.37 49.39 1.95
CA SER F 96 37.62 49.52 2.70
C SER F 96 38.79 48.98 1.90
N VAL F 97 39.89 49.71 1.96
CA VAL F 97 41.09 49.31 1.25
C VAL F 97 42.21 49.25 2.27
N VAL F 98 42.90 48.11 2.29
CA VAL F 98 44.09 47.90 3.09
C VAL F 98 45.34 47.94 2.22
N ASP F 99 45.15 48.46 1.02
CA ASP F 99 46.12 48.39 -0.07
C ASP F 99 47.46 49.06 0.20
N PRO F 100 47.50 50.21 0.85
CA PRO F 100 48.78 50.92 0.96
C PRO F 100 49.84 50.08 1.66
N VAL F 101 51.08 50.09 1.15
CA VAL F 101 52.15 49.30 1.74
C VAL F 101 52.51 49.74 3.16
N GLU F 102 52.58 51.04 3.39
CA GLU F 102 52.77 51.56 4.73
C GLU F 102 51.49 51.22 5.48
N LYS F 103 51.60 50.82 6.74
CA LYS F 103 50.39 50.37 7.40
C LYS F 103 49.23 51.30 7.08
N LYS F 104 48.11 50.74 6.60
CA LYS F 104 46.95 51.55 6.22
C LYS F 104 45.66 50.77 6.01
N MET F 105 44.54 51.33 6.47
CA MET F 105 43.19 50.87 6.12
C MET F 105 42.27 52.08 5.98
N GLU F 106 41.27 52.01 5.11
CA GLU F 106 40.20 53.02 5.02
C GLU F 106 38.88 52.27 4.89
N LEU F 107 37.84 52.64 5.62
CA LEU F 107 36.51 52.05 5.34
C LEU F 107 35.48 53.14 5.15
N CYS F 108 34.64 53.07 4.11
CA CYS F 108 33.66 54.14 3.85
C CYS F 108 32.19 53.67 3.85
N SER F 109 31.35 54.34 4.63
CA SER F 109 29.99 53.87 4.89
C SER F 109 28.95 54.83 4.34
N THR F 110 27.95 54.29 3.65
CA THR F 110 26.87 55.08 3.11
C THR F 110 25.51 54.43 3.27
N ASN F 111 24.48 55.24 3.42
CA ASN F 111 23.15 54.67 3.63
C ASN F 111 22.30 54.63 2.37
N ILE F 112 21.84 53.44 2.00
CA ILE F 112 20.90 53.30 0.90
C ILE F 112 19.50 53.52 1.45
N THR F 113 19.05 54.78 1.40
CA THR F 113 17.70 55.15 1.81
C THR F 113 17.17 56.31 0.96
N LEU F 114 16.02 56.86 1.34
CA LEU F 114 15.42 57.97 0.62
C LEU F 114 15.42 59.23 1.48
N THR F 115 16.15 59.18 2.58
CA THR F 115 16.24 60.31 3.50
C THR F 115 17.69 60.66 3.82
N ASN F 116 17.92 61.26 4.99
CA ASN F 116 19.25 61.66 5.40
C ASN F 116 20.31 60.60 5.11
N LEU F 117 21.50 61.06 4.74
CA LEU F 117 22.62 60.18 4.45
C LEU F 117 23.83 60.52 5.31
N VAL F 118 24.42 59.50 5.93
CA VAL F 118 25.64 59.68 6.71
C VAL F 118 26.82 58.88 6.16
N SER F 119 27.99 59.53 6.06
CA SER F 119 29.20 58.91 5.53
C SER F 119 30.19 58.89 6.69
N VAL F 120 30.82 57.75 6.97
CA VAL F 120 31.81 57.68 8.06
C VAL F 120 33.07 57.15 7.41
N ASN F 121 34.23 57.75 7.68
CA ASN F 121 35.47 57.17 7.14
C ASN F 121 36.44 56.97 8.29
N GLU F 122 37.07 55.80 8.37
CA GLU F 122 38.06 55.52 9.41
C GLU F 122 39.40 55.24 8.74
N ARG F 123 40.48 55.77 9.30
CA ARG F 123 41.84 55.42 8.90
C ARG F 123 42.57 54.87 10.13
N LEU F 124 43.10 53.66 9.98
CA LEU F 124 43.83 52.98 11.05
C LEU F 124 45.30 52.90 10.64
N VAL F 125 46.15 53.63 11.34
CA VAL F 125 47.59 53.67 11.04
C VAL F 125 48.34 53.66 12.37
N TYR F 126 49.61 53.30 12.37
CA TYR F 126 50.31 53.11 13.66
C TYR F 126 51.46 54.11 13.80
N THR F 127 51.46 54.91 14.87
CA THR F 127 52.51 55.90 15.10
C THR F 127 52.84 56.07 16.58
N PRO F 128 54.10 56.42 16.90
CA PRO F 128 54.53 56.66 18.28
C PRO F 128 54.37 58.12 18.71
N GLU F 134 54.91 49.53 18.46
CA GLU F 134 53.71 49.80 17.67
C GLU F 134 52.42 49.51 18.45
N MET F 135 51.87 50.58 19.03
CA MET F 135 50.45 50.67 19.35
C MET F 135 49.81 51.23 18.08
N THR F 136 48.49 51.18 17.96
CA THR F 136 47.81 51.72 16.76
C THR F 136 46.65 52.65 17.09
N VAL F 137 46.37 53.58 16.16
CA VAL F 137 45.39 54.66 16.37
C VAL F 137 44.55 54.85 15.12
N LEU F 138 43.27 55.17 15.30
CA LEU F 138 42.44 55.55 14.16
C LEU F 138 42.01 57.01 14.27
N THR F 139 41.62 57.54 13.11
CA THR F 139 41.10 58.89 12.97
C THR F 139 39.81 58.79 12.14
N GLN F 140 38.70 59.33 12.64
CA GLN F 140 37.42 59.14 11.97
C GLN F 140 36.66 60.42 11.68
N GLU F 141 35.76 60.33 10.70
CA GLU F 141 34.80 61.38 10.43
C GLU F 141 33.44 60.78 10.20
N ALA F 142 32.43 61.50 10.68
CA ALA F 142 31.04 61.23 10.34
C ALA F 142 30.39 62.50 9.79
N ILE F 143 29.79 62.36 8.60
CA ILE F 143 29.10 63.47 7.90
C ILE F 143 27.62 63.10 7.71
N ILE F 144 26.75 63.78 8.43
CA ILE F 144 25.35 63.44 8.48
C ILE F 144 24.46 64.51 7.85
N THR F 145 23.53 64.10 7.00
CA THR F 145 22.61 65.05 6.35
C THR F 145 21.13 64.61 6.36
N VAL F 146 20.27 65.54 6.77
CA VAL F 146 18.82 65.38 6.71
C VAL F 146 17.98 66.29 5.79
N LEU F 155 16.22 65.14 16.25
CA LEU F 155 16.59 65.61 14.94
C LEU F 155 17.98 65.07 14.46
N GLU F 156 18.74 65.96 13.85
CA GLU F 156 20.08 65.70 13.35
C GLU F 156 20.98 65.50 14.55
N SER F 157 20.68 66.17 15.65
CA SER F 157 21.42 65.98 16.88
C SER F 157 21.34 64.52 17.29
N LEU F 158 20.14 63.92 17.24
CA LEU F 158 20.02 62.49 17.57
C LEU F 158 20.83 61.64 16.63
N MET F 159 20.73 61.92 15.35
CA MET F 159 21.50 61.15 14.36
C MET F 159 23.00 61.24 14.67
N ALA F 160 23.47 62.46 14.93
CA ALA F 160 24.88 62.68 15.26
C ALA F 160 25.23 61.91 16.52
N ASN F 161 24.40 62.03 17.54
CA ASN F 161 24.66 61.36 18.79
C ASN F 161 24.73 59.87 18.59
N THR F 162 23.85 59.34 17.74
CA THR F 162 23.84 57.90 17.41
C THR F 162 25.12 57.42 16.76
N ILE F 163 25.62 58.17 15.76
CA ILE F 163 26.75 57.64 14.97
C ILE F 163 28.09 57.73 15.72
N SER F 164 28.16 58.66 16.67
CA SER F 164 29.32 58.77 17.55
C SER F 164 29.32 57.63 18.53
N SER F 165 28.13 57.32 19.03
CA SER F 165 27.96 56.25 19.98
C SER F 165 28.36 54.94 19.33
N ASN F 166 27.93 54.76 18.08
CA ASN F 166 28.33 53.57 17.32
C ASN F 166 29.84 53.48 17.21
N ALA F 167 30.49 54.60 16.94
CA ALA F 167 31.94 54.60 16.84
C ALA F 167 32.59 54.23 18.17
N LYS F 168 32.08 54.75 19.28
CA LYS F 168 32.60 54.37 20.61
C LYS F 168 32.40 52.87 20.84
N LYS F 169 31.22 52.39 20.47
CA LYS F 169 30.93 50.97 20.63
C LYS F 169 31.91 50.16 19.80
N GLY F 170 32.18 50.64 18.59
CA GLY F 170 33.08 49.97 17.66
C GLY F 170 34.48 49.79 18.17
N TRP F 171 35.04 50.83 18.80
CA TRP F 171 36.38 50.73 19.37
C TRP F 171 36.36 49.62 20.39
N ALA F 172 35.31 49.61 21.21
CA ALA F 172 35.13 48.61 22.27
C ALA F 172 35.00 47.18 21.72
N ALA F 173 34.27 47.06 20.61
CA ALA F 173 34.11 45.78 19.94
C ALA F 173 35.45 45.29 19.41
N ILE F 174 36.21 46.20 18.77
CA ILE F 174 37.54 45.80 18.29
C ILE F 174 38.35 45.38 19.49
N GLU F 175 38.31 46.16 20.57
CA GLU F 175 39.03 45.77 21.77
C GLU F 175 38.50 44.43 22.18
N TRP F 176 37.19 44.23 22.05
CA TRP F 176 36.61 42.96 22.44
C TRP F 176 37.14 41.77 21.58
N ILE F 177 37.05 41.93 20.27
CA ILE F 177 37.39 40.88 19.33
C ILE F 177 38.82 40.36 19.52
N ILE F 178 39.75 41.23 19.92
CA ILE F 178 41.13 40.79 20.16
C ILE F 178 41.11 39.67 21.19
N GLU F 179 40.47 39.93 22.33
CA GLU F 179 40.52 38.99 23.43
C GLU F 179 40.06 37.64 22.96
N HIS F 180 38.93 37.60 22.25
CA HIS F 180 38.30 36.31 21.93
C HIS F 180 38.76 35.65 20.62
N SER F 181 39.34 36.41 19.69
CA SER F 181 40.03 35.78 18.58
C SER F 181 41.15 35.03 19.27
N LYS G 2 -24.59 26.89 13.67
CA LYS G 2 -24.49 25.43 13.90
C LYS G 2 -25.26 24.99 15.16
N ILE G 3 -25.35 23.68 15.34
CA ILE G 3 -26.20 23.08 16.38
C ILE G 3 -25.67 23.44 17.76
N GLU G 4 -26.61 23.64 18.70
CA GLU G 4 -26.28 24.06 20.06
C GLU G 4 -25.92 22.88 20.96
N GLU G 5 -24.79 23.04 21.66
CA GLU G 5 -24.29 22.06 22.60
C GLU G 5 -25.06 22.16 23.92
N GLY G 6 -25.32 21.02 24.56
CA GLY G 6 -25.98 20.97 25.86
C GLY G 6 -27.51 21.02 25.85
N LYS G 7 -28.11 20.67 24.72
CA LYS G 7 -29.54 20.87 24.54
C LYS G 7 -30.00 19.87 23.49
N LEU G 8 -31.27 19.48 23.51
CA LEU G 8 -31.79 18.59 22.45
C LEU G 8 -32.90 19.24 21.65
N VAL G 9 -32.79 19.20 20.32
CA VAL G 9 -33.81 19.73 19.43
C VAL G 9 -34.26 18.59 18.55
N ILE G 10 -35.56 18.31 18.55
CA ILE G 10 -36.13 17.17 17.84
C ILE G 10 -37.12 17.64 16.79
N TRP G 11 -37.04 17.05 15.60
CA TRP G 11 -38.01 17.34 14.55
C TRP G 11 -38.83 16.10 14.29
N ILE G 12 -40.14 16.27 14.20
CA ILE G 12 -41.03 15.16 13.86
C ILE G 12 -42.20 15.70 13.06
N ASN G 13 -42.76 14.87 12.18
CA ASN G 13 -43.82 15.33 11.30
C ASN G 13 -45.07 15.82 12.05
N GLY G 14 -45.74 16.80 11.47
CA GLY G 14 -46.86 17.47 12.10
C GLY G 14 -48.09 16.63 12.44
N ASP G 15 -48.19 15.46 11.81
CA ASP G 15 -49.33 14.59 12.05
C ASP G 15 -49.08 13.63 13.22
N LYS G 16 -47.87 13.67 13.82
CA LYS G 16 -47.52 12.73 14.88
C LYS G 16 -47.70 13.32 16.26
N GLY G 17 -47.46 12.50 17.27
CA GLY G 17 -47.62 12.88 18.66
C GLY G 17 -46.49 13.75 19.19
N TYR G 18 -46.30 14.92 18.59
CA TYR G 18 -45.23 15.83 18.99
C TYR G 18 -45.45 16.46 20.36
N ASN G 19 -46.70 16.66 20.75
CA ASN G 19 -47.01 17.12 22.10
C ASN G 19 -46.68 16.06 23.16
N GLY G 20 -46.92 14.80 22.83
CA GLY G 20 -46.62 13.68 23.72
C GLY G 20 -45.12 13.50 23.80
N LEU G 21 -44.45 13.65 22.64
CA LEU G 21 -42.98 13.60 22.65
C LEU G 21 -42.37 14.72 23.52
N ALA G 22 -42.98 15.90 23.48
CA ALA G 22 -42.54 17.00 24.34
C ALA G 22 -42.71 16.70 25.85
N GLU G 23 -43.69 15.86 26.21
CA GLU G 23 -43.83 15.35 27.59
C GLU G 23 -42.65 14.49 27.99
N VAL G 24 -42.26 13.60 27.08
CA VAL G 24 -41.08 12.78 27.29
C VAL G 24 -39.88 13.71 27.43
N GLY G 25 -39.83 14.74 26.57
CA GLY G 25 -38.77 15.77 26.67
C GLY G 25 -38.72 16.49 28.01
N LYS G 26 -39.89 16.86 28.52
CA LYS G 26 -39.96 17.46 29.86
C LYS G 26 -39.41 16.53 30.95
N LYS G 27 -39.72 15.25 30.84
CA LYS G 27 -39.23 14.26 31.79
C LYS G 27 -37.70 14.18 31.72
N PHE G 28 -37.15 14.15 30.50
CA PHE G 28 -35.71 14.19 30.30
C PHE G 28 -35.12 15.44 30.94
N GLU G 29 -35.74 16.59 30.65
CA GLU G 29 -35.22 17.85 31.23
C GLU G 29 -35.29 17.86 32.76
N LYS G 30 -36.36 17.27 33.31
CA LYS G 30 -36.55 17.22 34.75
C LYS G 30 -35.50 16.38 35.43
N ASP G 31 -35.14 15.26 34.82
CA ASP G 31 -34.11 14.36 35.34
C ASP G 31 -32.69 14.91 35.22
N THR G 32 -32.41 15.60 34.12
CA THR G 32 -31.02 15.90 33.74
C THR G 32 -30.65 17.39 33.64
N GLY G 33 -31.63 18.26 33.67
CA GLY G 33 -31.41 19.70 33.43
C GLY G 33 -31.10 20.03 31.99
N ILE G 34 -31.25 19.05 31.08
CA ILE G 34 -30.96 19.27 29.66
C ILE G 34 -32.27 19.56 28.93
N LYS G 35 -32.38 20.79 28.45
CA LYS G 35 -33.56 21.26 27.73
C LYS G 35 -33.86 20.47 26.44
N VAL G 36 -35.14 20.11 26.24
CA VAL G 36 -35.55 19.38 25.04
C VAL G 36 -36.66 20.12 24.31
N THR G 37 -36.43 20.43 23.04
CA THR G 37 -37.37 21.21 22.24
C THR G 37 -37.86 20.38 21.07
N VAL G 38 -39.17 20.23 20.92
CA VAL G 38 -39.75 19.43 19.84
C VAL G 38 -40.47 20.31 18.83
N GLU G 39 -40.08 20.23 17.56
CA GLU G 39 -40.66 21.08 16.51
C GLU G 39 -41.19 20.23 15.36
N HIS G 40 -42.11 20.78 14.58
CA HIS G 40 -42.70 20.09 13.42
C HIS G 40 -42.75 21.01 12.19
N PRO G 41 -41.59 21.24 11.58
CA PRO G 41 -41.51 22.20 10.48
C PRO G 41 -42.24 21.70 9.26
N ASP G 42 -42.68 22.62 8.42
CA ASP G 42 -43.42 22.31 7.17
C ASP G 42 -42.49 21.57 6.21
N LYS G 43 -42.96 20.51 5.56
CA LYS G 43 -42.14 19.66 4.68
C LYS G 43 -40.79 19.28 5.30
N LEU G 44 -40.83 18.71 6.49
CA LEU G 44 -39.57 18.50 7.21
C LEU G 44 -38.65 17.52 6.51
N GLU G 45 -39.24 16.61 5.73
CA GLU G 45 -38.46 15.62 4.97
C GLU G 45 -37.61 16.25 3.86
N GLU G 46 -38.04 17.42 3.39
CA GLU G 46 -37.22 18.21 2.46
C GLU G 46 -36.31 19.22 3.18
N LYS G 47 -36.76 19.79 4.30
CA LYS G 47 -35.94 20.75 5.05
C LYS G 47 -34.77 20.12 5.75
N PHE G 48 -34.94 18.91 6.25
CA PHE G 48 -33.83 18.30 6.98
C PHE G 48 -32.55 18.23 6.14
N PRO G 49 -32.65 17.74 4.92
CA PRO G 49 -31.46 17.60 4.09
C PRO G 49 -30.83 18.97 3.88
N GLN G 50 -31.66 19.99 3.75
CA GLN G 50 -31.17 21.34 3.44
C GLN G 50 -30.34 21.91 4.54
N VAL G 51 -30.88 21.89 5.74
CA VAL G 51 -30.14 22.42 6.88
C VAL G 51 -28.98 21.49 7.28
N ALA G 52 -29.24 20.18 7.34
CA ALA G 52 -28.21 19.23 7.81
C ALA G 52 -26.97 19.25 6.93
N ALA G 53 -27.16 19.48 5.64
CA ALA G 53 -26.05 19.62 4.71
C ALA G 53 -25.09 20.75 5.10
N THR G 54 -25.59 21.77 5.79
CA THR G 54 -24.71 22.82 6.27
C THR G 54 -24.24 22.57 7.71
N GLY G 55 -24.51 21.38 8.25
CA GLY G 55 -24.23 21.07 9.66
C GLY G 55 -25.16 21.75 10.65
N ASP G 56 -26.33 22.18 10.15
CA ASP G 56 -27.33 22.78 11.03
C ASP G 56 -28.46 21.77 11.20
N GLY G 57 -29.59 22.20 11.76
CA GLY G 57 -30.77 21.32 11.87
C GLY G 57 -30.95 20.73 13.26
N PRO G 58 -31.88 19.77 13.40
CA PRO G 58 -32.15 19.18 14.72
C PRO G 58 -31.08 18.21 15.14
N ASP G 59 -31.04 17.89 16.44
CA ASP G 59 -30.19 16.80 16.93
C ASP G 59 -30.75 15.44 16.52
N ILE G 60 -32.06 15.32 16.57
CA ILE G 60 -32.77 14.10 16.25
C ILE G 60 -33.86 14.39 15.24
N ILE G 61 -33.98 13.49 14.26
CA ILE G 61 -35.05 13.62 13.27
C ILE G 61 -35.90 12.38 13.19
N PHE G 62 -37.23 12.56 13.24
CA PHE G 62 -38.18 11.48 13.01
C PHE G 62 -38.77 11.55 11.60
N TRP G 63 -38.63 10.47 10.87
CA TRP G 63 -39.38 10.24 9.64
C TRP G 63 -39.49 8.74 9.42
N ALA G 64 -40.35 8.33 8.50
CA ALA G 64 -40.37 6.94 8.09
C ALA G 64 -39.01 6.56 7.52
N HIS G 65 -38.66 5.29 7.66
CA HIS G 65 -37.33 4.80 7.25
C HIS G 65 -36.94 4.97 5.77
N ASP G 66 -37.92 5.15 4.88
CA ASP G 66 -37.64 5.16 3.42
C ASP G 66 -36.70 6.29 3.00
N ARG G 67 -36.73 7.38 3.75
CA ARG G 67 -35.92 8.55 3.43
C ARG G 67 -34.54 8.47 4.03
N PHE G 68 -34.32 7.52 4.92
CA PHE G 68 -33.12 7.51 5.73
C PHE G 68 -31.87 7.02 4.98
N GLY G 69 -32.03 6.09 4.04
CA GLY G 69 -30.88 5.63 3.27
C GLY G 69 -30.26 6.79 2.50
N GLY G 70 -31.14 7.58 1.89
CA GLY G 70 -30.73 8.82 1.25
C GLY G 70 -30.00 9.76 2.19
N TYR G 71 -30.53 9.95 3.41
CA TYR G 71 -29.90 10.88 4.36
C TYR G 71 -28.54 10.34 4.81
N ALA G 72 -28.46 9.03 5.01
CA ALA G 72 -27.24 8.40 5.47
C ALA G 72 -26.19 8.48 4.38
N GLN G 73 -26.59 8.14 3.16
CA GLN G 73 -25.67 8.19 2.03
C GLN G 73 -25.09 9.60 1.81
N SER G 74 -25.87 10.63 2.11
CA SER G 74 -25.36 11.99 2.01
C SER G 74 -24.62 12.45 3.26
N GLY G 75 -24.46 11.54 4.22
CA GLY G 75 -23.68 11.81 5.43
C GLY G 75 -24.40 12.69 6.43
N LEU G 76 -25.73 12.65 6.42
CA LEU G 76 -26.47 13.51 7.34
C LEU G 76 -26.77 12.86 8.70
N LEU G 77 -26.50 11.56 8.81
CA LEU G 77 -26.89 10.79 9.98
C LEU G 77 -25.73 10.07 10.59
N ALA G 78 -25.69 10.03 11.92
CA ALA G 78 -24.62 9.33 12.59
C ALA G 78 -25.01 7.87 12.65
N GLU G 79 -23.99 7.01 12.66
CA GLU G 79 -24.19 5.61 12.93
C GLU G 79 -24.65 5.49 14.37
N ILE G 80 -25.59 4.60 14.64
CA ILE G 80 -26.00 4.42 16.04
C ILE G 80 -25.53 3.07 16.57
N THR G 81 -25.48 2.95 17.89
CA THR G 81 -24.67 1.93 18.54
C THR G 81 -25.34 1.28 19.77
N PRO G 82 -26.56 0.74 19.63
CA PRO G 82 -27.20 0.14 20.81
C PRO G 82 -26.50 -1.12 21.24
N ALA G 83 -26.49 -1.38 22.54
CA ALA G 83 -25.97 -2.64 23.08
C ALA G 83 -26.87 -3.78 22.65
N ALA G 84 -26.29 -5.00 22.61
CA ALA G 84 -27.03 -6.21 22.27
C ALA G 84 -28.29 -6.32 23.13
N ALA G 85 -28.11 -6.01 24.41
CA ALA G 85 -29.21 -5.95 25.38
C ALA G 85 -30.35 -5.07 24.88
N PHE G 86 -30.03 -3.89 24.35
CA PHE G 86 -31.08 -2.98 23.94
C PHE G 86 -31.74 -3.42 22.63
N GLN G 87 -30.93 -3.96 21.72
CA GLN G 87 -31.45 -4.43 20.43
C GLN G 87 -32.49 -5.53 20.60
N ASP G 88 -32.24 -6.41 21.57
CA ASP G 88 -33.18 -7.48 21.88
C ASP G 88 -34.53 -6.97 22.38
N LYS G 89 -34.62 -5.69 22.73
CA LYS G 89 -35.89 -5.16 23.23
C LYS G 89 -36.86 -4.82 22.08
N LEU G 90 -36.33 -4.68 20.86
CA LEU G 90 -37.12 -4.31 19.68
C LEU G 90 -37.16 -5.45 18.69
N TYR G 91 -38.23 -5.53 17.89
CA TYR G 91 -38.35 -6.58 16.90
C TYR G 91 -37.22 -6.48 15.89
N PRO G 92 -36.59 -7.61 15.56
CA PRO G 92 -35.56 -7.65 14.57
C PRO G 92 -35.91 -6.95 13.25
N PHE G 93 -37.11 -7.17 12.73
CA PHE G 93 -37.45 -6.63 11.41
C PHE G 93 -37.44 -5.11 11.42
N THR G 94 -37.71 -4.49 12.57
CA THR G 94 -37.70 -3.04 12.66
C THR G 94 -36.28 -2.48 12.55
N TRP G 95 -35.30 -3.20 13.11
CA TRP G 95 -33.90 -2.84 12.98
C TRP G 95 -33.46 -2.94 11.54
N ASP G 96 -33.95 -3.97 10.85
CA ASP G 96 -33.64 -4.19 9.44
C ASP G 96 -34.02 -2.97 8.60
N ALA G 97 -35.16 -2.35 8.90
CA ALA G 97 -35.60 -1.15 8.17
C ALA G 97 -34.67 0.06 8.29
N VAL G 98 -33.95 0.15 9.40
CA VAL G 98 -33.07 1.26 9.67
C VAL G 98 -31.61 0.85 9.58
N ARG G 99 -31.36 -0.31 8.99
CA ARG G 99 -30.01 -0.69 8.63
C ARG G 99 -29.78 -0.26 7.19
N TYR G 100 -28.66 0.40 6.95
CA TYR G 100 -28.27 0.76 5.58
C TYR G 100 -26.79 0.48 5.36
N ASN G 101 -26.51 -0.40 4.40
CA ASN G 101 -25.15 -0.82 4.13
C ASN G 101 -24.51 -1.39 5.38
N GLY G 102 -25.21 -2.30 6.04
CA GLY G 102 -24.67 -3.00 7.18
C GLY G 102 -24.55 -2.19 8.46
N LYS G 103 -24.97 -0.91 8.43
CA LYS G 103 -24.87 -0.03 9.61
C LYS G 103 -26.24 0.46 10.06
N LEU G 104 -26.43 0.58 11.37
CA LEU G 104 -27.64 1.15 11.91
C LEU G 104 -27.60 2.65 11.85
N ILE G 105 -28.63 3.24 11.25
CA ILE G 105 -28.68 4.72 11.03
C ILE G 105 -29.80 5.44 11.79
N ALA G 106 -30.49 4.71 12.65
CA ALA G 106 -31.64 5.26 13.36
C ALA G 106 -32.22 4.23 14.34
N TYR G 107 -33.04 4.72 15.27
CA TYR G 107 -33.82 3.85 16.16
C TYR G 107 -35.22 3.68 15.59
N PRO G 108 -35.66 2.43 15.41
CA PRO G 108 -37.04 2.18 14.99
C PRO G 108 -38.00 2.44 16.13
N ILE G 109 -39.11 3.07 15.81
CA ILE G 109 -40.10 3.44 16.80
C ILE G 109 -41.38 2.63 16.63
N ALA G 110 -41.95 2.70 15.44
CA ALA G 110 -43.24 2.07 15.21
C ALA G 110 -43.48 1.75 13.76
N VAL G 111 -44.35 0.77 13.55
CA VAL G 111 -44.69 0.30 12.23
C VAL G 111 -46.05 0.87 11.81
N GLU G 112 -46.02 1.61 10.71
CA GLU G 112 -47.17 2.33 10.19
C GLU G 112 -47.70 1.62 8.95
N ALA G 113 -48.99 1.33 8.92
CA ALA G 113 -49.63 1.00 7.65
C ALA G 113 -50.99 1.66 7.56
N LEU G 114 -51.36 2.05 6.33
CA LEU G 114 -52.69 2.58 6.07
C LEU G 114 -53.76 1.51 6.22
N SER G 115 -54.93 1.93 6.69
CA SER G 115 -56.08 1.05 6.77
C SER G 115 -57.32 1.76 6.24
N LEU G 116 -58.41 0.99 6.05
CA LEU G 116 -59.70 1.60 5.69
C LEU G 116 -60.40 2.02 6.96
N ILE G 117 -60.76 3.30 7.09
CA ILE G 117 -61.43 3.78 8.29
C ILE G 117 -62.86 4.10 7.91
N TYR G 118 -63.82 3.55 8.66
CA TYR G 118 -65.22 3.70 8.27
C TYR G 118 -66.11 4.10 9.45
N ASN G 119 -67.17 4.84 9.11
CA ASN G 119 -68.16 5.28 10.08
C ASN G 119 -69.23 4.18 10.21
N LYS G 120 -69.28 3.52 11.36
CA LYS G 120 -70.22 2.41 11.58
C LYS G 120 -71.70 2.79 11.49
N ASP G 121 -72.04 4.02 11.83
CA ASP G 121 -73.44 4.43 11.77
C ASP G 121 -73.90 4.73 10.34
N LEU G 122 -73.00 5.25 9.51
CA LEU G 122 -73.30 5.44 8.09
C LEU G 122 -73.06 4.18 7.25
N LEU G 123 -72.19 3.30 7.71
CA LEU G 123 -71.77 2.15 6.92
C LEU G 123 -71.37 0.97 7.80
N PRO G 124 -72.37 0.27 8.34
CA PRO G 124 -72.11 -0.81 9.29
C PRO G 124 -71.30 -1.96 8.66
N ASN G 125 -71.54 -2.23 7.37
CA ASN G 125 -70.75 -3.21 6.65
C ASN G 125 -69.93 -2.56 5.55
N PRO G 126 -68.63 -2.29 5.82
CA PRO G 126 -67.86 -1.62 4.80
C PRO G 126 -67.59 -2.54 3.61
N PRO G 127 -67.36 -1.97 2.42
CA PRO G 127 -67.16 -2.76 1.21
C PRO G 127 -65.85 -3.55 1.25
N LYS G 128 -65.85 -4.74 0.66
CA LYS G 128 -64.65 -5.60 0.60
C LYS G 128 -63.84 -5.36 -0.68
N THR G 129 -64.45 -4.72 -1.68
CA THR G 129 -63.81 -4.46 -2.98
C THR G 129 -63.93 -2.99 -3.37
N TRP G 130 -62.93 -2.49 -4.11
CA TRP G 130 -62.97 -1.12 -4.67
C TRP G 130 -64.13 -0.96 -5.64
N GLU G 131 -64.37 -2.03 -6.41
CA GLU G 131 -65.39 -2.03 -7.45
C GLU G 131 -66.82 -1.75 -6.93
N GLU G 132 -67.08 -2.07 -5.65
CA GLU G 132 -68.36 -1.73 -5.00
C GLU G 132 -68.52 -0.24 -4.69
N ILE G 133 -67.41 0.52 -4.70
CA ILE G 133 -67.45 1.87 -4.13
C ILE G 133 -68.30 2.86 -4.94
N PRO G 134 -68.25 2.78 -6.28
CA PRO G 134 -69.15 3.65 -7.08
C PRO G 134 -70.64 3.54 -6.69
N ALA G 135 -71.15 2.30 -6.66
CA ALA G 135 -72.53 2.03 -6.30
C ALA G 135 -72.81 2.49 -4.87
N LEU G 136 -71.91 2.22 -3.95
CA LEU G 136 -72.05 2.72 -2.59
C LEU G 136 -72.17 4.23 -2.54
N ASP G 137 -71.28 4.91 -3.29
CA ASP G 137 -71.23 6.37 -3.30
C ASP G 137 -72.51 6.92 -3.86
N LYS G 138 -72.95 6.34 -4.98
CA LYS G 138 -74.21 6.72 -5.62
C LYS G 138 -75.39 6.76 -4.61
N GLU G 139 -75.49 5.70 -3.82
CA GLU G 139 -76.52 5.59 -2.80
C GLU G 139 -76.35 6.60 -1.67
N LEU G 140 -75.11 6.86 -1.27
CA LEU G 140 -74.86 7.82 -0.20
C LEU G 140 -75.08 9.26 -0.65
N LYS G 141 -74.85 9.55 -1.93
CA LYS G 141 -75.09 10.89 -2.47
C LYS G 141 -76.58 11.21 -2.46
N ALA G 142 -77.42 10.21 -2.73
CA ALA G 142 -78.87 10.37 -2.55
C ALA G 142 -79.25 10.88 -1.15
N LYS G 143 -78.51 10.46 -0.11
CA LYS G 143 -78.69 10.96 1.27
C LYS G 143 -77.94 12.26 1.58
N GLY G 144 -77.21 12.80 0.59
CA GLY G 144 -76.39 14.00 0.81
C GLY G 144 -75.08 13.70 1.51
N LYS G 145 -74.61 12.46 1.41
CA LYS G 145 -73.33 12.03 1.96
C LYS G 145 -72.45 11.53 0.84
N SER G 146 -71.29 10.98 1.18
CA SER G 146 -70.47 10.30 0.18
C SER G 146 -69.79 9.07 0.77
N ALA G 147 -69.35 8.19 -0.13
CA ALA G 147 -68.76 6.90 0.26
C ALA G 147 -67.35 7.07 0.85
N LEU G 148 -66.50 7.79 0.12
CA LEU G 148 -65.07 7.80 0.40
C LEU G 148 -64.37 9.12 0.06
N MET G 149 -63.52 9.56 0.98
CA MET G 149 -62.63 10.69 0.75
C MET G 149 -61.28 10.40 1.39
N PHE G 150 -60.19 10.63 0.65
CA PHE G 150 -58.83 10.46 1.20
C PHE G 150 -57.84 11.32 0.45
N ASN G 151 -56.65 11.44 1.00
CA ASN G 151 -55.65 12.38 0.49
C ASN G 151 -55.07 11.95 -0.84
N LEU G 152 -55.48 12.63 -1.89
CA LEU G 152 -54.98 12.34 -3.24
C LEU G 152 -53.66 13.05 -3.57
N GLN G 153 -53.26 14.02 -2.75
CA GLN G 153 -52.06 14.84 -3.05
C GLN G 153 -50.74 14.17 -2.63
N GLU G 154 -50.83 13.08 -1.85
CA GLU G 154 -49.63 12.31 -1.44
C GLU G 154 -49.74 10.92 -1.97
N PRO G 155 -48.77 10.52 -2.82
CA PRO G 155 -48.84 9.21 -3.49
C PRO G 155 -48.84 8.04 -2.49
N TYR G 156 -48.35 8.26 -1.26
CA TYR G 156 -48.48 7.30 -0.16
C TYR G 156 -49.89 6.72 -0.04
N PHE G 157 -50.90 7.58 -0.17
CA PHE G 157 -52.29 7.19 0.08
C PHE G 157 -52.96 6.49 -1.10
N THR G 158 -52.51 6.77 -2.32
CA THR G 158 -53.08 6.10 -3.50
C THR G 158 -52.28 4.86 -3.88
N TRP G 159 -51.02 4.84 -3.48
CA TRP G 159 -50.15 3.71 -3.77
C TRP G 159 -50.76 2.32 -3.52
N PRO G 160 -51.45 2.14 -2.39
CA PRO G 160 -52.05 0.84 -2.16
C PRO G 160 -52.88 0.35 -3.34
N LEU G 161 -53.61 1.28 -3.97
CA LEU G 161 -54.49 0.87 -5.11
C LEU G 161 -53.66 0.63 -6.37
N ILE G 162 -52.71 1.52 -6.62
CA ILE G 162 -51.81 1.41 -7.74
C ILE G 162 -51.06 0.07 -7.72
N ALA G 163 -50.63 -0.32 -6.52
CA ALA G 163 -49.81 -1.53 -6.34
C ALA G 163 -50.62 -2.84 -6.32
N ALA G 164 -51.90 -2.76 -5.98
CA ALA G 164 -52.74 -3.94 -5.79
C ALA G 164 -52.67 -4.95 -6.93
N ASP G 165 -52.73 -4.48 -8.18
CA ASP G 165 -52.69 -5.41 -9.31
C ASP G 165 -51.30 -5.61 -9.89
N GLY G 166 -50.27 -4.97 -9.29
CA GLY G 166 -48.92 -5.25 -9.74
C GLY G 166 -47.98 -4.07 -9.91
N GLY G 167 -48.44 -2.87 -9.62
CA GLY G 167 -47.53 -1.72 -9.57
C GLY G 167 -46.47 -1.94 -8.51
N TYR G 168 -45.25 -1.50 -8.79
CA TYR G 168 -44.21 -1.52 -7.77
C TYR G 168 -43.32 -0.29 -7.86
N ALA G 169 -42.26 -0.26 -7.08
CA ALA G 169 -41.31 0.82 -7.16
C ALA G 169 -40.11 0.22 -7.86
N PHE G 170 -39.27 -0.45 -7.08
CA PHE G 170 -38.06 -1.06 -7.59
C PHE G 170 -38.15 -2.56 -7.41
N LYS G 171 -37.63 -3.29 -8.41
CA LYS G 171 -37.48 -4.72 -8.34
C LYS G 171 -36.58 -5.09 -7.20
N TYR G 172 -36.88 -6.25 -6.65
CA TYR G 172 -36.16 -6.79 -5.54
C TYR G 172 -35.83 -8.24 -5.89
N ALA G 173 -34.57 -8.60 -5.71
CA ALA G 173 -34.12 -9.93 -6.08
C ALA G 173 -32.80 -10.15 -5.39
N ALA G 174 -32.70 -11.29 -4.72
CA ALA G 174 -31.51 -11.67 -3.99
C ALA G 174 -31.05 -10.59 -3.03
N GLY G 175 -31.96 -10.03 -2.21
CA GLY G 175 -31.54 -9.06 -1.20
C GLY G 175 -31.20 -7.65 -1.70
N LYS G 176 -31.47 -7.36 -2.97
CA LYS G 176 -30.99 -6.12 -3.60
C LYS G 176 -32.07 -5.50 -4.47
N TYR G 177 -32.21 -4.17 -4.41
CA TYR G 177 -33.15 -3.46 -5.30
C TYR G 177 -32.54 -3.00 -6.61
N ASP G 178 -33.25 -3.27 -7.69
CA ASP G 178 -32.74 -3.10 -9.04
C ASP G 178 -33.30 -1.77 -9.45
N ILE G 179 -32.44 -0.77 -9.52
CA ILE G 179 -32.89 0.59 -9.85
C ILE G 179 -33.11 0.83 -11.33
N LYS G 180 -32.61 -0.10 -12.17
CA LYS G 180 -32.71 0.01 -13.63
C LYS G 180 -34.12 -0.36 -14.07
N ASP G 181 -34.88 -0.96 -13.15
CA ASP G 181 -36.23 -1.37 -13.43
C ASP G 181 -37.26 -0.67 -12.51
N VAL G 182 -38.12 0.20 -13.06
CA VAL G 182 -39.14 0.83 -12.24
C VAL G 182 -40.48 0.29 -12.73
N GLY G 183 -41.34 -0.09 -11.77
CA GLY G 183 -42.55 -0.86 -12.08
C GLY G 183 -43.79 -0.01 -12.03
N VAL G 184 -43.60 1.28 -12.29
CA VAL G 184 -44.63 2.25 -12.14
C VAL G 184 -45.45 2.39 -13.42
N ASP G 185 -44.99 1.77 -14.51
CA ASP G 185 -45.65 1.90 -15.79
C ASP G 185 -46.28 0.61 -16.31
N ASN G 186 -46.46 -0.40 -15.46
CA ASN G 186 -47.05 -1.66 -15.94
C ASN G 186 -48.58 -1.67 -15.95
N ALA G 187 -49.13 -2.76 -16.49
CA ALA G 187 -50.56 -2.91 -16.63
C ALA G 187 -51.29 -2.84 -15.30
N GLY G 188 -50.68 -3.42 -14.25
CA GLY G 188 -51.24 -3.38 -12.90
C GLY G 188 -51.33 -1.97 -12.33
N ALA G 189 -50.24 -1.22 -12.50
CA ALA G 189 -50.16 0.17 -12.08
C ALA G 189 -51.16 0.99 -12.85
N LYS G 190 -51.23 0.75 -14.17
CA LYS G 190 -52.20 1.46 -15.00
C LYS G 190 -53.65 1.17 -14.59
N ALA G 191 -53.99 -0.10 -14.41
CA ALA G 191 -55.35 -0.46 -14.03
C ALA G 191 -55.81 0.27 -12.75
N GLY G 192 -54.95 0.21 -11.72
CA GLY G 192 -55.22 0.83 -10.43
C GLY G 192 -55.44 2.33 -10.50
N LEU G 193 -54.52 3.02 -11.19
CA LEU G 193 -54.62 4.48 -11.32
C LEU G 193 -55.84 4.83 -12.17
N THR G 194 -56.06 4.06 -13.25
CA THR G 194 -57.24 4.26 -14.09
C THR G 194 -58.54 4.12 -13.28
N PHE G 195 -58.58 3.14 -12.37
CA PHE G 195 -59.76 3.04 -11.50
C PHE G 195 -59.98 4.34 -10.69
N LEU G 196 -58.88 4.85 -10.11
CA LEU G 196 -58.92 6.08 -9.33
C LEU G 196 -59.39 7.25 -10.19
N VAL G 197 -58.82 7.38 -11.37
CA VAL G 197 -59.14 8.50 -12.27
C VAL G 197 -60.61 8.40 -12.68
N ASP G 198 -61.06 7.18 -12.97
CA ASP G 198 -62.48 6.98 -13.26
C ASP G 198 -63.40 7.25 -12.06
N LEU G 199 -62.97 6.95 -10.83
CA LEU G 199 -63.75 7.44 -9.68
C LEU G 199 -63.97 8.97 -9.73
N ILE G 200 -62.93 9.70 -10.13
CA ILE G 200 -62.99 11.16 -10.20
C ILE G 200 -63.84 11.62 -11.38
N LYS G 201 -63.67 10.98 -12.53
CA LYS G 201 -64.45 11.34 -13.72
C LYS G 201 -65.95 11.10 -13.49
N ASN G 202 -66.30 10.01 -12.79
CA ASN G 202 -67.71 9.75 -12.46
C ASN G 202 -68.17 10.45 -11.17
N LYS G 203 -67.45 11.48 -10.73
CA LYS G 203 -67.86 12.33 -9.59
C LYS G 203 -67.99 11.63 -8.25
N HIS G 204 -67.27 10.53 -8.05
CA HIS G 204 -67.28 9.88 -6.75
C HIS G 204 -66.19 10.46 -5.82
N MET G 205 -65.24 11.21 -6.41
CA MET G 205 -64.20 11.96 -5.65
C MET G 205 -63.81 13.26 -6.36
N ASN G 206 -63.29 14.22 -5.59
CA ASN G 206 -62.70 15.45 -6.16
C ASN G 206 -61.20 15.34 -6.22
N ALA G 207 -60.66 15.76 -7.37
CA ALA G 207 -59.22 15.61 -7.68
C ALA G 207 -58.31 16.37 -6.72
N ASP G 208 -58.80 17.44 -6.10
CA ASP G 208 -57.94 18.22 -5.23
C ASP G 208 -58.12 17.91 -3.74
N THR G 209 -58.78 16.78 -3.42
CA THR G 209 -58.99 16.41 -2.01
C THR G 209 -57.62 16.16 -1.39
N ASP G 210 -57.33 16.81 -0.29
CA ASP G 210 -56.03 16.66 0.42
C ASP G 210 -56.29 16.13 1.83
N TYR G 211 -55.26 16.09 2.67
CA TYR G 211 -55.41 15.44 3.98
C TYR G 211 -56.47 16.08 4.82
N SER G 212 -56.44 17.42 4.86
CA SER G 212 -57.29 18.14 5.80
C SER G 212 -58.75 18.09 5.37
N ILE G 213 -59.00 18.18 4.06
CA ILE G 213 -60.36 18.07 3.53
C ILE G 213 -60.96 16.69 3.84
N ALA G 214 -60.17 15.66 3.55
CA ALA G 214 -60.62 14.31 3.80
C ALA G 214 -60.81 14.05 5.29
N GLU G 215 -59.90 14.59 6.11
CA GLU G 215 -60.04 14.41 7.55
C GLU G 215 -61.25 15.15 8.12
N ALA G 216 -61.44 16.41 7.72
CA ALA G 216 -62.61 17.16 8.14
C ALA G 216 -63.90 16.49 7.65
N ALA G 217 -63.89 15.98 6.40
CA ALA G 217 -65.08 15.31 5.88
C ALA G 217 -65.50 14.08 6.70
N PHE G 218 -64.52 13.24 7.06
CA PHE G 218 -64.81 12.05 7.85
C PHE G 218 -65.24 12.39 9.27
N ASN G 219 -64.50 13.27 9.94
CA ASN G 219 -64.74 13.54 11.36
C ASN G 219 -65.95 14.41 11.62
N LYS G 220 -66.49 15.01 10.56
CA LYS G 220 -67.75 15.74 10.69
C LYS G 220 -68.93 14.90 10.15
N GLY G 221 -68.68 13.64 9.81
CA GLY G 221 -69.73 12.73 9.37
C GLY G 221 -70.25 12.93 7.95
N GLU G 222 -69.48 13.58 7.09
CA GLU G 222 -69.95 13.87 5.71
C GLU G 222 -69.73 12.70 4.75
N THR G 223 -68.65 11.96 5.01
CA THR G 223 -68.27 10.81 4.18
C THR G 223 -68.18 9.59 5.07
N ALA G 224 -68.49 8.43 4.50
CA ALA G 224 -68.61 7.18 5.25
C ALA G 224 -67.28 6.47 5.50
N MET G 225 -66.28 6.74 4.63
CA MET G 225 -64.94 6.15 4.79
C MET G 225 -63.80 7.10 4.45
N THR G 226 -62.63 6.83 5.02
CA THR G 226 -61.39 7.48 4.60
C THR G 226 -60.26 6.46 4.67
N ILE G 227 -59.10 6.81 4.13
CA ILE G 227 -57.93 5.95 4.21
C ILE G 227 -56.83 6.73 4.91
N ASN G 228 -56.28 6.15 5.97
CA ASN G 228 -55.33 6.85 6.84
C ASN G 228 -54.62 5.93 7.82
N GLY G 229 -53.66 6.50 8.54
CA GLY G 229 -52.83 5.73 9.45
C GLY G 229 -53.24 5.93 10.90
N PRO G 230 -52.63 5.15 11.81
CA PRO G 230 -52.86 5.24 13.25
C PRO G 230 -52.87 6.64 13.82
N TRP G 231 -51.95 7.49 13.36
CA TRP G 231 -51.88 8.88 13.79
C TRP G 231 -53.24 9.58 13.70
N ALA G 232 -54.09 9.18 12.75
CA ALA G 232 -55.34 9.91 12.57
C ALA G 232 -56.43 9.57 13.59
N TRP G 233 -56.34 8.40 14.20
CA TRP G 233 -57.40 7.88 15.09
C TRP G 233 -57.74 8.84 16.22
N SER G 234 -56.71 9.47 16.75
CA SER G 234 -56.84 10.42 17.85
C SER G 234 -57.87 11.53 17.60
N ASN G 235 -57.82 12.18 16.45
CA ASN G 235 -58.78 13.24 16.13
C ASN G 235 -60.18 12.71 15.88
N ILE G 236 -60.29 11.46 15.48
CA ILE G 236 -61.60 10.87 15.30
C ILE G 236 -62.15 10.56 16.69
N ASP G 237 -61.29 10.09 17.60
CA ASP G 237 -61.67 9.88 19.01
C ASP G 237 -62.30 11.14 19.63
N THR G 238 -61.75 12.32 19.38
CA THR G 238 -62.35 13.56 19.91
C THR G 238 -63.58 14.04 19.13
N SER G 239 -63.82 13.49 17.94
CA SER G 239 -65.09 13.75 17.25
C SER G 239 -66.16 12.81 17.87
N ALA G 240 -67.41 12.88 17.45
CA ALA G 240 -68.39 11.93 17.96
C ALA G 240 -68.65 10.82 16.93
N VAL G 241 -67.69 10.58 16.04
CA VAL G 241 -67.88 9.58 15.00
C VAL G 241 -67.52 8.20 15.56
N ASN G 242 -68.37 7.23 15.21
CA ASN G 242 -68.25 5.86 15.68
C ASN G 242 -67.54 5.07 14.61
N TYR G 243 -66.25 4.81 14.78
CA TYR G 243 -65.44 4.36 13.64
C TYR G 243 -64.86 2.98 13.83
N GLY G 244 -64.70 2.28 12.71
CA GLY G 244 -63.99 1.01 12.68
C GLY G 244 -62.80 1.15 11.76
N VAL G 245 -61.81 0.29 11.95
CA VAL G 245 -60.61 0.32 11.15
C VAL G 245 -60.43 -1.07 10.58
N THR G 246 -60.29 -1.18 9.28
CA THR G 246 -60.35 -2.48 8.63
C THR G 246 -59.41 -2.63 7.44
N VAL G 247 -59.41 -3.85 6.92
CA VAL G 247 -58.62 -4.24 5.79
C VAL G 247 -59.08 -3.38 4.60
N LEU G 248 -58.12 -2.91 3.81
CA LEU G 248 -58.39 -2.10 2.66
C LEU G 248 -59.13 -2.93 1.64
N PRO G 249 -59.90 -2.27 0.77
CA PRO G 249 -60.64 -3.05 -0.21
C PRO G 249 -59.73 -3.75 -1.22
N THR G 250 -60.19 -4.88 -1.75
CA THR G 250 -59.48 -5.60 -2.79
C THR G 250 -59.75 -4.93 -4.14
N PHE G 251 -58.83 -5.08 -5.08
CA PHE G 251 -58.97 -4.55 -6.43
C PHE G 251 -58.64 -5.66 -7.43
N LYS G 252 -59.54 -5.89 -8.37
CA LYS G 252 -59.46 -7.05 -9.25
C LYS G 252 -59.13 -8.29 -8.44
N GLY G 253 -59.74 -8.39 -7.26
CA GLY G 253 -59.58 -9.52 -6.37
C GLY G 253 -58.21 -9.67 -5.71
N GLN G 254 -57.37 -8.64 -5.85
CA GLN G 254 -56.05 -8.61 -5.21
C GLN G 254 -56.09 -7.65 -4.03
N PRO G 255 -55.47 -8.01 -2.91
CA PRO G 255 -55.37 -7.10 -1.77
C PRO G 255 -54.73 -5.77 -2.17
N SER G 256 -55.21 -4.67 -1.61
CA SER G 256 -54.50 -3.40 -1.73
C SER G 256 -53.17 -3.59 -1.03
N LYS G 257 -52.14 -2.94 -1.56
CA LYS G 257 -50.78 -3.18 -1.07
C LYS G 257 -50.15 -1.89 -0.61
N PRO G 258 -50.47 -1.49 0.64
CA PRO G 258 -49.89 -0.25 1.11
C PRO G 258 -48.40 -0.35 1.29
N PHE G 259 -47.72 0.78 1.11
CA PHE G 259 -46.30 0.84 1.42
C PHE G 259 -46.24 1.02 2.93
N VAL G 260 -45.49 0.17 3.59
CA VAL G 260 -45.39 0.15 5.03
C VAL G 260 -44.13 0.90 5.45
N GLY G 261 -44.27 1.84 6.36
CA GLY G 261 -43.13 2.59 6.90
C GLY G 261 -42.83 2.25 8.35
N VAL G 262 -41.56 2.30 8.71
CA VAL G 262 -41.13 2.25 10.09
C VAL G 262 -40.75 3.65 10.48
N LEU G 263 -41.57 4.28 11.32
CA LEU G 263 -41.23 5.58 11.87
C LEU G 263 -39.93 5.41 12.66
N SER G 264 -38.94 6.22 12.32
CA SER G 264 -37.60 6.04 12.86
C SER G 264 -37.00 7.36 13.33
N ALA G 265 -36.12 7.27 14.33
CA ALA G 265 -35.47 8.45 14.90
C ALA G 265 -33.97 8.40 14.65
N GLY G 266 -33.47 9.35 13.85
CA GLY G 266 -32.07 9.39 13.48
C GLY G 266 -31.35 10.53 14.16
N ILE G 267 -30.04 10.38 14.33
CA ILE G 267 -29.21 11.39 14.99
C ILE G 267 -28.40 12.17 13.96
N ASN G 268 -28.51 13.51 14.01
CA ASN G 268 -27.82 14.39 13.04
C ASN G 268 -26.34 14.18 13.17
N ALA G 269 -25.69 13.83 12.05
CA ALA G 269 -24.26 13.57 12.07
C ALA G 269 -23.47 14.78 12.61
N ALA G 270 -24.04 15.97 12.45
CA ALA G 270 -23.40 17.19 12.94
C ALA G 270 -23.79 17.57 14.35
N SER G 271 -24.58 16.75 15.03
CA SER G 271 -24.97 17.07 16.41
C SER G 271 -23.80 16.86 17.36
N PRO G 272 -23.54 17.84 18.25
CA PRO G 272 -22.57 17.64 19.33
C PRO G 272 -23.19 16.96 20.54
N ASN G 273 -24.43 16.48 20.41
CA ASN G 273 -25.20 15.92 21.52
C ASN G 273 -25.58 14.47 21.26
N LYS G 274 -24.67 13.74 20.62
CA LYS G 274 -24.96 12.37 20.22
C LYS G 274 -25.22 11.46 21.43
N GLU G 275 -24.48 11.67 22.51
CA GLU G 275 -24.66 10.87 23.71
C GLU G 275 -25.99 11.18 24.39
N LEU G 276 -26.31 12.46 24.51
CA LEU G 276 -27.59 12.87 25.08
C LEU G 276 -28.77 12.37 24.22
N ALA G 277 -28.61 12.41 22.90
CA ALA G 277 -29.66 11.87 22.02
C ALA G 277 -29.88 10.37 22.24
N LYS G 278 -28.76 9.64 22.35
CA LYS G 278 -28.79 8.21 22.66
C LYS G 278 -29.47 7.94 24.01
N GLU G 279 -29.04 8.68 25.04
CA GLU G 279 -29.69 8.61 26.37
C GLU G 279 -31.21 8.85 26.24
N PHE G 280 -31.58 9.95 25.59
CA PHE G 280 -33.01 10.28 25.43
C PHE G 280 -33.76 9.18 24.70
N LEU G 281 -33.24 8.74 23.57
CA LEU G 281 -33.97 7.74 22.77
C LEU G 281 -34.05 6.38 23.47
N GLU G 282 -32.91 5.91 24.00
CA GLU G 282 -32.85 4.59 24.63
C GLU G 282 -33.48 4.52 26.01
N ASN G 283 -33.33 5.57 26.82
CA ASN G 283 -33.78 5.48 28.20
C ASN G 283 -35.10 6.20 28.49
N TYR G 284 -35.57 7.04 27.57
CA TYR G 284 -36.79 7.81 27.80
C TYR G 284 -37.84 7.50 26.74
N LEU G 285 -37.52 7.65 25.45
CA LEU G 285 -38.53 7.42 24.42
C LEU G 285 -38.84 5.95 24.27
N LEU G 286 -37.81 5.12 24.09
CA LEU G 286 -38.08 3.68 23.81
C LEU G 286 -38.31 2.84 25.10
N THR G 287 -39.30 3.28 25.86
CA THR G 287 -39.75 2.60 27.06
C THR G 287 -41.27 2.56 27.01
N ASP G 288 -41.87 1.66 27.79
CA ASP G 288 -43.32 1.53 27.80
C ASP G 288 -43.96 2.88 28.10
N GLU G 289 -43.38 3.63 29.04
CA GLU G 289 -43.97 4.89 29.48
C GLU G 289 -43.71 6.00 28.46
N GLY G 290 -42.56 5.97 27.80
CA GLY G 290 -42.26 6.94 26.76
C GLY G 290 -43.13 6.73 25.54
N LEU G 291 -43.23 5.49 25.08
CA LEU G 291 -44.07 5.20 23.91
C LEU G 291 -45.53 5.44 24.25
N GLU G 292 -45.94 5.06 25.46
CA GLU G 292 -47.32 5.38 25.88
C GLU G 292 -47.64 6.88 25.78
N ALA G 293 -46.71 7.73 26.20
CA ALA G 293 -46.93 9.18 26.17
C ALA G 293 -47.14 9.71 24.77
N VAL G 294 -46.41 9.14 23.81
CA VAL G 294 -46.55 9.57 22.42
C VAL G 294 -47.84 8.99 21.87
N ASN G 295 -48.04 7.69 22.10
CA ASN G 295 -49.22 6.98 21.64
C ASN G 295 -50.51 7.65 22.10
N LYS G 296 -50.51 8.11 23.36
CA LYS G 296 -51.68 8.83 23.94
C LYS G 296 -51.96 10.13 23.19
N ASP G 297 -50.93 10.73 22.59
CA ASP G 297 -51.10 11.95 21.79
C ASP G 297 -51.66 11.58 20.42
N LYS G 298 -50.91 10.80 19.65
CA LYS G 298 -51.38 10.27 18.38
C LYS G 298 -50.86 8.83 18.26
N PRO G 299 -51.74 7.87 17.96
CA PRO G 299 -51.29 6.49 17.94
C PRO G 299 -50.09 6.25 17.02
N LEU G 300 -49.16 5.45 17.52
CA LEU G 300 -47.93 5.15 16.81
C LEU G 300 -48.11 4.05 15.78
N GLY G 301 -49.12 3.20 16.02
CA GLY G 301 -49.31 1.98 15.24
C GLY G 301 -48.80 0.82 16.06
N ALA G 302 -48.18 -0.16 15.39
CA ALA G 302 -47.58 -1.30 16.07
C ALA G 302 -46.18 -0.88 16.45
N VAL G 303 -45.87 -0.79 17.74
CA VAL G 303 -44.55 -0.28 18.15
C VAL G 303 -43.45 -1.33 17.99
N ALA G 304 -42.22 -0.82 17.86
CA ALA G 304 -41.04 -1.67 17.72
C ALA G 304 -40.68 -2.34 19.04
N LEU G 305 -41.01 -1.69 20.15
CA LEU G 305 -40.69 -2.19 21.47
C LEU G 305 -41.63 -3.33 21.87
N LYS G 306 -41.03 -4.51 22.06
CA LYS G 306 -41.79 -5.73 22.27
C LYS G 306 -42.69 -5.69 23.50
N SER G 307 -42.13 -5.19 24.61
CA SER G 307 -42.87 -5.11 25.88
C SER G 307 -44.18 -4.36 25.73
N TYR G 308 -44.15 -3.24 25.00
CA TYR G 308 -45.34 -2.43 24.82
C TYR G 308 -46.22 -2.95 23.68
N GLU G 309 -45.60 -3.53 22.64
CA GLU G 309 -46.41 -4.09 21.52
C GLU G 309 -47.34 -5.20 21.95
N GLU G 310 -46.90 -5.99 22.91
CA GLU G 310 -47.73 -7.07 23.43
C GLU G 310 -49.04 -6.54 23.99
N GLU G 311 -49.02 -5.33 24.55
CA GLU G 311 -50.23 -4.68 25.08
C GLU G 311 -51.08 -4.12 23.94
N LEU G 312 -50.42 -3.43 22.99
CA LEU G 312 -51.10 -2.79 21.88
C LEU G 312 -51.74 -3.76 20.90
N ALA G 313 -51.16 -4.97 20.79
CA ALA G 313 -51.61 -5.93 19.78
C ALA G 313 -53.07 -6.40 19.96
N LYS G 314 -53.59 -6.25 21.18
CA LYS G 314 -54.97 -6.61 21.49
C LYS G 314 -56.01 -5.63 20.90
N ASP G 315 -55.58 -4.40 20.61
CA ASP G 315 -56.44 -3.36 19.98
C ASP G 315 -56.78 -3.78 18.54
N PRO G 316 -58.07 -3.90 18.17
CA PRO G 316 -58.43 -4.35 16.82
C PRO G 316 -57.97 -3.42 15.68
N ARG G 317 -57.78 -2.15 16.01
CA ARG G 317 -57.26 -1.17 15.06
C ARG G 317 -55.80 -1.54 14.67
N ILE G 318 -55.06 -2.02 15.65
CA ILE G 318 -53.67 -2.44 15.42
C ILE G 318 -53.64 -3.75 14.65
N ALA G 319 -54.54 -4.68 15.00
CA ALA G 319 -54.68 -5.92 14.24
C ALA G 319 -55.03 -5.62 12.78
N ALA G 320 -55.95 -4.67 12.56
CA ALA G 320 -56.22 -4.23 11.18
C ALA G 320 -54.99 -3.63 10.50
N THR G 321 -54.32 -2.71 11.24
CA THR G 321 -53.05 -2.15 10.76
C THR G 321 -52.06 -3.24 10.32
N MET G 322 -51.93 -4.28 11.14
CA MET G 322 -51.04 -5.41 10.84
C MET G 322 -51.53 -6.26 9.66
N GLU G 323 -52.83 -6.49 9.59
CA GLU G 323 -53.39 -7.21 8.44
C GLU G 323 -53.06 -6.46 7.16
N ASN G 324 -53.28 -5.14 7.13
CA ASN G 324 -52.88 -4.35 5.93
C ASN G 324 -51.37 -4.31 5.67
N ALA G 325 -50.60 -4.10 6.73
CA ALA G 325 -49.13 -4.11 6.61
C ALA G 325 -48.63 -5.41 6.00
N GLN G 326 -49.22 -6.52 6.45
CA GLN G 326 -48.81 -7.85 5.99
C GLN G 326 -49.17 -8.09 4.53
N LYS G 327 -50.28 -7.53 4.08
CA LYS G 327 -50.70 -7.57 2.67
C LYS G 327 -49.85 -6.63 1.82
N GLY G 328 -49.37 -5.55 2.44
CA GLY G 328 -48.52 -4.59 1.73
C GLY G 328 -47.05 -4.93 1.64
N GLU G 329 -46.22 -3.89 1.56
CA GLU G 329 -44.77 -4.08 1.41
C GLU G 329 -43.97 -3.03 2.15
N ILE G 330 -42.87 -3.43 2.77
CA ILE G 330 -42.02 -2.48 3.48
C ILE G 330 -41.35 -1.61 2.43
N MET G 331 -41.36 -0.30 2.65
CA MET G 331 -40.72 0.60 1.68
C MET G 331 -39.24 0.28 1.57
N PRO G 332 -38.69 0.39 0.35
CA PRO G 332 -37.23 0.37 0.26
C PRO G 332 -36.67 1.61 0.97
N ASN G 333 -35.40 1.55 1.41
CA ASN G 333 -34.76 2.71 2.04
C ASN G 333 -33.63 3.29 1.19
N ILE G 334 -33.54 2.77 -0.05
CA ILE G 334 -32.51 3.16 -1.01
C ILE G 334 -32.64 4.65 -1.33
N PRO G 335 -31.50 5.32 -1.63
CA PRO G 335 -31.56 6.76 -1.87
C PRO G 335 -32.51 7.21 -3.00
N GLN G 336 -32.75 6.34 -3.98
CA GLN G 336 -33.58 6.69 -5.13
C GLN G 336 -35.08 6.87 -4.79
N MET G 337 -35.53 6.33 -3.66
CA MET G 337 -36.93 6.46 -3.24
C MET G 337 -37.42 7.89 -3.34
N SER G 338 -36.53 8.82 -3.00
CA SER G 338 -36.76 10.24 -3.13
C SER G 338 -37.31 10.63 -4.48
N ALA G 339 -36.65 10.17 -5.52
CA ALA G 339 -37.06 10.47 -6.89
C ALA G 339 -38.33 9.72 -7.22
N PHE G 340 -38.45 8.48 -6.74
CA PHE G 340 -39.62 7.66 -7.02
C PHE G 340 -40.86 8.37 -6.49
N TRP G 341 -40.77 8.87 -5.26
CA TRP G 341 -41.92 9.39 -4.54
C TRP G 341 -42.56 10.63 -5.15
N TYR G 342 -41.74 11.56 -5.62
CA TYR G 342 -42.21 12.69 -6.40
C TYR G 342 -42.72 12.24 -7.77
N ALA G 343 -42.02 11.26 -8.34
CA ALA G 343 -42.26 10.82 -9.70
C ALA G 343 -43.70 10.40 -9.76
N VAL G 344 -44.11 9.65 -8.73
CA VAL G 344 -45.49 9.25 -8.61
C VAL G 344 -46.41 10.39 -8.14
N ARG G 345 -45.88 11.29 -7.30
CA ARG G 345 -46.65 12.40 -6.76
C ARG G 345 -47.19 13.29 -7.88
N THR G 346 -46.35 13.50 -8.89
CA THR G 346 -46.73 14.28 -10.06
C THR G 346 -47.71 13.53 -10.98
N ALA G 347 -47.40 12.27 -11.26
CA ALA G 347 -48.27 11.44 -12.11
C ALA G 347 -49.72 11.33 -11.59
N VAL G 348 -49.87 11.08 -10.29
CA VAL G 348 -51.20 10.96 -9.70
C VAL G 348 -51.94 12.28 -9.83
N ILE G 349 -51.31 13.37 -9.41
CA ILE G 349 -51.93 14.70 -9.50
C ILE G 349 -52.31 15.04 -10.94
N ASN G 350 -51.41 14.74 -11.87
CA ASN G 350 -51.67 15.01 -13.29
C ASN G 350 -52.79 14.16 -13.90
N ALA G 351 -52.80 12.87 -13.57
CA ALA G 351 -53.86 12.00 -14.07
C ALA G 351 -55.21 12.32 -13.40
N ALA G 352 -55.19 12.66 -12.11
CA ALA G 352 -56.41 12.98 -11.35
C ALA G 352 -57.05 14.27 -11.82
N SER G 353 -56.22 15.25 -12.13
CA SER G 353 -56.70 16.54 -12.64
C SER G 353 -57.03 16.50 -14.13
N GLY G 354 -56.54 15.49 -14.84
CA GLY G 354 -56.77 15.37 -16.27
C GLY G 354 -55.74 16.13 -17.10
N ARG G 355 -54.64 16.56 -16.50
CA ARG G 355 -53.57 17.23 -17.27
C ARG G 355 -52.88 16.24 -18.18
N GLN G 356 -52.84 14.99 -17.76
CA GLN G 356 -52.29 13.91 -18.55
C GLN G 356 -53.21 12.70 -18.43
N THR G 357 -53.17 11.87 -19.46
CA THR G 357 -53.83 10.57 -19.42
C THR G 357 -53.06 9.70 -18.44
N VAL G 358 -53.69 8.64 -17.98
CA VAL G 358 -53.03 7.69 -17.08
C VAL G 358 -51.76 7.14 -17.71
N ASP G 359 -51.87 6.73 -18.98
CA ASP G 359 -50.76 6.12 -19.72
C ASP G 359 -49.57 7.07 -19.88
N ALA G 360 -49.84 8.33 -20.20
CA ALA G 360 -48.78 9.34 -20.35
C ALA G 360 -48.24 9.80 -19.00
N ALA G 361 -49.09 9.86 -17.99
CA ALA G 361 -48.68 10.26 -16.64
C ALA G 361 -47.74 9.22 -16.06
N LEU G 362 -48.12 7.94 -16.17
CA LEU G 362 -47.26 6.86 -15.64
C LEU G 362 -46.00 6.63 -16.49
N ALA G 363 -46.15 6.76 -17.81
CA ALA G 363 -44.98 6.69 -18.70
C ALA G 363 -43.94 7.75 -18.34
N ALA G 364 -44.40 8.97 -18.03
CA ALA G 364 -43.52 10.05 -17.62
C ALA G 364 -42.93 9.79 -16.23
N ALA G 365 -43.71 9.17 -15.35
CA ALA G 365 -43.19 8.84 -14.01
C ALA G 365 -42.06 7.82 -14.05
N GLN G 366 -42.26 6.74 -14.83
CA GLN G 366 -41.22 5.70 -14.99
C GLN G 366 -39.88 6.29 -15.37
N THR G 367 -39.88 7.39 -16.11
CA THR G 367 -38.62 8.05 -16.39
C THR G 367 -38.22 8.92 -15.22
N ASN G 368 -39.17 9.67 -14.67
CA ASN G 368 -38.85 10.72 -13.69
C ASN G 368 -38.42 10.11 -12.37
N ALA G 369 -38.59 8.80 -12.28
CA ALA G 369 -38.14 8.05 -11.15
C ALA G 369 -36.63 8.01 -11.26
N ALA G 370 -36.09 8.49 -12.39
CA ALA G 370 -34.66 8.53 -12.66
C ALA G 370 -33.98 9.19 -11.49
N ALA G 371 -32.86 8.62 -11.04
CA ALA G 371 -32.36 8.83 -9.64
C ALA G 371 -32.05 10.27 -9.30
N ASN G 372 -31.40 10.95 -10.23
CA ASN G 372 -31.48 12.40 -10.39
C ASN G 372 -30.62 13.30 -9.53
N SER G 373 -29.80 12.72 -8.67
CA SER G 373 -28.78 13.51 -8.02
C SER G 373 -27.60 12.66 -7.67
N VAL G 374 -26.43 13.26 -7.76
CA VAL G 374 -25.23 12.66 -7.22
C VAL G 374 -25.36 12.60 -5.71
N GLY G 375 -25.93 13.65 -5.13
CA GLY G 375 -26.16 13.76 -3.71
C GLY G 375 -27.45 13.08 -3.39
N GLU G 376 -27.39 12.09 -2.51
CA GLU G 376 -28.48 11.14 -2.24
C GLU G 376 -29.73 11.82 -1.66
N ALA G 377 -29.54 12.76 -0.74
CA ALA G 377 -30.63 13.52 -0.14
C ALA G 377 -30.95 14.80 -0.87
N CYS G 378 -30.27 15.04 -1.98
CA CYS G 378 -30.33 16.35 -2.62
C CYS G 378 -31.34 16.41 -3.75
N THR G 379 -32.00 15.29 -4.05
CA THR G 379 -32.81 15.19 -5.26
C THR G 379 -33.96 16.18 -5.34
N ASP G 380 -34.59 16.47 -4.22
CA ASP G 380 -35.68 17.45 -4.19
C ASP G 380 -35.15 18.88 -4.34
N MET G 381 -34.09 19.23 -3.63
CA MET G 381 -33.46 20.54 -3.82
C MET G 381 -33.12 20.76 -5.28
N LYS G 382 -32.73 19.69 -5.95
CA LYS G 382 -32.50 19.70 -7.38
C LYS G 382 -33.79 19.96 -8.17
N ARG G 383 -34.77 19.11 -8.02
CA ARG G 383 -36.03 19.26 -8.74
C ARG G 383 -36.65 20.64 -8.52
N GLU G 384 -36.50 21.22 -7.32
CA GLU G 384 -36.98 22.59 -7.08
C GLU G 384 -36.22 23.50 -8.03
N TYR G 385 -34.90 23.39 -7.99
CA TYR G 385 -34.03 24.32 -8.70
C TYR G 385 -34.06 24.19 -10.22
N ASP G 386 -33.67 23.03 -10.74
CA ASP G 386 -33.83 22.70 -12.15
C ASP G 386 -35.17 23.19 -12.71
N GLN G 387 -36.24 22.88 -11.96
CA GLN G 387 -37.59 23.21 -12.37
C GLN G 387 -37.60 24.63 -12.91
N CYS G 388 -37.11 25.58 -12.10
CA CYS G 388 -36.94 27.00 -12.48
C CYS G 388 -35.87 27.42 -13.53
N PHE G 389 -34.65 26.89 -13.42
CA PHE G 389 -33.58 27.20 -14.39
C PHE G 389 -34.13 27.10 -15.82
N ASN G 390 -35.08 26.18 -15.98
CA ASN G 390 -35.84 26.03 -17.23
C ASN G 390 -36.80 27.20 -17.45
N ARG G 391 -37.63 27.49 -16.45
CA ARG G 391 -38.50 28.66 -16.45
C ARG G 391 -37.72 29.96 -16.74
N TRP G 392 -36.50 30.04 -16.21
CA TRP G 392 -35.57 31.13 -16.49
C TRP G 392 -35.24 31.14 -17.99
N PHE G 393 -35.02 29.98 -18.59
CA PHE G 393 -34.83 29.88 -20.04
C PHE G 393 -36.07 30.34 -20.85
N ALA G 394 -37.10 30.85 -20.18
CA ALA G 394 -38.13 31.63 -20.86
C ALA G 394 -37.69 33.09 -20.93
N GLU G 395 -36.69 33.46 -20.13
CA GLU G 395 -36.08 34.76 -20.25
C GLU G 395 -34.93 34.69 -21.28
N LYS G 396 -33.97 33.78 -21.09
CA LYS G 396 -32.87 33.73 -22.05
C LYS G 396 -32.90 32.48 -22.93
N PRO G 406 -32.58 35.73 -10.14
CA PRO G 406 -33.71 34.92 -10.57
C PRO G 406 -33.87 33.70 -9.72
N CYS G 407 -33.16 32.61 -10.03
CA CYS G 407 -33.18 31.39 -9.20
C CYS G 407 -31.92 31.24 -8.35
N THR G 408 -31.24 32.36 -8.10
CA THR G 408 -30.01 32.42 -7.35
C THR G 408 -30.35 31.59 -6.13
N ASP G 409 -31.44 31.92 -5.43
CA ASP G 409 -31.74 31.38 -4.12
C ASP G 409 -31.78 29.86 -3.97
N LEU G 410 -32.69 29.26 -4.74
CA LEU G 410 -32.93 27.81 -4.74
C LEU G 410 -31.64 27.03 -4.88
N PHE G 411 -30.80 27.52 -5.81
CA PHE G 411 -29.52 26.94 -6.13
C PHE G 411 -28.66 26.80 -4.88
N LYS G 412 -28.38 27.91 -4.21
CA LYS G 412 -27.46 27.89 -3.08
C LYS G 412 -27.65 26.63 -2.23
N ARG G 413 -28.87 26.44 -1.77
CA ARG G 413 -29.23 25.31 -0.90
C ARG G 413 -28.88 23.94 -1.50
N TYR G 414 -29.23 23.79 -2.77
CA TYR G 414 -28.90 22.60 -3.58
C TYR G 414 -27.42 22.37 -3.67
N GLN G 415 -26.71 23.39 -4.14
CA GLN G 415 -25.27 23.28 -4.29
C GLN G 415 -24.58 22.79 -3.03
N GLN G 416 -25.02 23.28 -1.87
CA GLN G 416 -24.41 22.87 -0.61
C GLN G 416 -24.64 21.37 -0.40
N CYS G 417 -25.88 20.92 -0.63
CA CYS G 417 -26.22 19.53 -0.35
C CYS G 417 -25.34 18.58 -1.15
N VAL G 418 -25.18 18.90 -2.43
CA VAL G 418 -24.46 18.05 -3.34
C VAL G 418 -22.95 18.23 -3.18
N GLN G 419 -22.51 19.42 -2.76
CA GLN G 419 -21.09 19.63 -2.46
C GLN G 419 -20.63 18.86 -1.23
N LYS G 420 -21.55 18.54 -0.32
CA LYS G 420 -21.18 17.74 0.85
C LYS G 420 -21.04 16.27 0.49
N ALA G 421 -21.86 15.79 -0.42
CA ALA G 421 -21.66 14.46 -0.99
C ALA G 421 -20.40 14.44 -1.87
N ILE G 422 -20.19 15.47 -2.69
CA ILE G 422 -18.97 15.57 -3.49
C ILE G 422 -17.67 15.56 -2.64
N LYS G 423 -17.78 15.69 -1.33
CA LYS G 423 -16.62 15.52 -0.42
C LYS G 423 -15.97 14.14 -0.56
N GLU G 424 -16.78 13.07 -0.58
CA GLU G 424 -16.25 11.68 -0.58
C GLU G 424 -16.03 11.10 -1.99
N LYS G 425 -15.66 11.97 -2.94
CA LYS G 425 -15.58 11.69 -4.37
C LYS G 425 -14.78 12.87 -4.88
N MET H 15 -6.18 8.47 -29.12
CA MET H 15 -5.61 7.52 -30.06
C MET H 15 -6.62 7.08 -31.12
N LYS H 16 -7.91 7.21 -30.80
CA LYS H 16 -8.97 7.03 -31.78
C LYS H 16 -9.80 8.31 -31.66
N ILE H 17 -10.30 8.82 -32.78
CA ILE H 17 -11.09 10.05 -32.78
C ILE H 17 -12.36 9.83 -33.61
N TRP H 18 -13.44 10.54 -33.28
CA TRP H 18 -14.71 10.36 -33.97
C TRP H 18 -15.07 11.78 -34.37
N SER H 19 -15.72 11.97 -35.51
CA SER H 19 -16.25 13.26 -35.88
C SER H 19 -17.62 12.90 -36.36
N SER H 20 -18.63 13.73 -36.10
CA SER H 20 -19.91 13.52 -36.78
C SER H 20 -20.70 14.80 -36.70
N GLU H 21 -21.60 15.04 -37.61
CA GLU H 21 -22.53 16.08 -37.34
C GLU H 21 -23.85 15.48 -37.64
N HIS H 22 -24.87 16.01 -36.97
CA HIS H 22 -26.25 15.57 -37.14
C HIS H 22 -27.00 16.88 -37.34
N VAL H 23 -28.05 16.84 -38.16
CA VAL H 23 -28.88 18.01 -38.37
C VAL H 23 -30.25 17.83 -37.71
N PHE H 24 -30.67 18.83 -36.96
CA PHE H 24 -31.91 18.76 -36.22
C PHE H 24 -32.99 19.57 -36.90
N GLY H 25 -34.03 18.86 -37.33
CA GLY H 25 -35.26 19.47 -37.83
C GLY H 25 -36.04 20.02 -36.67
N HIS H 26 -35.49 21.07 -36.09
CA HIS H 26 -36.10 21.80 -34.98
C HIS H 26 -35.36 23.11 -34.82
N PRO H 27 -36.06 24.14 -34.31
CA PRO H 27 -35.43 25.41 -33.98
C PRO H 27 -34.32 25.26 -32.97
N TRP H 28 -33.33 26.13 -33.09
CA TRP H 28 -32.17 26.07 -32.24
C TRP H 28 -32.61 26.19 -30.77
N ASP H 29 -33.56 27.10 -30.53
CA ASP H 29 -34.00 27.36 -29.19
C ASP H 29 -34.50 26.07 -28.53
N THR H 30 -35.41 25.38 -29.23
CA THR H 30 -36.03 24.20 -28.65
C THR H 30 -34.98 23.10 -28.48
N VAL H 31 -34.08 22.99 -29.45
CA VAL H 31 -33.03 21.98 -29.36
C VAL H 31 -32.12 22.26 -28.16
N ILE H 32 -31.77 23.52 -27.92
CA ILE H 32 -30.97 23.86 -26.74
C ILE H 32 -31.75 23.64 -25.44
N GLN H 33 -33.03 23.95 -25.47
CA GLN H 33 -33.84 23.66 -24.29
C GLN H 33 -33.78 22.15 -24.02
N ALA H 34 -33.97 21.34 -25.06
CA ALA H 34 -33.88 19.88 -24.89
C ALA H 34 -32.47 19.46 -24.41
N ALA H 35 -31.48 20.15 -24.94
CA ALA H 35 -30.08 19.88 -24.66
C ALA H 35 -29.78 20.07 -23.21
N MET H 36 -30.49 20.96 -22.55
CA MET H 36 -30.37 21.06 -21.10
C MET H 36 -30.83 19.81 -20.32
N ARG H 37 -31.76 19.03 -20.88
CA ARG H 37 -32.33 17.87 -20.14
C ARG H 37 -31.71 16.45 -20.41
N LYS H 38 -31.21 15.82 -19.33
CA LYS H 38 -30.77 14.41 -19.32
C LYS H 38 -31.94 13.58 -18.76
N TYR H 39 -31.66 12.35 -18.30
CA TYR H 39 -32.69 11.45 -17.77
C TYR H 39 -33.75 11.06 -18.80
N PRO H 40 -33.26 10.82 -20.02
CA PRO H 40 -34.05 10.25 -21.12
C PRO H 40 -34.30 8.78 -20.85
N ASN H 41 -35.06 8.13 -21.72
CA ASN H 41 -35.29 6.70 -21.63
C ASN H 41 -34.12 5.98 -22.28
N PRO H 42 -33.64 6.53 -23.39
CA PRO H 42 -32.44 6.02 -24.04
C PRO H 42 -31.22 6.08 -23.12
N MET H 43 -30.95 7.23 -22.50
CA MET H 43 -29.79 7.37 -21.62
C MET H 43 -30.15 7.17 -20.15
N ASN H 44 -29.38 6.34 -19.46
CA ASN H 44 -29.59 6.10 -18.03
C ASN H 44 -28.89 7.07 -17.06
N PRO H 45 -27.76 7.64 -17.45
CA PRO H 45 -26.97 8.46 -16.51
C PRO H 45 -27.73 9.52 -15.69
N SER H 46 -27.41 9.63 -14.40
CA SER H 46 -27.88 10.74 -13.59
C SER H 46 -26.85 11.88 -13.54
N VAL H 47 -27.29 13.09 -13.19
CA VAL H 47 -26.38 14.25 -13.14
C VAL H 47 -26.93 15.46 -12.38
N LEU H 48 -26.12 16.51 -12.26
CA LEU H 48 -26.50 17.72 -11.55
C LEU H 48 -25.70 18.94 -11.95
N GLY H 49 -26.29 20.13 -11.76
CA GLY H 49 -25.62 21.37 -12.05
C GLY H 49 -24.83 21.99 -10.91
N VAL H 50 -23.51 21.88 -10.99
CA VAL H 50 -22.61 22.39 -9.93
C VAL H 50 -22.29 23.89 -9.85
N ASP H 51 -21.94 24.52 -10.98
CA ASP H 51 -21.66 25.94 -11.06
C ASP H 51 -22.22 26.51 -12.34
N VAL H 52 -22.97 27.61 -12.25
CA VAL H 52 -23.40 28.34 -13.45
C VAL H 52 -23.34 29.87 -13.27
N LEU H 53 -22.83 30.55 -14.31
CA LEU H 53 -22.51 31.99 -14.26
C LEU H 53 -22.68 32.73 -15.61
N GLN H 54 -22.74 34.06 -15.55
CA GLN H 54 -22.99 34.88 -16.74
C GLN H 54 -22.91 36.37 -16.41
N GLY H 61 -20.83 39.50 -20.78
CA GLY H 61 -22.22 39.20 -21.05
C GLY H 61 -22.31 37.88 -21.78
N ARG H 62 -22.80 36.85 -21.09
CA ARG H 62 -22.78 35.47 -21.61
C ARG H 62 -23.32 34.45 -20.61
N LEU H 63 -23.53 33.21 -21.06
CA LEU H 63 -23.94 32.09 -20.16
C LEU H 63 -22.96 30.92 -20.10
N HIS H 64 -22.53 30.58 -18.89
CA HIS H 64 -21.62 29.47 -18.70
C HIS H 64 -22.36 28.53 -17.78
N SER H 65 -22.05 27.24 -17.81
CA SER H 65 -22.72 26.31 -16.90
C SER H 65 -21.83 25.09 -16.69
N LEU H 66 -21.74 24.62 -15.45
CA LEU H 66 -20.86 23.50 -15.11
C LEU H 66 -21.63 22.31 -14.50
N ARG H 67 -21.55 21.12 -15.07
CA ARG H 67 -22.27 19.99 -14.47
C ARG H 67 -21.36 18.84 -14.14
N LEU H 68 -21.92 17.89 -13.40
CA LEU H 68 -21.31 16.60 -13.16
C LEU H 68 -22.35 15.57 -13.53
N LEU H 69 -21.97 14.61 -14.36
CA LEU H 69 -22.80 13.48 -14.73
C LEU H 69 -22.14 12.26 -14.21
N SER H 70 -22.90 11.41 -13.54
CA SER H 70 -22.41 10.09 -13.18
C SER H 70 -22.99 9.18 -14.24
N THR H 71 -22.10 8.56 -15.01
CA THR H 71 -22.52 7.77 -16.17
C THR H 71 -22.21 6.32 -15.88
N GLU H 72 -23.18 5.45 -16.05
CA GLU H 72 -22.93 4.04 -15.79
C GLU H 72 -22.83 3.27 -17.09
N TRP H 73 -21.62 2.83 -17.43
CA TRP H 73 -21.43 2.00 -18.62
C TRP H 73 -20.05 1.37 -18.58
N ARG H 80 -17.88 -5.38 -19.23
CA ARG H 80 -17.80 -6.64 -18.51
C ARG H 80 -16.54 -6.73 -17.67
N ALA H 81 -15.51 -7.36 -18.23
CA ALA H 81 -14.23 -7.52 -17.52
C ALA H 81 -13.57 -6.16 -17.28
N ILE H 82 -13.70 -5.27 -18.24
CA ILE H 82 -13.23 -3.89 -18.10
C ILE H 82 -13.99 -3.25 -16.95
N LEU H 83 -15.27 -3.57 -16.88
CA LEU H 83 -16.14 -3.07 -15.84
C LEU H 83 -15.72 -3.56 -14.47
N GLY H 84 -15.26 -4.82 -14.39
CA GLY H 84 -14.72 -5.38 -13.16
C GLY H 84 -13.48 -4.60 -12.78
N THR H 85 -12.69 -4.31 -13.80
CA THR H 85 -11.46 -3.54 -13.64
C THR H 85 -11.80 -2.20 -13.00
N SER H 86 -12.94 -1.62 -13.36
CA SER H 86 -13.44 -0.47 -12.60
C SER H 86 -14.89 -0.68 -12.12
N ARG H 87 -15.06 -1.41 -11.02
CA ARG H 87 -16.38 -1.68 -10.48
C ARG H 87 -17.07 -0.37 -10.08
N THR H 88 -16.30 0.55 -9.52
CA THR H 88 -16.83 1.84 -9.10
C THR H 88 -17.35 2.64 -10.28
N LEU H 89 -18.43 3.38 -10.05
CA LEU H 89 -19.09 4.16 -11.10
C LEU H 89 -18.20 5.27 -11.64
N THR H 90 -18.34 5.56 -12.93
CA THR H 90 -17.52 6.57 -13.59
C THR H 90 -18.25 7.91 -13.70
N TYR H 91 -17.58 8.97 -13.27
CA TYR H 91 -18.17 10.33 -13.23
C TYR H 91 -17.69 11.20 -14.42
N ILE H 92 -18.61 11.89 -15.07
CA ILE H 92 -18.29 12.72 -16.23
C ILE H 92 -18.51 14.18 -15.83
N ARG H 93 -17.61 15.08 -16.26
CA ARG H 93 -17.72 16.53 -16.05
C ARG H 93 -18.04 17.14 -17.41
N GLU H 94 -19.08 17.98 -17.46
CA GLU H 94 -19.47 18.73 -18.65
C GLU H 94 -19.18 20.21 -18.42
N HIS H 95 -18.55 20.89 -19.34
CA HIS H 95 -18.43 22.36 -19.29
C HIS H 95 -19.17 22.79 -20.52
N SER H 96 -20.14 23.66 -20.39
CA SER H 96 -20.84 24.19 -21.57
C SER H 96 -21.07 25.68 -21.46
N VAL H 97 -20.84 26.39 -22.55
CA VAL H 97 -21.02 27.83 -22.55
C VAL H 97 -21.89 28.30 -23.69
N VAL H 98 -23.02 28.91 -23.35
CA VAL H 98 -23.89 29.54 -24.34
C VAL H 98 -23.47 30.94 -24.80
N LYS H 104 -25.88 29.55 -29.92
CA LYS H 104 -24.67 28.74 -29.90
C LYS H 104 -24.47 28.06 -28.56
N MET H 105 -23.80 26.92 -28.57
CA MET H 105 -23.55 26.16 -27.33
C MET H 105 -22.30 25.29 -27.51
N GLU H 106 -21.55 25.04 -26.44
CA GLU H 106 -20.42 24.07 -26.45
C GLU H 106 -20.51 23.27 -25.16
N LEU H 107 -20.39 21.94 -25.19
CA LEU H 107 -20.34 21.18 -23.92
C LEU H 107 -19.11 20.27 -23.92
N CYS H 108 -18.34 20.20 -22.85
CA CYS H 108 -17.07 19.43 -22.86
C CYS H 108 -17.02 18.34 -21.77
N SER H 109 -16.69 17.11 -22.14
CA SER H 109 -16.79 15.96 -21.22
C SER H 109 -15.46 15.31 -20.97
N THR H 110 -15.16 15.04 -19.70
CA THR H 110 -13.96 14.30 -19.35
C THR H 110 -14.19 13.25 -18.26
N ASN H 111 -13.41 12.18 -18.27
CA ASN H 111 -13.66 11.16 -17.27
C ASN H 111 -12.67 11.22 -16.12
N ILE H 112 -13.19 11.32 -14.89
CA ILE H 112 -12.33 11.24 -13.74
C ILE H 112 -12.17 9.75 -13.44
N THR H 113 -10.98 9.25 -13.72
CA THR H 113 -10.60 7.88 -13.40
C THR H 113 -9.10 7.86 -13.16
N LEU H 114 -8.51 6.67 -13.22
CA LEU H 114 -7.03 6.56 -13.08
C LEU H 114 -6.16 6.04 -14.26
N THR H 115 -6.75 5.78 -15.42
CA THR H 115 -6.00 5.20 -16.55
C THR H 115 -6.06 5.94 -17.90
N ASN H 116 -7.27 6.17 -18.39
CA ASN H 116 -7.50 6.69 -19.75
C ASN H 116 -8.60 7.75 -19.82
N LEU H 117 -8.56 8.56 -20.87
CA LEU H 117 -9.51 9.67 -21.01
C LEU H 117 -10.26 9.80 -22.33
N VAL H 118 -11.57 9.96 -22.22
CA VAL H 118 -12.47 10.43 -23.24
C VAL H 118 -12.68 11.95 -23.21
N SER H 119 -12.76 12.60 -24.38
CA SER H 119 -13.23 14.00 -24.38
C SER H 119 -14.23 14.12 -25.50
N VAL H 120 -15.42 14.67 -25.26
CA VAL H 120 -16.43 14.79 -26.32
C VAL H 120 -16.80 16.26 -26.33
N ASN H 121 -16.87 16.93 -27.47
CA ASN H 121 -17.40 18.29 -27.45
C ASN H 121 -18.50 18.42 -28.48
N GLU H 122 -19.61 19.05 -28.13
CA GLU H 122 -20.70 19.24 -29.08
C GLU H 122 -20.89 20.74 -29.28
N ARG H 123 -21.10 21.15 -30.54
CA ARG H 123 -21.49 22.52 -30.85
C ARG H 123 -22.83 22.47 -31.57
N LEU H 124 -23.81 23.18 -31.02
CA LEU H 124 -25.14 23.23 -31.62
C LEU H 124 -25.36 24.65 -32.14
N VAL H 125 -25.42 24.80 -33.46
CA VAL H 125 -25.59 26.11 -34.10
C VAL H 125 -26.62 25.97 -35.21
N TYR H 126 -27.24 27.06 -35.62
CA TYR H 126 -28.33 26.97 -36.59
C TYR H 126 -27.98 27.65 -37.92
N THR H 136 -31.88 23.30 -36.78
CA THR H 136 -30.55 23.36 -36.12
C THR H 136 -29.73 22.10 -36.27
N VAL H 137 -28.41 22.24 -36.20
CA VAL H 137 -27.46 21.14 -36.47
C VAL H 137 -26.32 21.16 -35.46
N LEU H 138 -25.83 19.99 -35.07
CA LEU H 138 -24.64 19.92 -34.23
C LEU H 138 -23.50 19.27 -34.95
N THR H 139 -22.30 19.54 -34.41
CA THR H 139 -21.05 18.96 -34.88
C THR H 139 -20.33 18.43 -33.62
N GLN H 140 -19.91 17.17 -33.60
CA GLN H 140 -19.26 16.61 -32.40
C GLN H 140 -17.90 16.01 -32.63
N GLU H 141 -17.12 15.95 -31.55
CA GLU H 141 -15.89 15.18 -31.54
C GLU H 141 -15.86 14.28 -30.33
N ALA H 142 -15.35 13.06 -30.50
CA ALA H 142 -14.97 12.19 -29.38
C ALA H 142 -13.50 11.78 -29.55
N ILE H 143 -12.71 12.01 -28.50
CA ILE H 143 -11.29 11.66 -28.46
C ILE H 143 -11.04 10.67 -27.32
N ILE H 144 -10.71 9.43 -27.68
CA ILE H 144 -10.56 8.37 -26.71
C ILE H 144 -9.11 7.91 -26.59
N THR H 145 -8.62 7.80 -25.36
CA THR H 145 -7.26 7.36 -25.07
C THR H 145 -7.25 6.16 -24.11
N VAL H 146 -6.25 5.29 -24.29
CA VAL H 146 -5.98 4.16 -23.41
C VAL H 146 -4.48 4.10 -23.04
N LYS H 147 -4.15 3.86 -21.76
CA LYS H 147 -2.81 4.20 -21.21
C LYS H 147 -1.91 5.10 -22.08
N GLU H 156 -9.86 -0.51 -27.35
CA GLU H 156 -10.13 0.86 -27.71
C GLU H 156 -11.28 0.84 -28.71
N SER H 157 -11.35 -0.21 -29.52
CA SER H 157 -12.42 -0.38 -30.47
C SER H 157 -13.76 -0.38 -29.75
N LEU H 158 -13.84 -1.13 -28.65
CA LEU H 158 -15.07 -1.16 -27.87
C LEU H 158 -15.41 0.20 -27.33
N MET H 159 -14.40 0.86 -26.75
CA MET H 159 -14.65 2.18 -26.22
C MET H 159 -15.18 3.13 -27.30
N ALA H 160 -14.52 3.10 -28.46
CA ALA H 160 -14.94 3.95 -29.58
C ALA H 160 -16.35 3.61 -29.99
N ASN H 161 -16.63 2.32 -30.16
CA ASN H 161 -17.94 1.90 -30.59
C ASN H 161 -18.99 2.37 -29.60
N THR H 162 -18.66 2.28 -28.31
CA THR H 162 -19.58 2.72 -27.26
C THR H 162 -19.89 4.21 -27.30
N ILE H 163 -18.88 5.05 -27.48
CA ILE H 163 -19.09 6.51 -27.34
C ILE H 163 -19.80 7.11 -28.55
N SER H 164 -19.69 6.46 -29.70
CA SER H 164 -20.44 6.84 -30.89
C SER H 164 -21.90 6.49 -30.72
N SER H 165 -22.12 5.32 -30.14
CA SER H 165 -23.46 4.83 -29.88
C SER H 165 -24.15 5.77 -28.91
N ASN H 166 -23.41 6.18 -27.87
CA ASN H 166 -23.91 7.18 -26.91
C ASN H 166 -24.34 8.45 -27.64
N ALA H 167 -23.52 8.90 -28.56
CA ALA H 167 -23.84 10.12 -29.28
C ALA H 167 -25.11 9.96 -30.13
N LYS H 168 -25.25 8.81 -30.80
CA LYS H 168 -26.49 8.54 -31.53
C LYS H 168 -27.68 8.53 -30.58
N LYS H 169 -27.49 7.88 -29.44
CA LYS H 169 -28.57 7.82 -28.43
C LYS H 169 -28.93 9.22 -27.99
N GLY H 170 -27.91 10.05 -27.82
CA GLY H 170 -28.08 11.43 -27.36
C GLY H 170 -28.93 12.28 -28.28
N TRP H 171 -28.69 12.18 -29.59
CA TRP H 171 -29.48 12.92 -30.58
C TRP H 171 -30.93 12.51 -30.39
N ALA H 172 -31.11 11.19 -30.27
CA ALA H 172 -32.43 10.61 -30.13
C ALA H 172 -33.13 11.06 -28.84
N ALA H 173 -32.37 11.16 -27.76
CA ALA H 173 -32.89 11.64 -26.48
C ALA H 173 -33.33 13.10 -26.62
N ILE H 174 -32.50 13.92 -27.26
CA ILE H 174 -32.91 15.31 -27.49
C ILE H 174 -34.19 15.31 -28.31
N GLU H 175 -34.20 14.50 -29.37
CA GLU H 175 -35.40 14.40 -30.18
C GLU H 175 -36.50 13.93 -29.28
N TRP H 176 -36.18 13.02 -28.37
CA TRP H 176 -37.18 12.48 -27.46
C TRP H 176 -37.76 13.58 -26.53
N ILE H 177 -36.87 14.31 -25.87
CA ILE H 177 -37.24 15.31 -24.88
C ILE H 177 -38.21 16.36 -25.44
N ILE H 178 -38.09 16.71 -26.72
CA ILE H 178 -39.00 17.68 -27.31
C ILE H 178 -40.44 17.15 -27.17
N GLU H 179 -40.65 15.92 -27.60
CA GLU H 179 -41.99 15.36 -27.64
C GLU H 179 -42.60 15.43 -26.26
N HIS H 180 -41.84 15.02 -25.24
CA HIS H 180 -42.40 14.87 -23.90
C HIS H 180 -42.35 16.12 -23.01
N SER H 181 -41.49 17.07 -23.32
CA SER H 181 -41.60 18.38 -22.70
C SER H 181 -42.95 18.87 -23.19
#